data_1NL2
# 
_entry.id   1NL2 
# 
_audit_conform.dict_name       mmcif_pdbx.dic 
_audit_conform.dict_version    5.381 
_audit_conform.dict_location   http://mmcif.pdb.org/dictionaries/ascii/mmcif_pdbx.dic 
# 
loop_
_database_2.database_id 
_database_2.database_code 
_database_2.pdbx_database_accession 
_database_2.pdbx_DOI 
PDB   1NL2         pdb_00001nl2 10.2210/pdb1nl2/pdb 
RCSB  RCSB017967   ?            ?                   
WWPDB D_1000017967 ?            ?                   
# 
_pdbx_database_status.status_code                     REL 
_pdbx_database_status.entry_id                        1NL2 
_pdbx_database_status.recvd_initial_deposition_date   2003-01-06 
_pdbx_database_status.deposit_site                    RCSB 
_pdbx_database_status.process_site                    RCSB 
_pdbx_database_status.SG_entry                        . 
_pdbx_database_status.pdb_format_compatible           Y 
_pdbx_database_status.status_code_mr                  ? 
_pdbx_database_status.status_code_sf                  ? 
_pdbx_database_status.status_code_cs                  ? 
_pdbx_database_status.status_code_nmr_data            ? 
_pdbx_database_status.methods_development_category    ? 
# 
loop_
_audit_author.name 
_audit_author.pdbx_ordinal 
'Huang, M.'   1 
'Huang, G.'   2 
'Furie, B.'   3 
'Seaton, B.'  4 
'Furie, B.C.' 5 
# 
_citation.id                        primary 
_citation.title                     'Structural basis of membrane binding by Gla domains of vitamin K-dependent proteins.' 
_citation.journal_abbrev            Nat.Struct.Biol. 
_citation.journal_volume            10 
_citation.page_first                751 
_citation.page_last                 756 
_citation.year                      2003 
_citation.journal_id_ASTM           NSBIEW 
_citation.country                   US 
_citation.journal_id_ISSN           1072-8368 
_citation.journal_id_CSD            2024 
_citation.book_publisher            ? 
_citation.pdbx_database_id_PubMed   12923575 
_citation.pdbx_database_id_DOI      10.1038/nsb971 
# 
loop_
_citation_author.citation_id 
_citation_author.name 
_citation_author.ordinal 
_citation_author.identifier_ORCID 
primary 'Huang, M.'   1 ? 
primary 'Rigby, A.C.' 2 ? 
primary 'Morelli, X.' 3 ? 
primary 'Grant, M.A.' 4 ? 
primary 'Huang, G.'   5 ? 
primary 'Furie, B.'   6 ? 
primary 'Seaton, B.'  7 ? 
primary 'Furie, B.C.' 8 ? 
# 
_cell.entry_id           1NL2 
_cell.length_a           38.894 
_cell.length_b           53.217 
_cell.length_c           128.959 
_cell.angle_alpha        90.00 
_cell.angle_beta         90.00 
_cell.angle_gamma        90.00 
_cell.Z_PDB              4 
_cell.pdbx_unique_axis   ? 
# 
_symmetry.entry_id                         1NL2 
_symmetry.space_group_name_H-M             'P 21 21 21' 
_symmetry.pdbx_full_space_group_name_H-M   ? 
_symmetry.cell_setting                     ? 
_symmetry.Int_Tables_number                19 
# 
loop_
_entity.id 
_entity.type 
_entity.src_method 
_entity.pdbx_description 
_entity.formula_weight 
_entity.pdbx_number_of_molecules 
_entity.pdbx_ec 
_entity.pdbx_mutation 
_entity.pdbx_fragment 
_entity.details 
1 polymer     nat Prothrombin                                                                                   16857.311 1  
3.4.21.5 ? 'FRAGMENT 1 (residues 1-156)' ? 
2 branched    syn '2-acetamido-2-deoxy-beta-D-glucopyranose-(1-4)-2-acetamido-2-deoxy-beta-D-glucopyranose'     424.401   1  ? ? ? 
? 
3 non-polymer syn 2-acetamido-2-deoxy-beta-D-glucopyranose                                                      221.208   1  ? ? ? 
? 
4 non-polymer syn 'CALCIUM ION'                                                                                 40.078    7  ? ? ? 
? 
5 non-polymer syn 'CHLORIDE ION'                                                                                35.453    3  ? ? ? 
? 
6 non-polymer syn 'O-{HYDROXY[((2R)-2-HYDROXY-3-{[(1S)-1-HYDROXYPENTADECYL]OXY}PROPYL)OXY]PHOSPHORYL}-L-SERINE' 485.549   1  ? ? ? 
? 
7 water       nat water                                                                                         18.015    60 ? ? ? 
? 
# 
_entity_poly.entity_id                      1 
_entity_poly.type                           'polypeptide(L)' 
_entity_poly.nstd_linkage                   no 
_entity_poly.nstd_monomer                   yes 
_entity_poly.pdbx_seq_one_letter_code       
;ANKGFL(CGU)(CGU)VRKGNL(CGU)R(CGU)CL(CGU)(CGU)PCSR(CGU)(CGU)AF(CGU)AL(CGU)SLSATDA
FWAKYTACESARNPREKLNECLEGNCAEGVGMNYRGNVSVTRSGIECQLWRSRYPHKPEINSTTHPGADLRENFCRNPDG
SITGPWCYTTSPTLRREECSVPVCGQ
;
_entity_poly.pdbx_seq_one_letter_code_can   
;ANKGFLEEVRKGNLERECLEEPCSREEAFEALESLSATDAFWAKYTACESARNPREKLNECLEGNCAEGVGMNYRGNVSV
TRSGIECQLWRSRYPHKPEINSTTHPGADLRENFCRNPDGSITGPWCYTTSPTLRREECSVPVCGQ
;
_entity_poly.pdbx_strand_id                 A 
_entity_poly.pdbx_target_identifier         ? 
# 
loop_
_entity_poly_seq.entity_id 
_entity_poly_seq.num 
_entity_poly_seq.mon_id 
_entity_poly_seq.hetero 
1 1   ALA n 
1 2   ASN n 
1 3   LYS n 
1 4   GLY n 
1 5   PHE n 
1 6   LEU n 
1 7   CGU n 
1 8   CGU n 
1 9   VAL n 
1 10  ARG n 
1 11  LYS n 
1 12  GLY n 
1 13  ASN n 
1 14  LEU n 
1 15  CGU n 
1 16  ARG n 
1 17  CGU n 
1 18  CYS n 
1 19  LEU n 
1 20  CGU n 
1 21  CGU n 
1 22  PRO n 
1 23  CYS n 
1 24  SER n 
1 25  ARG n 
1 26  CGU n 
1 27  CGU n 
1 28  ALA n 
1 29  PHE n 
1 30  CGU n 
1 31  ALA n 
1 32  LEU n 
1 33  CGU n 
1 34  SER n 
1 35  LEU n 
1 36  SER n 
1 37  ALA n 
1 38  THR n 
1 39  ASP n 
1 40  ALA n 
1 41  PHE n 
1 42  TRP n 
1 43  ALA n 
1 44  LYS n 
1 45  TYR n 
1 46  THR n 
1 47  ALA n 
1 48  CYS n 
1 49  GLU n 
1 50  SER n 
1 51  ALA n 
1 52  ARG n 
1 53  ASN n 
1 54  PRO n 
1 55  ARG n 
1 56  GLU n 
1 57  LYS n 
1 58  LEU n 
1 59  ASN n 
1 60  GLU n 
1 61  CYS n 
1 62  LEU n 
1 63  GLU n 
1 64  GLY n 
1 65  ASN n 
1 66  CYS n 
1 67  ALA n 
1 68  GLU n 
1 69  GLY n 
1 70  VAL n 
1 71  GLY n 
1 72  MET n 
1 73  ASN n 
1 74  TYR n 
1 75  ARG n 
1 76  GLY n 
1 77  ASN n 
1 78  VAL n 
1 79  SER n 
1 80  VAL n 
1 81  THR n 
1 82  ARG n 
1 83  SER n 
1 84  GLY n 
1 85  ILE n 
1 86  GLU n 
1 87  CYS n 
1 88  GLN n 
1 89  LEU n 
1 90  TRP n 
1 91  ARG n 
1 92  SER n 
1 93  ARG n 
1 94  TYR n 
1 95  PRO n 
1 96  HIS n 
1 97  LYS n 
1 98  PRO n 
1 99  GLU n 
1 100 ILE n 
1 101 ASN n 
1 102 SER n 
1 103 THR n 
1 104 THR n 
1 105 HIS n 
1 106 PRO n 
1 107 GLY n 
1 108 ALA n 
1 109 ASP n 
1 110 LEU n 
1 111 ARG n 
1 112 GLU n 
1 113 ASN n 
1 114 PHE n 
1 115 CYS n 
1 116 ARG n 
1 117 ASN n 
1 118 PRO n 
1 119 ASP n 
1 120 GLY n 
1 121 SER n 
1 122 ILE n 
1 123 THR n 
1 124 GLY n 
1 125 PRO n 
1 126 TRP n 
1 127 CYS n 
1 128 TYR n 
1 129 THR n 
1 130 THR n 
1 131 SER n 
1 132 PRO n 
1 133 THR n 
1 134 LEU n 
1 135 ARG n 
1 136 ARG n 
1 137 GLU n 
1 138 GLU n 
1 139 CYS n 
1 140 SER n 
1 141 VAL n 
1 142 PRO n 
1 143 VAL n 
1 144 CYS n 
1 145 GLY n 
1 146 GLN n 
# 
_entity_src_nat.entity_id                  1 
_entity_src_nat.pdbx_src_id                1 
_entity_src_nat.pdbx_alt_source_flag       sample 
_entity_src_nat.pdbx_beg_seq_num           ? 
_entity_src_nat.pdbx_end_seq_num           ? 
_entity_src_nat.common_name                cattle 
_entity_src_nat.pdbx_organism_scientific   'Bos taurus' 
_entity_src_nat.pdbx_ncbi_taxonomy_id      9913 
_entity_src_nat.genus                      Bos 
_entity_src_nat.species                    ? 
_entity_src_nat.strain                     ? 
_entity_src_nat.tissue                     ? 
_entity_src_nat.tissue_fraction            ? 
_entity_src_nat.pdbx_secretion             ? 
_entity_src_nat.pdbx_fragment              ? 
_entity_src_nat.pdbx_variant               ? 
_entity_src_nat.pdbx_cell_line             ? 
_entity_src_nat.pdbx_atcc                  ? 
_entity_src_nat.pdbx_cellular_location     ? 
_entity_src_nat.pdbx_organ                 ? 
_entity_src_nat.pdbx_organelle             ? 
_entity_src_nat.pdbx_cell                  ? 
_entity_src_nat.pdbx_plasmid_name          ? 
_entity_src_nat.pdbx_plasmid_details       ? 
_entity_src_nat.details                    ? 
# 
_struct_ref.id                         1 
_struct_ref.db_name                    UNP 
_struct_ref.db_code                    THRB_BOVIN 
_struct_ref.pdbx_db_accession          P00735 
_struct_ref.entity_id                  1 
_struct_ref.pdbx_seq_one_letter_code   
;ANKGFLEEVRKGNLERECLEEPCSREEAFEALESLSATDAFWAKYTACESARNPREKLNECLEGNCAEGVGMNYRGNVSV
TRSGIECQLWRSRYPHKPEINSTTHPGADLRENFCRNPDGSITGPWCYTTSPTLRREECSVPVCGQ
;
_struct_ref.pdbx_align_begin           44 
_struct_ref.pdbx_db_isoform            ? 
# 
_struct_ref_seq.align_id                      1 
_struct_ref_seq.ref_id                        1 
_struct_ref_seq.pdbx_PDB_id_code              1NL2 
_struct_ref_seq.pdbx_strand_id                A 
_struct_ref_seq.seq_align_beg                 1 
_struct_ref_seq.pdbx_seq_align_beg_ins_code   ? 
_struct_ref_seq.seq_align_end                 146 
_struct_ref_seq.pdbx_seq_align_end_ins_code   ? 
_struct_ref_seq.pdbx_db_accession             P00735 
_struct_ref_seq.db_align_beg                  44 
_struct_ref_seq.pdbx_db_align_beg_ins_code    ? 
_struct_ref_seq.db_align_end                  189 
_struct_ref_seq.pdbx_db_align_end_ins_code    ? 
_struct_ref_seq.pdbx_auth_seq_align_beg       1 
_struct_ref_seq.pdbx_auth_seq_align_end       146 
# 
loop_
_struct_ref_seq_dif.align_id 
_struct_ref_seq_dif.pdbx_pdb_id_code 
_struct_ref_seq_dif.mon_id 
_struct_ref_seq_dif.pdbx_pdb_strand_id 
_struct_ref_seq_dif.seq_num 
_struct_ref_seq_dif.pdbx_pdb_ins_code 
_struct_ref_seq_dif.pdbx_seq_db_name 
_struct_ref_seq_dif.pdbx_seq_db_accession_code 
_struct_ref_seq_dif.db_mon_id 
_struct_ref_seq_dif.pdbx_seq_db_seq_num 
_struct_ref_seq_dif.details 
_struct_ref_seq_dif.pdbx_auth_seq_num 
_struct_ref_seq_dif.pdbx_ordinal 
1 1NL2 CGU A 7  ? UNP P00735 GLU 50 'modified residue' 7  1  
1 1NL2 CGU A 8  ? UNP P00735 GLU 51 'modified residue' 8  2  
1 1NL2 CGU A 15 ? UNP P00735 GLU 58 'modified residue' 15 3  
1 1NL2 CGU A 17 ? UNP P00735 GLU 60 'modified residue' 17 4  
1 1NL2 CGU A 20 ? UNP P00735 GLU 63 'modified residue' 20 5  
1 1NL2 CGU A 21 ? UNP P00735 GLU 64 'modified residue' 21 6  
1 1NL2 CGU A 26 ? UNP P00735 GLU 69 'modified residue' 26 7  
1 1NL2 CGU A 27 ? UNP P00735 GLU 70 'modified residue' 27 8  
1 1NL2 CGU A 30 ? UNP P00735 GLU 73 'modified residue' 30 9  
1 1NL2 CGU A 33 ? UNP P00735 GLU 76 'modified residue' 33 10 
# 
loop_
_chem_comp.id 
_chem_comp.type 
_chem_comp.mon_nstd_flag 
_chem_comp.name 
_chem_comp.pdbx_synonyms 
_chem_comp.formula 
_chem_comp.formula_weight 
ALA 'L-peptide linking'          y ALANINE                                                                                       ? 
'C3 H7 N O2'     89.093  
ARG 'L-peptide linking'          y ARGININE                                                                                      ? 
'C6 H15 N4 O2 1' 175.209 
ASN 'L-peptide linking'          y ASPARAGINE                                                                                    ? 
'C4 H8 N2 O3'    132.118 
ASP 'L-peptide linking'          y 'ASPARTIC ACID'                                                                               ? 
'C4 H7 N O4'     133.103 
CA  non-polymer                  . 'CALCIUM ION'                                                                                 ? 
'Ca 2'           40.078  
CGU 'L-peptide linking'          n 'GAMMA-CARBOXY-GLUTAMIC ACID'                                                                 ? 
'C6 H9 N O6'     191.139 
CL  non-polymer                  . 'CHLORIDE ION'                                                                                ? 
'Cl -1'          35.453  
CYS 'L-peptide linking'          y CYSTEINE                                                                                      ? 
'C3 H7 N O2 S'   121.158 
GLN 'L-peptide linking'          y GLUTAMINE                                                                                     ? 
'C5 H10 N2 O3'   146.144 
GLU 'L-peptide linking'          y 'GLUTAMIC ACID'                                                                               ? 
'C5 H9 N O4'     147.129 
GLY 'peptide linking'            y GLYCINE                                                                                       ? 
'C2 H5 N O2'     75.067  
HIS 'L-peptide linking'          y HISTIDINE                                                                                     ? 
'C6 H10 N3 O2 1' 156.162 
HOH non-polymer                  . WATER                                                                                         ? 
'H2 O'           18.015  
ILE 'L-peptide linking'          y ISOLEUCINE                                                                                    ? 
'C6 H13 N O2'    131.173 
LEU 'L-peptide linking'          y LEUCINE                                                                                       ? 
'C6 H13 N O2'    131.173 
LPS 'L-peptide linking'          n 'O-{HYDROXY[((2R)-2-HYDROXY-3-{[(1S)-1-HYDROXYPENTADECYL]OXY}PROPYL)OXY]PHOSPHORYL}-L-SERINE' 
LYSOPHOSPHOTIDYLSERINE 'C21 H44 N O9 P' 485.549 
LYS 'L-peptide linking'          y LYSINE                                                                                        ? 
'C6 H15 N2 O2 1' 147.195 
MET 'L-peptide linking'          y METHIONINE                                                                                    ? 
'C5 H11 N O2 S'  149.211 
NAG 'D-saccharide, beta linking' . 2-acetamido-2-deoxy-beta-D-glucopyranose                                                      
;N-acetyl-beta-D-glucosamine; 2-acetamido-2-deoxy-beta-D-glucose; 2-acetamido-2-deoxy-D-glucose; 2-acetamido-2-deoxy-glucose; N-ACETYL-D-GLUCOSAMINE
;
'C8 H15 N O6'    221.208 
PHE 'L-peptide linking'          y PHENYLALANINE                                                                                 ? 
'C9 H11 N O2'    165.189 
PRO 'L-peptide linking'          y PROLINE                                                                                       ? 
'C5 H9 N O2'     115.130 
SER 'L-peptide linking'          y SERINE                                                                                        ? 
'C3 H7 N O3'     105.093 
THR 'L-peptide linking'          y THREONINE                                                                                     ? 
'C4 H9 N O3'     119.119 
TRP 'L-peptide linking'          y TRYPTOPHAN                                                                                    ? 
'C11 H12 N2 O2'  204.225 
TYR 'L-peptide linking'          y TYROSINE                                                                                      ? 
'C9 H11 N O3'    181.189 
VAL 'L-peptide linking'          y VALINE                                                                                        ? 
'C5 H11 N O2'    117.146 
# 
_exptl.entry_id          1NL2 
_exptl.method            'X-RAY DIFFRACTION' 
_exptl.crystals_number   1 
# 
_exptl_crystal.id                    1 
_exptl_crystal.density_meas          ? 
_exptl_crystal.density_Matthews      3.96 
_exptl_crystal.density_percent_sol   68.91 
_exptl_crystal.description           ? 
# 
_exptl_crystal_grow.crystal_id      1 
_exptl_crystal_grow.method          ? 
_exptl_crystal_grow.temp            ? 
_exptl_crystal_grow.temp_details    ? 
_exptl_crystal_grow.pH              7.6 
_exptl_crystal_grow.pdbx_details    'pH 7.6' 
_exptl_crystal_grow.pdbx_pH_range   ? 
# 
_diffrn.id                     1 
_diffrn.ambient_temp           110 
_diffrn.ambient_temp_details   ? 
_diffrn.crystal_id             1 
# 
_diffrn_detector.diffrn_id              1 
_diffrn_detector.detector               'IMAGE PLATE' 
_diffrn_detector.type                   'MAR scanner 345 mm plate' 
_diffrn_detector.pdbx_collection_date   ? 
_diffrn_detector.details                ? 
# 
_diffrn_radiation.diffrn_id                        1 
_diffrn_radiation.wavelength_id                    1 
_diffrn_radiation.pdbx_monochromatic_or_laue_m_l   M 
_diffrn_radiation.monochromator                    ? 
_diffrn_radiation.pdbx_diffrn_protocol             'SINGLE WAVELENGTH' 
_diffrn_radiation.pdbx_scattering_type             x-ray 
# 
_diffrn_radiation_wavelength.id           1 
_diffrn_radiation_wavelength.wavelength   1.5418 
_diffrn_radiation_wavelength.wt           1.0 
# 
_diffrn_source.diffrn_id                   1 
_diffrn_source.source                      'ROTATING ANODE' 
_diffrn_source.type                        ? 
_diffrn_source.pdbx_synchrotron_site       ? 
_diffrn_source.pdbx_synchrotron_beamline   ? 
_diffrn_source.pdbx_wavelength             1.5418 
_diffrn_source.pdbx_wavelength_list        ? 
# 
_reflns.entry_id                     1NL2 
_reflns.observed_criterion_sigma_I   -3 
_reflns.observed_criterion_sigma_F   ? 
_reflns.d_resolution_low             50 
_reflns.d_resolution_high            2.3 
_reflns.number_obs                   11566 
_reflns.number_all                   ? 
_reflns.percent_possible_obs         92.2 
_reflns.pdbx_Rmerge_I_obs            0.085 
_reflns.pdbx_Rsym_value              ? 
_reflns.pdbx_netI_over_sigmaI        15.8 
_reflns.B_iso_Wilson_estimate        38.5 
_reflns.pdbx_redundancy              9.7 
_reflns.R_free_details               ? 
_reflns.limit_h_max                  ? 
_reflns.limit_h_min                  ? 
_reflns.limit_k_max                  ? 
_reflns.limit_k_min                  ? 
_reflns.limit_l_max                  ? 
_reflns.limit_l_min                  ? 
_reflns.observed_criterion_F_max     ? 
_reflns.observed_criterion_F_min     ? 
_reflns.pdbx_ordinal                 1 
_reflns.pdbx_diffrn_id               1 
# 
_reflns_shell.d_res_high             2.30 
_reflns_shell.d_res_low              2.38 
_reflns_shell.percent_possible_all   93.4 
_reflns_shell.Rmerge_I_obs           0.314 
_reflns_shell.pdbx_Rsym_value        ? 
_reflns_shell.meanI_over_sigI_obs    2.8 
_reflns_shell.pdbx_redundancy        ? 
_reflns_shell.percent_possible_obs   ? 
_reflns_shell.number_unique_all      ? 
_reflns_shell.pdbx_ordinal           1 
_reflns_shell.pdbx_diffrn_id         1 
# 
_refine.entry_id                                 1NL2 
_refine.ls_number_reflns_obs                     11181 
_refine.ls_number_reflns_all                     ? 
_refine.pdbx_ls_sigma_I                          ? 
_refine.pdbx_ls_sigma_F                          0.0 
_refine.pdbx_data_cutoff_high_absF               ? 
_refine.pdbx_data_cutoff_low_absF                ? 
_refine.ls_d_res_low                             40.98 
_refine.ls_d_res_high                            2.30 
_refine.ls_percent_reflns_obs                    89.5 
_refine.ls_R_factor_obs                          0.236 
_refine.ls_R_factor_all                          ? 
_refine.ls_R_factor_R_work                       0.236 
_refine.ls_R_factor_R_free                       0.274 
_refine.ls_R_factor_R_free_error                 0.010 
_refine.ls_R_factor_R_free_error_details         ? 
_refine.ls_percent_reflns_R_free                 7.1 
_refine.ls_number_reflns_R_free                  793 
_refine.ls_number_parameters                     ? 
_refine.ls_number_restraints                     ? 
_refine.occupancy_min                            ? 
_refine.occupancy_max                            ? 
_refine.correlation_coeff_Fo_to_Fc               ? 
_refine.correlation_coeff_Fo_to_Fc_free          ? 
_refine.B_iso_mean                               46.1 
_refine.aniso_B[1][1]                            9.58 
_refine.aniso_B[2][2]                            -0.71 
_refine.aniso_B[3][3]                            -8.87 
_refine.aniso_B[1][2]                            0.00 
_refine.aniso_B[1][3]                            0.00 
_refine.aniso_B[2][3]                            0.00 
_refine.solvent_model_details                    'FLAT MODEL' 
_refine.solvent_model_param_ksol                 0.354745 
_refine.solvent_model_param_bsol                 42.0849 
_refine.pdbx_solvent_vdw_probe_radii             ? 
_refine.pdbx_solvent_ion_probe_radii             ? 
_refine.pdbx_solvent_shrinkage_radii             ? 
_refine.pdbx_ls_cross_valid_method               THROUGHOUT 
_refine.details                                  ? 
_refine.pdbx_starting_model                      1NL1 
_refine.pdbx_method_to_determine_struct          'MOLECULAR REPLACEMENT' 
_refine.pdbx_isotropic_thermal_model             RESTRAINED 
_refine.pdbx_stereochemistry_target_values       'Engh & Huber' 
_refine.pdbx_stereochem_target_val_spec_case     ? 
_refine.pdbx_R_Free_selection_details            RANDOM 
_refine.pdbx_overall_ESU_R_Free                  ? 
_refine.overall_SU_B                             ? 
_refine.ls_redundancy_reflns_obs                 ? 
_refine.B_iso_min                                ? 
_refine.B_iso_max                                ? 
_refine.overall_SU_R_Cruickshank_DPI             ? 
_refine.overall_SU_R_free                        ? 
_refine.overall_SU_ML                            ? 
_refine.pdbx_overall_ESU_R                       ? 
_refine.pdbx_data_cutoff_high_rms_absF           ? 
_refine.pdbx_refine_id                           'X-RAY DIFFRACTION' 
_refine.pdbx_diffrn_id                           1 
_refine.pdbx_TLS_residual_ADP_flag               ? 
_refine.pdbx_overall_phase_error                 ? 
_refine.pdbx_overall_SU_R_free_Cruickshank_DPI   ? 
_refine.pdbx_overall_SU_R_Blow_DPI               ? 
_refine.pdbx_overall_SU_R_free_Blow_DPI          ? 
# 
_refine_analyze.entry_id                        1NL2 
_refine_analyze.Luzzati_coordinate_error_obs    0.31 
_refine_analyze.Luzzati_sigma_a_obs             0.25 
_refine_analyze.Luzzati_d_res_low_obs           5.00 
_refine_analyze.Luzzati_coordinate_error_free   0.40 
_refine_analyze.Luzzati_sigma_a_free            0.30 
_refine_analyze.Luzzati_d_res_low_free          ? 
_refine_analyze.number_disordered_residues      ? 
_refine_analyze.occupancy_sum_hydrogen          ? 
_refine_analyze.occupancy_sum_non_hydrogen      ? 
_refine_analyze.pdbx_Luzzati_d_res_high_obs     ? 
_refine_analyze.pdbx_refine_id                  'X-RAY DIFFRACTION' 
# 
_refine_hist.pdbx_refine_id                   'X-RAY DIFFRACTION' 
_refine_hist.cycle_id                         LAST 
_refine_hist.pdbx_number_atoms_protein        1175 
_refine_hist.pdbx_number_atoms_nucleic_acid   0 
_refine_hist.pdbx_number_atoms_ligand         84 
_refine_hist.number_atoms_solvent             60 
_refine_hist.number_atoms_total               1319 
_refine_hist.d_res_high                       2.30 
_refine_hist.d_res_low                        40.98 
# 
loop_
_refine_ls_restr.type 
_refine_ls_restr.dev_ideal 
_refine_ls_restr.dev_ideal_target 
_refine_ls_restr.weight 
_refine_ls_restr.number 
_refine_ls_restr.pdbx_refine_id 
_refine_ls_restr.pdbx_restraint_function 
c_bond_d                0.006 ?    ? ? 'X-RAY DIFFRACTION' ? 
c_bond_d_na             ?     ?    ? ? 'X-RAY DIFFRACTION' ? 
c_bond_d_prot           ?     ?    ? ? 'X-RAY DIFFRACTION' ? 
c_angle_d               ?     ?    ? ? 'X-RAY DIFFRACTION' ? 
c_angle_d_na            ?     ?    ? ? 'X-RAY DIFFRACTION' ? 
c_angle_d_prot          ?     ?    ? ? 'X-RAY DIFFRACTION' ? 
c_angle_deg             1.9   ?    ? ? 'X-RAY DIFFRACTION' ? 
c_angle_deg_na          ?     ?    ? ? 'X-RAY DIFFRACTION' ? 
c_angle_deg_prot        ?     ?    ? ? 'X-RAY DIFFRACTION' ? 
c_dihedral_angle_d      23.2  ?    ? ? 'X-RAY DIFFRACTION' ? 
c_dihedral_angle_d_na   ?     ?    ? ? 'X-RAY DIFFRACTION' ? 
c_dihedral_angle_d_prot ?     ?    ? ? 'X-RAY DIFFRACTION' ? 
c_improper_angle_d      1.77  ?    ? ? 'X-RAY DIFFRACTION' ? 
c_improper_angle_d_na   ?     ?    ? ? 'X-RAY DIFFRACTION' ? 
c_improper_angle_d_prot ?     ?    ? ? 'X-RAY DIFFRACTION' ? 
c_mcbond_it             5.34  1.50 ? ? 'X-RAY DIFFRACTION' ? 
c_mcangle_it            6.43  2.00 ? ? 'X-RAY DIFFRACTION' ? 
c_scbond_it             7.68  2.00 ? ? 'X-RAY DIFFRACTION' ? 
c_scangle_it            9.00  2.50 ? ? 'X-RAY DIFFRACTION' ? 
# 
_refine_ls_shell.pdbx_total_number_of_bins_used   6 
_refine_ls_shell.d_res_high                       2.30 
_refine_ls_shell.d_res_low                        2.44 
_refine_ls_shell.number_reflns_R_work             1622 
_refine_ls_shell.R_factor_R_work                  0.281 
_refine_ls_shell.percent_reflns_obs               86.0 
_refine_ls_shell.R_factor_R_free                  0.312 
_refine_ls_shell.R_factor_R_free_error            0.027 
_refine_ls_shell.percent_reflns_R_free            7.4 
_refine_ls_shell.number_reflns_R_free             129 
_refine_ls_shell.number_reflns_obs                ? 
_refine_ls_shell.redundancy_reflns_obs            ? 
_refine_ls_shell.number_reflns_all                ? 
_refine_ls_shell.pdbx_refine_id                   'X-RAY DIFFRACTION' 
_refine_ls_shell.R_factor_all                     ? 
# 
loop_
_pdbx_xplor_file.serial_no 
_pdbx_xplor_file.param_file 
_pdbx_xplor_file.topol_file 
_pdbx_xplor_file.pdbx_refine_id 
1 PROTEIN_REP.PARAM  PROTEIN.TOP 'X-RAY DIFFRACTION' 
2 PT.PAR             ?           'X-RAY DIFFRACTION' 
3 CARBOHYDRATE.PARAM ?           'X-RAY DIFFRACTION' 
4 WATER_REP.PARAM    ?           'X-RAY DIFFRACTION' 
5 ION.PARAM          ?           'X-RAY DIFFRACTION' 
# 
_struct.entry_id                  1NL2 
_struct.title                     'BOVINE PROTHROMBIN FRAGMENT 1 IN COMPLEX WITH CALCIUM AND LYSOPHOSPHOTIDYLSERINE' 
_struct.pdbx_model_details        ? 
_struct.pdbx_CASP_flag            ? 
_struct.pdbx_model_type_details   ? 
# 
_struct_keywords.entry_id        1NL2 
_struct_keywords.pdbx_keywords   HYDROLASE 
_struct_keywords.text            HYDROLASE 
# 
loop_
_struct_asym.id 
_struct_asym.pdbx_blank_PDB_chainid_flag 
_struct_asym.pdbx_modified 
_struct_asym.entity_id 
_struct_asym.details 
A N N 1 ? 
B N N 2 ? 
C N N 3 ? 
D N N 4 ? 
E N N 4 ? 
F N N 4 ? 
G N N 4 ? 
H N N 4 ? 
I N N 4 ? 
J N N 4 ? 
K N N 5 ? 
L N N 5 ? 
M N N 5 ? 
N N N 6 ? 
O N N 7 ? 
# 
_struct_biol.id                    1 
_struct_biol.pdbx_parent_biol_id   ? 
_struct_biol.details               ? 
# 
loop_
_struct_conf.conf_type_id 
_struct_conf.id 
_struct_conf.pdbx_PDB_helix_id 
_struct_conf.beg_label_comp_id 
_struct_conf.beg_label_asym_id 
_struct_conf.beg_label_seq_id 
_struct_conf.pdbx_beg_PDB_ins_code 
_struct_conf.end_label_comp_id 
_struct_conf.end_label_asym_id 
_struct_conf.end_label_seq_id 
_struct_conf.pdbx_end_PDB_ins_code 
_struct_conf.beg_auth_comp_id 
_struct_conf.beg_auth_asym_id 
_struct_conf.beg_auth_seq_id 
_struct_conf.end_auth_comp_id 
_struct_conf.end_auth_asym_id 
_struct_conf.end_auth_seq_id 
_struct_conf.pdbx_PDB_helix_class 
_struct_conf.details 
_struct_conf.pdbx_PDB_helix_length 
HELX_P HELX_P1 1 LEU A 6  ? ARG A 10 ? LEU A 6  ARG A 10 5 ? 5  
HELX_P HELX_P2 2 ASN A 13 ? CYS A 18 ? ASN A 13 CYS A 18 1 ? 6  
HELX_P HELX_P3 3 SER A 24 ? LEU A 32 ? SER A 24 LEU A 32 1 ? 9  
HELX_P HELX_P4 4 SER A 34 ? ALA A 47 ? SER A 34 ALA A 47 1 ? 14 
HELX_P HELX_P5 5 CYS A 48 ? ARG A 52 ? CYS A 48 ARG A 52 5 ? 5  
HELX_P HELX_P6 6 PRO A 54 ? GLY A 64 ? PRO A 54 GLY A 64 1 ? 11 
# 
_struct_conf_type.id          HELX_P 
_struct_conf_type.criteria    ? 
_struct_conf_type.reference   ? 
# 
loop_
_struct_conn.id 
_struct_conn.conn_type_id 
_struct_conn.pdbx_leaving_atom_flag 
_struct_conn.pdbx_PDB_id 
_struct_conn.ptnr1_label_asym_id 
_struct_conn.ptnr1_label_comp_id 
_struct_conn.ptnr1_label_seq_id 
_struct_conn.ptnr1_label_atom_id 
_struct_conn.pdbx_ptnr1_label_alt_id 
_struct_conn.pdbx_ptnr1_PDB_ins_code 
_struct_conn.pdbx_ptnr1_standard_comp_id 
_struct_conn.ptnr1_symmetry 
_struct_conn.ptnr2_label_asym_id 
_struct_conn.ptnr2_label_comp_id 
_struct_conn.ptnr2_label_seq_id 
_struct_conn.ptnr2_label_atom_id 
_struct_conn.pdbx_ptnr2_label_alt_id 
_struct_conn.pdbx_ptnr2_PDB_ins_code 
_struct_conn.ptnr1_auth_asym_id 
_struct_conn.ptnr1_auth_comp_id 
_struct_conn.ptnr1_auth_seq_id 
_struct_conn.ptnr2_auth_asym_id 
_struct_conn.ptnr2_auth_comp_id 
_struct_conn.ptnr2_auth_seq_id 
_struct_conn.ptnr2_symmetry 
_struct_conn.pdbx_ptnr3_label_atom_id 
_struct_conn.pdbx_ptnr3_label_seq_id 
_struct_conn.pdbx_ptnr3_label_comp_id 
_struct_conn.pdbx_ptnr3_label_asym_id 
_struct_conn.pdbx_ptnr3_label_alt_id 
_struct_conn.pdbx_ptnr3_PDB_ins_code 
_struct_conn.details 
_struct_conn.pdbx_dist_value 
_struct_conn.pdbx_value_order 
_struct_conn.pdbx_role 
disulf1  disulf ?    ? A CYS 18  SG   ? ? ? 1_555 A CYS 23  SG  ? ? A CYS 18  A CYS 23  1_555 ? ? ? ? ? ? ? 2.031 ? ? 
disulf2  disulf ?    ? A CYS 48  SG   ? ? ? 1_555 A CYS 61  SG  ? ? A CYS 48  A CYS 61  1_555 ? ? ? ? ? ? ? 2.029 ? ? 
disulf3  disulf ?    ? A CYS 66  SG   ? ? ? 1_555 A CYS 144 SG  ? ? A CYS 66  A CYS 144 1_555 ? ? ? ? ? ? ? 2.029 ? ? 
disulf4  disulf ?    ? A CYS 87  SG   ? ? ? 1_555 A CYS 127 SG  ? ? A CYS 87  A CYS 127 1_555 ? ? ? ? ? ? ? 2.028 ? ? 
disulf5  disulf ?    ? A CYS 115 SG   ? ? ? 1_555 A CYS 139 SG  ? ? A CYS 115 A CYS 139 1_555 ? ? ? ? ? ? ? 2.031 ? ? 
covale1  covale both ? A LEU 6   C    ? ? ? 1_555 A CGU 7   N   ? ? A LEU 6   A CGU 7   1_555 ? ? ? ? ? ? ? 1.327 ? ? 
covale2  covale both ? A CGU 7   C    ? ? ? 1_555 A CGU 8   N   ? ? A CGU 7   A CGU 8   1_555 ? ? ? ? ? ? ? 1.328 ? ? 
covale3  covale both ? A CGU 8   C    ? ? ? 1_555 A VAL 9   N   ? ? A CGU 8   A VAL 9   1_555 ? ? ? ? ? ? ? 1.330 ? ? 
covale4  covale both ? A LEU 14  C    ? ? ? 1_555 A CGU 15  N   ? ? A LEU 14  A CGU 15  1_555 ? ? ? ? ? ? ? 1.327 ? ? 
covale5  covale both ? A CGU 15  C    ? ? ? 1_555 A ARG 16  N   ? ? A CGU 15  A ARG 16  1_555 ? ? ? ? ? ? ? 1.329 ? ? 
covale6  covale both ? A ARG 16  C    ? ? ? 1_555 A CGU 17  N   ? ? A ARG 16  A CGU 17  1_555 ? ? ? ? ? ? ? 1.328 ? ? 
covale7  covale both ? A CGU 17  C    ? ? ? 1_555 A CYS 18  N   ? ? A CGU 17  A CYS 18  1_555 ? ? ? ? ? ? ? 1.332 ? ? 
covale8  covale both ? A LEU 19  C    ? ? ? 1_555 A CGU 20  N   ? ? A LEU 19  A CGU 20  1_555 ? ? ? ? ? ? ? 1.330 ? ? 
covale9  covale both ? A CGU 20  C    ? ? ? 1_555 A CGU 21  N   ? ? A CGU 20  A CGU 21  1_555 ? ? ? ? ? ? ? 1.330 ? ? 
covale10 covale both ? A CGU 21  C    ? ? ? 1_555 A PRO 22  N   ? ? A CGU 21  A PRO 22  1_555 ? ? ? ? ? ? ? 1.340 ? ? 
covale11 covale both ? A ARG 25  C    ? ? ? 1_555 A CGU 26  N   ? ? A ARG 25  A CGU 26  1_555 ? ? ? ? ? ? ? 1.331 ? ? 
covale12 covale both ? A CGU 26  C    ? ? ? 1_555 A CGU 27  N   ? ? A CGU 26  A CGU 27  1_555 ? ? ? ? ? ? ? 1.331 ? ? 
covale13 covale both ? A CGU 27  C    ? ? ? 1_555 A ALA 28  N   ? ? A CGU 27  A ALA 28  1_555 ? ? ? ? ? ? ? 1.331 ? ? 
covale14 covale both ? A PHE 29  C    ? ? ? 1_555 A CGU 30  N   ? ? A PHE 29  A CGU 30  1_555 ? ? ? ? ? ? ? 1.331 ? ? 
covale15 covale both ? A CGU 30  C    ? ? ? 1_555 A ALA 31  N   ? ? A CGU 30  A ALA 31  1_555 ? ? ? ? ? ? ? 1.332 ? ? 
covale16 covale both ? A LEU 32  C    ? ? ? 1_555 A CGU 33  N   ? ? A LEU 32  A CGU 33  1_555 ? ? ? ? ? ? ? 1.331 ? ? 
covale17 covale both ? A CGU 33  C    ? ? ? 1_555 A SER 34  N   ? ? A CGU 33  A SER 34  1_555 ? ? ? ? ? ? ? 1.332 ? ? 
covale18 covale one  ? A ASN 77  ND2  ? ? ? 1_555 B NAG .   C1  ? ? A ASN 77  B NAG 1   1_555 ? ? ? ? ? ? ? 1.458 ? 
N-Glycosylation 
covale19 covale one  ? A ASN 101 ND2  ? ? ? 1_555 C NAG .   C1  ? ? A ASN 101 A NAG 303 1_555 ? ? ? ? ? ? ? 1.476 ? 
N-Glycosylation 
covale20 covale both ? B NAG .   O4   ? ? ? 1_555 B NAG .   C1  ? ? B NAG 1   B NAG 2   1_555 ? ? ? ? ? ? ? 1.379 ? ? 
metalc1  metalc ?    ? A ALA 1   O    ? ? ? 1_555 H CA  .   CA  ? ? A ALA 1   A CA  205 1_555 ? ? ? ? ? ? ? 2.347 ? ? 
metalc2  metalc ?    ? A ASN 2   OD1  ? ? ? 1_555 G CA  .   CA  ? ? A ASN 2   A CA  204 1_555 ? ? ? ? ? ? ? 2.414 ? ? 
metalc3  metalc ?    ? A CGU 7   OE11 ? ? ? 1_555 G CA  .   CA  ? ? A CGU 7   A CA  204 1_555 ? ? ? ? ? ? ? 2.611 ? ? 
metalc4  metalc ?    ? A CGU 7   OE11 ? ? ? 1_555 H CA  .   CA  ? ? A CGU 7   A CA  205 1_555 ? ? ? ? ? ? ? 2.485 ? ? 
metalc5  metalc ?    ? A CGU 7   OE12 ? ? ? 1_555 H CA  .   CA  ? ? A CGU 7   A CA  205 1_555 ? ? ? ? ? ? ? 2.463 ? ? 
metalc6  metalc ?    ? A CGU 8   OE12 ? ? ? 1_555 E CA  .   CA  ? ? A CGU 8   A CA  202 1_555 ? ? ? ? ? ? ? 2.453 ? ? 
metalc7  metalc ?    ? A CGU 8   OE21 ? ? ? 1_555 E CA  .   CA  ? ? A CGU 8   A CA  202 1_555 ? ? ? ? ? ? ? 2.577 ? ? 
metalc8  metalc ?    ? A CGU 8   OE21 ? ? ? 1_555 F CA  .   CA  ? ? A CGU 8   A CA  203 1_555 ? ? ? ? ? ? ? 2.268 ? ? 
metalc9  metalc ?    ? A CGU 8   OE22 ? ? ? 1_555 F CA  .   CA  ? ? A CGU 8   A CA  203 1_555 ? ? ? ? ? ? ? 2.952 ? ? 
metalc10 metalc ?    ? A CGU 8   OE22 ? ? ? 1_555 G CA  .   CA  ? ? A CGU 8   A CA  204 1_555 ? ? ? ? ? ? ? 2.258 ? ? 
metalc11 metalc ?    ? A CGU 15  OE21 ? ? ? 1_555 J CA  .   CA  ? ? A CGU 15  A CA  207 1_555 ? ? ? ? ? ? ? 2.050 ? ? 
metalc12 metalc ?    ? A CGU 15  OE12 ? ? ? 1_555 J CA  .   CA  ? ? A CGU 15  A CA  207 1_555 ? ? ? ? ? ? ? 2.373 ? ? 
metalc13 metalc ?    ? A CGU 17  OE11 ? ? ? 1_555 F CA  .   CA  ? ? A CGU 17  A CA  203 1_555 ? ? ? ? ? ? ? 2.414 ? ? 
metalc14 metalc ?    ? A CGU 17  OE21 ? ? ? 1_555 G CA  .   CA  ? ? A CGU 17  A CA  204 1_555 ? ? ? ? ? ? ? 2.372 ? ? 
metalc15 metalc ?    ? A CGU 17  OE11 ? ? ? 1_555 G CA  .   CA  ? ? A CGU 17  A CA  204 1_555 ? ? ? ? ? ? ? 2.526 ? ? 
metalc16 metalc ?    ? A CGU 17  OE21 ? ? ? 1_555 H CA  .   CA  ? ? A CGU 17  A CA  205 1_555 ? ? ? ? ? ? ? 2.257 ? ? 
metalc17 metalc ?    ? A CGU 17  OE22 ? ? ? 1_555 H CA  .   CA  ? ? A CGU 17  A CA  205 1_555 ? ? ? ? ? ? ? 2.514 ? ? 
metalc18 metalc ?    ? A CGU 20  OE21 ? ? ? 1_555 J CA  .   CA  ? ? A CGU 20  A CA  207 1_555 ? ? ? ? ? ? ? 2.388 ? ? 
metalc19 metalc ?    ? A CGU 20  OE11 ? ? ? 1_555 J CA  .   CA  ? ? A CGU 20  A CA  207 1_555 ? ? ? ? ? ? ? 2.273 ? ? 
metalc20 metalc ?    ? A CGU 21  OE11 ? ? ? 1_555 H CA  .   CA  ? ? A CGU 21  A CA  205 1_555 ? ? ? ? ? ? ? 2.495 ? ? 
metalc21 metalc ?    ? A CGU 21  OE12 ? ? ? 1_555 I CA  .   CA  ? ? A CGU 21  A CA  206 1_555 ? ? ? ? ? ? ? 2.421 ? ? 
metalc22 metalc ?    ? A CGU 21  OE22 ? ? ? 1_555 I CA  .   CA  ? ? A CGU 21  A CA  206 1_555 ? ? ? ? ? ? ? 2.415 ? ? 
metalc23 metalc ?    ? A CGU 26  OE12 ? ? ? 1_555 D CA  .   CA  ? ? A CGU 26  A CA  201 1_555 ? ? ? ? ? ? ? 2.423 ? ? 
metalc24 metalc ?    ? A CGU 26  OE21 ? ? ? 1_555 D CA  .   CA  ? ? A CGU 26  A CA  201 1_555 ? ? ? ? ? ? ? 2.389 ? ? 
metalc25 metalc ?    ? A CGU 27  OE12 ? ? ? 1_555 E CA  .   CA  ? ? A CGU 27  A CA  202 1_555 ? ? ? ? ? ? ? 2.451 ? ? 
metalc26 metalc ?    ? A CGU 27  OE11 ? ? ? 1_555 F CA  .   CA  ? ? A CGU 27  A CA  203 1_555 ? ? ? ? ? ? ? 2.111 ? ? 
metalc27 metalc ?    ? A CGU 27  OE22 ? ? ? 1_555 G CA  .   CA  ? ? A CGU 27  A CA  204 1_555 ? ? ? ? ? ? ? 2.343 ? ? 
metalc28 metalc ?    ? A CGU 27  OE11 ? ? ? 1_555 G CA  .   CA  ? ? A CGU 27  A CA  204 1_555 ? ? ? ? ? ? ? 2.585 ? ? 
metalc29 metalc ?    ? A CGU 30  OE11 ? ? ? 1_555 D CA  .   CA  ? ? A CGU 30  A CA  201 1_555 ? ? ? ? ? ? ? 2.166 ? ? 
metalc30 metalc ?    ? A CGU 30  OE22 ? ? ? 1_555 D CA  .   CA  ? ? A CGU 30  A CA  201 1_555 ? ? ? ? ? ? ? 2.503 ? ? 
metalc31 metalc ?    ? A CGU 30  OE21 ? ? ? 1_555 E CA  .   CA  ? ? A CGU 30  A CA  202 1_555 ? ? ? ? ? ? ? 2.452 ? ? 
metalc32 metalc ?    ? A CGU 30  OE22 ? ? ? 1_555 E CA  .   CA  ? ? A CGU 30  A CA  202 1_555 ? ? ? ? ? ? ? 2.712 ? ? 
metalc33 metalc ?    ? A CGU 30  OE21 ? ? ? 1_555 F CA  .   CA  ? ? A CGU 30  A CA  203 1_555 ? ? ? ? ? ? ? 2.497 ? ? 
metalc34 metalc ?    ? E CA  .   CA   ? ? ? 1_555 O HOH .   O   ? ? A CA  202 A HOH 504 1_555 ? ? ? ? ? ? ? 2.481 ? ? 
metalc35 metalc ?    ? E CA  .   CA   ? ? ? 1_555 O HOH .   O   ? ? A CA  202 A HOH 507 1_555 ? ? ? ? ? ? ? 2.045 ? ? 
metalc36 metalc ?    ? F CA  .   CA   ? ? ? 1_555 O HOH .   O   ? ? A CA  203 A HOH 514 1_555 ? ? ? ? ? ? ? 2.139 ? ? 
metalc37 metalc ?    ? F CA  .   CA   ? ? ? 1_555 O HOH .   O   ? ? A CA  203 A HOH 519 1_555 ? ? ? ? ? ? ? 2.447 ? ? 
metalc38 metalc ?    ? F CA  .   CA   ? ? ? 1_555 O HOH .   O   ? ? A CA  203 A HOH 522 1_555 ? ? ? ? ? ? ? 2.577 ? ? 
metalc39 metalc ?    ? H CA  .   CA   ? ? ? 1_555 O HOH .   O   ? ? A CA  205 A HOH 527 1_555 ? ? ? ? ? ? ? 2.430 ? ? 
metalc40 metalc ?    ? I CA  .   CA   ? ? ? 1_555 N LPS .   OT1 ? ? A CA  206 A LPS 451 1_555 ? ? ? ? ? ? ? 2.202 ? ? 
metalc41 metalc ?    ? I CA  .   CA   ? ? ? 1_555 O HOH .   O   ? ? A CA  206 A HOH 557 1_555 ? ? ? ? ? ? ? 2.722 ? ? 
metalc42 metalc ?    ? J CA  .   CA   ? ? ? 1_555 O HOH .   O   ? ? A CA  207 A HOH 537 1_555 ? ? ? ? ? ? ? 2.763 ? ? 
# 
loop_
_struct_conn_type.id 
_struct_conn_type.criteria 
_struct_conn_type.reference 
disulf ? ? 
covale ? ? 
metalc ? ? 
# 
loop_
_struct_mon_prot_cis.pdbx_id 
_struct_mon_prot_cis.label_comp_id 
_struct_mon_prot_cis.label_seq_id 
_struct_mon_prot_cis.label_asym_id 
_struct_mon_prot_cis.label_alt_id 
_struct_mon_prot_cis.pdbx_PDB_ins_code 
_struct_mon_prot_cis.auth_comp_id 
_struct_mon_prot_cis.auth_seq_id 
_struct_mon_prot_cis.auth_asym_id 
_struct_mon_prot_cis.pdbx_label_comp_id_2 
_struct_mon_prot_cis.pdbx_label_seq_id_2 
_struct_mon_prot_cis.pdbx_label_asym_id_2 
_struct_mon_prot_cis.pdbx_PDB_ins_code_2 
_struct_mon_prot_cis.pdbx_auth_comp_id_2 
_struct_mon_prot_cis.pdbx_auth_seq_id_2 
_struct_mon_prot_cis.pdbx_auth_asym_id_2 
_struct_mon_prot_cis.pdbx_PDB_model_num 
_struct_mon_prot_cis.pdbx_omega_angle 
1 ASN 53 A . ? ASN 53 A PRO 54 A ? PRO 54 A 1 -0.17 
2 TYR 94 A . ? TYR 94 A PRO 95 A ? PRO 95 A 1 0.01  
# 
_struct_sheet.id               A 
_struct_sheet.type             ? 
_struct_sheet.number_strands   2 
_struct_sheet.details          ? 
# 
_struct_sheet_order.sheet_id     A 
_struct_sheet_order.range_id_1   1 
_struct_sheet_order.range_id_2   2 
_struct_sheet_order.offset       ? 
_struct_sheet_order.sense        anti-parallel 
# 
loop_
_struct_sheet_range.sheet_id 
_struct_sheet_range.id 
_struct_sheet_range.beg_label_comp_id 
_struct_sheet_range.beg_label_asym_id 
_struct_sheet_range.beg_label_seq_id 
_struct_sheet_range.pdbx_beg_PDB_ins_code 
_struct_sheet_range.end_label_comp_id 
_struct_sheet_range.end_label_asym_id 
_struct_sheet_range.end_label_seq_id 
_struct_sheet_range.pdbx_end_PDB_ins_code 
_struct_sheet_range.beg_auth_comp_id 
_struct_sheet_range.beg_auth_asym_id 
_struct_sheet_range.beg_auth_seq_id 
_struct_sheet_range.end_auth_comp_id 
_struct_sheet_range.end_auth_asym_id 
_struct_sheet_range.end_auth_seq_id 
A 1 TRP A 126 ? TYR A 128 ? TRP A 126 TYR A 128 
A 2 ARG A 136 ? GLU A 138 ? ARG A 136 GLU A 138 
# 
_pdbx_struct_sheet_hbond.sheet_id                A 
_pdbx_struct_sheet_hbond.range_id_1              1 
_pdbx_struct_sheet_hbond.range_id_2              2 
_pdbx_struct_sheet_hbond.range_1_label_atom_id   N 
_pdbx_struct_sheet_hbond.range_1_label_comp_id   CYS 
_pdbx_struct_sheet_hbond.range_1_label_asym_id   A 
_pdbx_struct_sheet_hbond.range_1_label_seq_id    127 
_pdbx_struct_sheet_hbond.range_1_PDB_ins_code    ? 
_pdbx_struct_sheet_hbond.range_1_auth_atom_id    N 
_pdbx_struct_sheet_hbond.range_1_auth_comp_id    CYS 
_pdbx_struct_sheet_hbond.range_1_auth_asym_id    A 
_pdbx_struct_sheet_hbond.range_1_auth_seq_id     127 
_pdbx_struct_sheet_hbond.range_2_label_atom_id   O 
_pdbx_struct_sheet_hbond.range_2_label_comp_id   GLU 
_pdbx_struct_sheet_hbond.range_2_label_asym_id   A 
_pdbx_struct_sheet_hbond.range_2_label_seq_id    137 
_pdbx_struct_sheet_hbond.range_2_PDB_ins_code    ? 
_pdbx_struct_sheet_hbond.range_2_auth_atom_id    O 
_pdbx_struct_sheet_hbond.range_2_auth_comp_id    GLU 
_pdbx_struct_sheet_hbond.range_2_auth_asym_id    A 
_pdbx_struct_sheet_hbond.range_2_auth_seq_id     137 
# 
_atom_sites.entry_id                    1NL2 
_atom_sites.fract_transf_matrix[1][1]   -0.01826669 
_atom_sites.fract_transf_matrix[1][2]   0.01808259 
_atom_sites.fract_transf_matrix[1][3]   0.00063535 
_atom_sites.fract_transf_matrix[2][1]   0.00327248 
_atom_sites.fract_transf_matrix[2][2]   0.00266241 
_atom_sites.fract_transf_matrix[2][3]   0.01831131 
_atom_sites.fract_transf_matrix[3][1]   0.00528704 
_atom_sites.fract_transf_matrix[3][2]   0.00540166 
_atom_sites.fract_transf_matrix[3][3]   -0.00173025 
_atom_sites.fract_transf_vector[1]      0.369788 
_atom_sites.fract_transf_vector[2]      0.758596 
_atom_sites.fract_transf_vector[3]      0.844913 
# 
loop_
_atom_type.symbol 
C  
CA 
CL 
N  
O  
P  
S  
# 
loop_
_atom_site.group_PDB 
_atom_site.id 
_atom_site.type_symbol 
_atom_site.label_atom_id 
_atom_site.label_alt_id 
_atom_site.label_comp_id 
_atom_site.label_asym_id 
_atom_site.label_entity_id 
_atom_site.label_seq_id 
_atom_site.pdbx_PDB_ins_code 
_atom_site.Cartn_x 
_atom_site.Cartn_y 
_atom_site.Cartn_z 
_atom_site.occupancy 
_atom_site.B_iso_or_equiv 
_atom_site.pdbx_formal_charge 
_atom_site.auth_seq_id 
_atom_site.auth_comp_id 
_atom_site.auth_asym_id 
_atom_site.auth_atom_id 
_atom_site.pdbx_PDB_model_num 
ATOM   1    N  N    . ALA A 1 1   ? 17.599  1.522   -10.906 1.00 32.16  ? 1   ALA A N    1 
ATOM   2    C  CA   . ALA A 1 1   ? 18.345  0.583   -11.794 1.00 40.61  ? 1   ALA A CA   1 
ATOM   3    C  C    . ALA A 1 1   ? 19.856  0.785   -11.676 1.00 40.86  ? 1   ALA A C    1 
ATOM   4    O  O    . ALA A 1 1   ? 20.322  1.888   -11.398 1.00 47.28  ? 1   ALA A O    1 
ATOM   5    C  CB   . ALA A 1 1   ? 17.904  0.778   -13.241 1.00 33.31  ? 1   ALA A CB   1 
ATOM   6    N  N    . ASN A 1 2   ? 20.613  -0.291  -11.875 1.00 51.00  ? 2   ASN A N    1 
ATOM   7    C  CA   . ASN A 1 2   ? 22.073  -0.236  -11.813 1.00 51.62  ? 2   ASN A CA   1 
ATOM   8    C  C    . ASN A 1 2   ? 22.619  -0.546  -13.193 1.00 55.13  ? 2   ASN A C    1 
ATOM   9    O  O    . ASN A 1 2   ? 22.689  -1.715  -13.574 1.00 57.25  ? 2   ASN A O    1 
ATOM   10   C  CB   . ASN A 1 2   ? 22.624  -1.274  -10.835 1.00 46.64  ? 2   ASN A CB   1 
ATOM   11   C  CG   . ASN A 1 2   ? 22.308  -0.948  -9.398  1.00 42.46  ? 2   ASN A CG   1 
ATOM   12   O  OD1  . ASN A 1 2   ? 22.365  0.210   -8.987  1.00 54.57  ? 2   ASN A OD1  1 
ATOM   13   N  ND2  . ASN A 1 2   ? 21.996  -1.971  -8.615  1.00 38.08  ? 2   ASN A ND2  1 
ATOM   14   N  N    . LYS A 1 3   ? 23.008  0.476   -13.951 1.00 49.94  ? 3   LYS A N    1 
ATOM   15   C  CA   . LYS A 1 3   ? 23.531  0.203   -15.281 1.00 68.31  ? 3   LYS A CA   1 
ATOM   16   C  C    . LYS A 1 3   ? 24.912  -0.464  -15.198 1.00 77.93  ? 3   LYS A C    1 
ATOM   17   O  O    . LYS A 1 3   ? 25.599  -0.639  -16.209 1.00 76.27  ? 3   LYS A O    1 
ATOM   18   C  CB   . LYS A 1 3   ? 23.574  1.480   -16.135 1.00 62.80  ? 3   LYS A CB   1 
ATOM   19   C  CG   . LYS A 1 3   ? 24.819  2.310   -16.008 1.00 59.60  ? 3   LYS A CG   1 
ATOM   20   C  CD   . LYS A 1 3   ? 24.786  3.187   -14.786 1.00 80.87  ? 3   LYS A CD   1 
ATOM   21   C  CE   . LYS A 1 3   ? 26.022  4.055   -14.749 1.00 76.01  ? 3   LYS A CE   1 
ATOM   22   N  NZ   . LYS A 1 3   ? 25.962  5.072   -13.680 1.00 79.44  ? 3   LYS A NZ   1 
ATOM   23   N  N    . GLY A 1 4   ? 25.306  -0.832  -13.978 1.00 77.40  ? 4   GLY A N    1 
ATOM   24   C  CA   . GLY A 1 4   ? 26.564  -1.528  -13.772 1.00 76.16  ? 4   GLY A CA   1 
ATOM   25   C  C    . GLY A 1 4   ? 27.794  -0.797  -13.266 1.00 81.50  ? 4   GLY A C    1 
ATOM   26   O  O    . GLY A 1 4   ? 28.305  -1.104  -12.186 1.00 85.80  ? 4   GLY A O    1 
ATOM   27   N  N    . PHE A 1 5   ? 28.269  0.167   -14.045 1.00 74.13  ? 5   PHE A N    1 
ATOM   28   C  CA   . PHE A 1 5   ? 29.477  0.915   -13.718 1.00 69.07  ? 5   PHE A CA   1 
ATOM   29   C  C    . PHE A 1 5   ? 29.631  1.595   -12.355 1.00 60.81  ? 5   PHE A C    1 
ATOM   30   O  O    . PHE A 1 5   ? 29.537  0.931   -11.329 1.00 62.05  ? 5   PHE A O    1 
ATOM   31   C  CB   . PHE A 1 5   ? 29.758  1.892   -14.855 1.00 77.48  ? 5   PHE A CB   1 
ATOM   32   C  CG   . PHE A 1 5   ? 30.277  1.218   -16.100 1.00 92.85  ? 5   PHE A CG   1 
ATOM   33   C  CD1  . PHE A 1 5   ? 29.812  1.584   -17.360 1.00 90.23  ? 5   PHE A CD1  1 
ATOM   34   C  CD2  . PHE A 1 5   ? 31.252  0.219   -16.006 1.00 91.63  ? 5   PHE A CD2  1 
ATOM   35   C  CE1  . PHE A 1 5   ? 30.312  0.967   -18.509 1.00 90.23  ? 5   PHE A CE1  1 
ATOM   36   C  CE2  . PHE A 1 5   ? 31.757  -0.401  -17.146 1.00 81.73  ? 5   PHE A CE2  1 
ATOM   37   C  CZ   . PHE A 1 5   ? 31.288  -0.027  -18.399 1.00 88.72  ? 5   PHE A CZ   1 
ATOM   38   N  N    . LEU A 1 6   ? 29.876  2.905   -12.328 1.00 51.27  ? 6   LEU A N    1 
ATOM   39   C  CA   . LEU A 1 6   ? 30.102  3.593   -11.055 1.00 42.94  ? 6   LEU A CA   1 
ATOM   40   C  C    . LEU A 1 6   ? 28.942  4.304   -10.358 1.00 40.71  ? 6   LEU A C    1 
ATOM   41   O  O    . LEU A 1 6   ? 29.147  4.919   -9.311  1.00 38.69  ? 6   LEU A O    1 
ATOM   42   C  CB   . LEU A 1 6   ? 31.264  4.596   -11.195 1.00 38.71  ? 6   LEU A CB   1 
ATOM   43   C  CG   . LEU A 1 6   ? 32.644  4.091   -11.652 1.00 43.76  ? 6   LEU A CG   1 
ATOM   44   C  CD1  . LEU A 1 6   ? 33.687  5.176   -11.418 1.00 30.46  ? 6   LEU A CD1  1 
ATOM   45   C  CD2  . LEU A 1 6   ? 33.034  2.840   -10.888 1.00 36.87  ? 6   LEU A CD2  1 
HETATM 46   N  N    . CGU A 1 7   ? 27.732  4.217   -10.896 1.00 35.17  ? 7   CGU A N    1 
HETATM 47   C  CA   . CGU A 1 7   ? 26.612  4.909   -10.263 1.00 38.86  ? 7   CGU A CA   1 
HETATM 48   C  C    . CGU A 1 7   ? 26.418  4.558   -8.805  1.00 39.82  ? 7   CGU A C    1 
HETATM 49   O  O    . CGU A 1 7   ? 25.969  5.388   -8.017  1.00 37.12  ? 7   CGU A O    1 
HETATM 50   C  CB   . CGU A 1 7   ? 25.303  4.646   -11.006 1.00 46.34  ? 7   CGU A CB   1 
HETATM 51   C  CG   . CGU A 1 7   ? 24.704  3.244   -11.118 1.00 51.74  ? 7   CGU A CG   1 
HETATM 52   C  CD1  . CGU A 1 7   ? 23.188  3.181   -11.106 1.00 33.90  ? 7   CGU A CD1  1 
HETATM 53   C  CD2  . CGU A 1 7   ? 25.574  2.127   -11.686 1.00 52.46  ? 7   CGU A CD2  1 
HETATM 54   O  OE11 . CGU A 1 7   ? 22.577  3.626   -10.110 1.00 45.97  ? 7   CGU A OE11 1 
HETATM 55   O  OE12 . CGU A 1 7   ? 22.636  2.690   -12.106 1.00 50.96  ? 7   CGU A OE12 1 
HETATM 56   O  OE21 . CGU A 1 7   ? 26.659  2.448   -12.215 1.00 46.23  ? 7   CGU A OE21 1 
HETATM 57   O  OE22 . CGU A 1 7   ? 25.157  0.948   -11.605 1.00 55.18  ? 7   CGU A OE22 1 
HETATM 58   N  N    . CGU A 1 8   ? 26.771  3.332   -8.436  1.00 47.41  ? 8   CGU A N    1 
HETATM 59   C  CA   . CGU A 1 8   ? 26.601  2.902   -7.056  1.00 52.97  ? 8   CGU A CA   1 
HETATM 60   C  C    . CGU A 1 8   ? 27.545  3.546   -6.054  1.00 49.87  ? 8   CGU A C    1 
HETATM 61   O  O    . CGU A 1 8   ? 27.503  3.221   -4.863  1.00 46.00  ? 8   CGU A O    1 
HETATM 62   C  CB   . CGU A 1 8   ? 26.671  1.376   -6.956  1.00 51.22  ? 8   CGU A CB   1 
HETATM 63   C  CG   . CGU A 1 8   ? 25.293  0.750   -7.182  1.00 50.88  ? 8   CGU A CG   1 
HETATM 64   C  CD1  . CGU A 1 8   ? 25.252  -0.736  -7.498  1.00 60.14  ? 8   CGU A CD1  1 
HETATM 65   C  CD2  . CGU A 1 8   ? 24.079  1.513   -6.653  1.00 44.88  ? 8   CGU A CD2  1 
HETATM 66   O  OE11 . CGU A 1 8   ? 25.532  -1.110  -8.657  1.00 65.95  ? 8   CGU A OE11 1 
HETATM 67   O  OE12 . CGU A 1 8   ? 24.931  -1.504  -6.569  1.00 57.21  ? 8   CGU A OE12 1 
HETATM 68   O  OE21 . CGU A 1 8   ? 23.949  1.604   -5.414  1.00 42.02  ? 8   CGU A OE21 1 
HETATM 69   O  OE22 . CGU A 1 8   ? 23.281  2.008   -7.473  1.00 33.07  ? 8   CGU A OE22 1 
ATOM   70   N  N    . VAL A 1 9   ? 28.388  4.456   -6.532  1.00 44.92  ? 9   VAL A N    1 
ATOM   71   C  CA   . VAL A 1 9   ? 29.308  5.179   -5.658  1.00 42.89  ? 9   VAL A CA   1 
ATOM   72   C  C    . VAL A 1 9   ? 28.558  6.386   -5.083  1.00 47.06  ? 9   VAL A C    1 
ATOM   73   O  O    . VAL A 1 9   ? 28.940  6.941   -4.053  1.00 46.38  ? 9   VAL A O    1 
ATOM   74   C  CB   . VAL A 1 9   ? 30.545  5.699   -6.431  1.00 50.26  ? 9   VAL A CB   1 
ATOM   75   C  CG1  . VAL A 1 9   ? 31.396  6.557   -5.524  1.00 40.30  ? 9   VAL A CG1  1 
ATOM   76   C  CG2  . VAL A 1 9   ? 31.363  4.534   -6.963  1.00 37.69  ? 9   VAL A CG2  1 
ATOM   77   N  N    . ARG A 1 10  ? 27.481  6.778   -5.764  1.00 43.36  ? 10  ARG A N    1 
ATOM   78   C  CA   . ARG A 1 10  ? 26.664  7.920   -5.352  1.00 53.82  ? 10  ARG A CA   1 
ATOM   79   C  C    . ARG A 1 10  ? 25.672  7.543   -4.253  1.00 55.31  ? 10  ARG A C    1 
ATOM   80   O  O    . ARG A 1 10  ? 25.200  6.406   -4.189  1.00 51.94  ? 10  ARG A O    1 
ATOM   81   C  CB   . ARG A 1 10  ? 25.866  8.472   -6.538  1.00 51.97  ? 10  ARG A CB   1 
ATOM   82   C  CG   . ARG A 1 10  ? 26.648  8.643   -7.832  1.00 53.34  ? 10  ARG A CG   1 
ATOM   83   C  CD   . ARG A 1 10  ? 25.760  9.269   -8.897  1.00 41.66  ? 10  ARG A CD   1 
ATOM   84   N  NE   . ARG A 1 10  ? 25.421  10.655  -8.570  1.00 51.29  ? 10  ARG A NE   1 
ATOM   85   C  CZ   . ARG A 1 10  ? 24.522  11.391  -9.223  1.00 57.94  ? 10  ARG A CZ   1 
ATOM   86   N  NH1  . ARG A 1 10  ? 23.852  10.880  -10.249 1.00 43.43  ? 10  ARG A NH1  1 
ATOM   87   N  NH2  . ARG A 1 10  ? 24.296  12.646  -8.852  1.00 44.91  ? 10  ARG A NH2  1 
ATOM   88   N  N    . LYS A 1 11  ? 25.353  8.502   -3.395  1.00 56.57  ? 11  LYS A N    1 
ATOM   89   C  CA   . LYS A 1 11  ? 24.400  8.242   -2.333  1.00 56.37  ? 11  LYS A CA   1 
ATOM   90   C  C    . LYS A 1 11  ? 23.040  7.981   -2.968  1.00 58.58  ? 11  LYS A C    1 
ATOM   91   O  O    . LYS A 1 11  ? 22.644  8.652   -3.931  1.00 56.52  ? 11  LYS A O    1 
ATOM   92   C  CB   . LYS A 1 11  ? 24.314  9.431   -1.368  1.00 61.84  ? 11  LYS A CB   1 
ATOM   93   C  CG   . LYS A 1 11  ? 23.847  10.735  -1.990  1.00 67.40  ? 11  LYS A CG   1 
ATOM   94   C  CD   . LYS A 1 11  ? 23.720  11.831  -0.938  1.00 59.44  ? 11  LYS A CD   1 
ATOM   95   C  CE   . LYS A 1 11  ? 23.326  13.156  -1.573  0.30 65.09  ? 11  LYS A CE   1 
ATOM   96   N  NZ   . LYS A 1 11  ? 23.241  14.254  -0.572  0.30 63.89  ? 11  LYS A NZ   1 
ATOM   97   N  N    . GLY A 1 12  ? 22.340  6.988   -2.432  1.00 53.95  ? 12  GLY A N    1 
ATOM   98   C  CA   . GLY A 1 12  ? 21.029  6.634   -2.940  1.00 47.44  ? 12  GLY A CA   1 
ATOM   99   C  C    . GLY A 1 12  ? 20.085  7.815   -3.084  1.00 41.12  ? 12  GLY A C    1 
ATOM   100  O  O    . GLY A 1 12  ? 20.076  8.742   -2.270  1.00 35.77  ? 12  GLY A O    1 
ATOM   101  N  N    . ASN A 1 13  ? 19.300  7.785   -4.151  1.00 37.09  ? 13  ASN A N    1 
ATOM   102  C  CA   . ASN A 1 13  ? 18.328  8.827   -4.421  1.00 39.03  ? 13  ASN A CA   1 
ATOM   103  C  C    . ASN A 1 13  ? 17.101  8.151   -5.013  1.00 39.52  ? 13  ASN A C    1 
ATOM   104  O  O    . ASN A 1 13  ? 17.136  7.603   -6.121  1.00 29.43  ? 13  ASN A O    1 
ATOM   105  C  CB   . ASN A 1 13  ? 18.891  9.860   -5.395  1.00 46.72  ? 13  ASN A CB   1 
ATOM   106  C  CG   . ASN A 1 13  ? 17.904  10.981  -5.691  1.00 39.46  ? 13  ASN A CG   1 
ATOM   107  O  OD1  . ASN A 1 13  ? 17.024  10.848  -6.546  1.00 40.13  ? 13  ASN A OD1  1 
ATOM   108  N  ND2  . ASN A 1 13  ? 18.041  12.088  -4.975  1.00 42.32  ? 13  ASN A ND2  1 
ATOM   109  N  N    . LEU A 1 14  ? 16.021  8.191   -4.244  1.00 34.00  ? 14  LEU A N    1 
ATOM   110  C  CA   . LEU A 1 14  ? 14.758  7.570   -4.612  1.00 36.86  ? 14  LEU A CA   1 
ATOM   111  C  C    . LEU A 1 14  ? 14.224  8.040   -5.954  1.00 29.27  ? 14  LEU A C    1 
ATOM   112  O  O    . LEU A 1 14  ? 13.754  7.238   -6.753  1.00 40.77  ? 14  LEU A O    1 
ATOM   113  C  CB   . LEU A 1 14  ? 13.723  7.841   -3.513  1.00 44.86  ? 14  LEU A CB   1 
ATOM   114  C  CG   . LEU A 1 14  ? 12.563  6.856   -3.384  1.00 41.41  ? 14  LEU A CG   1 
ATOM   115  C  CD1  . LEU A 1 14  ? 13.111  5.471   -3.050  1.00 39.46  ? 14  LEU A CD1  1 
ATOM   116  C  CD2  . LEU A 1 14  ? 11.611  7.333   -2.299  1.00 48.25  ? 14  LEU A CD2  1 
HETATM 117  N  N    . CGU A 1 15  ? 14.297  9.342   -6.198  1.00 33.60  ? 15  CGU A N    1 
HETATM 118  C  CA   . CGU A 1 15  ? 13.800  9.906   -7.450  1.00 32.76  ? 15  CGU A CA   1 
HETATM 119  C  C    . CGU A 1 15  ? 14.546  9.366   -8.671  1.00 37.97  ? 15  CGU A C    1 
HETATM 120  O  O    . CGU A 1 15  ? 13.934  8.927   -9.647  1.00 35.49  ? 15  CGU A O    1 
HETATM 121  C  CB   . CGU A 1 15  ? 13.929  11.431  -7.411  1.00 31.77  ? 15  CGU A CB   1 
HETATM 122  C  CG   . CGU A 1 15  ? 13.357  12.225  -8.590  1.00 32.58  ? 15  CGU A CG   1 
HETATM 123  C  CD1  . CGU A 1 15  ? 12.003  11.797  -9.094  1.00 28.54  ? 15  CGU A CD1  1 
HETATM 124  C  CD2  . CGU A 1 15  ? 13.863  13.631  -8.821  1.00 30.40  ? 15  CGU A CD2  1 
HETATM 125  O  OE11 . CGU A 1 15  ? 11.141  11.488  -8.239  1.00 38.84  ? 15  CGU A OE11 1 
HETATM 126  O  OE12 . CGU A 1 15  ? 11.830  11.792  -10.330 1.00 42.36  ? 15  CGU A OE12 1 
HETATM 127  O  OE21 . CGU A 1 15  ? 13.750  14.106  -9.970  1.00 34.36  ? 15  CGU A OE21 1 
HETATM 128  O  OE22 . CGU A 1 15  ? 14.345  14.235  -7.846  1.00 34.78  ? 15  CGU A OE22 1 
ATOM   129  N  N    . ARG A 1 16  ? 15.873  9.405   -8.604  1.00 34.07  ? 16  ARG A N    1 
ATOM   130  C  CA   . ARG A 1 16  ? 16.723  8.951   -9.696  1.00 37.89  ? 16  ARG A CA   1 
ATOM   131  C  C    . ARG A 1 16  ? 16.673  7.443   -9.882  1.00 35.65  ? 16  ARG A C    1 
ATOM   132  O  O    . ARG A 1 16  ? 16.433  6.945   -10.980 1.00 35.21  ? 16  ARG A O    1 
ATOM   133  C  CB   . ARG A 1 16  ? 18.171  9.372   -9.427  1.00 37.79  ? 16  ARG A CB   1 
ATOM   134  C  CG   . ARG A 1 16  ? 19.150  9.061   -10.556 1.00 38.74  ? 16  ARG A CG   1 
ATOM   135  C  CD   . ARG A 1 16  ? 20.516  8.682   -9.991  1.00 44.90  ? 16  ARG A CD   1 
ATOM   136  N  NE   . ARG A 1 16  ? 20.992  9.645   -9.004  1.00 48.21  ? 16  ARG A NE   1 
ATOM   137  C  CZ   . ARG A 1 16  ? 21.704  9.323   -7.927  1.00 51.87  ? 16  ARG A CZ   1 
ATOM   138  N  NH1  . ARG A 1 16  ? 22.022  8.060   -7.695  1.00 32.98  ? 16  ARG A NH1  1 
ATOM   139  N  NH2  . ARG A 1 16  ? 22.089  10.263  -7.075  1.00 45.64  ? 16  ARG A NH2  1 
HETATM 140  N  N    . CGU A 1 17  ? 16.886  6.725   -8.785  1.00 35.96  ? 17  CGU A N    1 
HETATM 141  C  CA   . CGU A 1 17  ? 16.927  5.271   -8.791  1.00 32.48  ? 17  CGU A CA   1 
HETATM 142  C  C    . CGU A 1 17  ? 15.628  4.468   -8.817  1.00 44.67  ? 17  CGU A C    1 
HETATM 143  O  O    . CGU A 1 17  ? 15.599  3.380   -9.396  1.00 33.63  ? 17  CGU A O    1 
HETATM 144  C  CB   . CGU A 1 17  ? 17.779  4.796   -7.614  1.00 36.92  ? 17  CGU A CB   1 
HETATM 145  C  CG   . CGU A 1 17  ? 19.288  4.982   -7.799  1.00 27.98  ? 17  CGU A CG   1 
HETATM 146  C  CD1  . CGU A 1 17  ? 20.137  4.817   -6.558  1.00 33.99  ? 17  CGU A CD1  1 
HETATM 147  C  CD2  . CGU A 1 17  ? 19.845  4.800   -9.197  1.00 31.51  ? 17  CGU A CD2  1 
HETATM 148  O  OE11 . CGU A 1 17  ? 21.157  4.105   -6.661  1.00 43.45  ? 17  CGU A OE11 1 
HETATM 149  O  OE12 . CGU A 1 17  ? 19.772  5.390   -5.508  1.00 34.80  ? 17  CGU A OE12 1 
HETATM 150  O  OE21 . CGU A 1 17  ? 19.830  3.649   -9.672  1.00 43.00  ? 17  CGU A OE21 1 
HETATM 151  O  OE22 . CGU A 1 17  ? 20.286  5.800   -9.798  1.00 43.64  ? 17  CGU A OE22 1 
ATOM   152  N  N    . CYS A 1 18  ? 14.560  4.983   -8.210  1.00 44.00  ? 18  CYS A N    1 
ATOM   153  C  CA   . CYS A 1 18  ? 13.299  4.241   -8.175  1.00 36.65  ? 18  CYS A CA   1 
ATOM   154  C  C    . CYS A 1 18  ? 12.105  4.823   -8.921  1.00 39.61  ? 18  CYS A C    1 
ATOM   155  O  O    . CYS A 1 18  ? 11.232  4.082   -9.369  1.00 41.16  ? 18  CYS A O    1 
ATOM   156  C  CB   . CYS A 1 18  ? 12.885  4.002   -6.730  1.00 33.88  ? 18  CYS A CB   1 
ATOM   157  S  SG   . CYS A 1 18  ? 13.959  2.875   -5.787  1.00 36.95  ? 18  CYS A SG   1 
ATOM   158  N  N    . LEU A 1 19  ? 12.048  6.142   -9.055  1.00 41.02  ? 19  LEU A N    1 
ATOM   159  C  CA   . LEU A 1 19  ? 10.925  6.765   -9.737  1.00 35.31  ? 19  LEU A CA   1 
ATOM   160  C  C    . LEU A 1 19  ? 11.225  7.094   -11.192 1.00 36.41  ? 19  LEU A C    1 
ATOM   161  O  O    . LEU A 1 19  ? 10.328  7.049   -12.037 1.00 42.43  ? 19  LEU A O    1 
ATOM   162  C  CB   . LEU A 1 19  ? 10.480  8.016   -8.970  1.00 24.19  ? 19  LEU A CB   1 
ATOM   163  C  CG   . LEU A 1 19  ? 10.162  7.663   -7.516  1.00 37.59  ? 19  LEU A CG   1 
ATOM   164  C  CD1  . LEU A 1 19  ? 9.808   8.910   -6.710  1.00 39.79  ? 19  LEU A CD1  1 
ATOM   165  C  CD2  . LEU A 1 19  ? 9.024   6.664   -7.494  1.00 41.00  ? 19  LEU A CD2  1 
HETATM 166  N  N    . CGU A 1 20  ? 12.481  7.420   -11.485 1.00 40.10  ? 20  CGU A N    1 
HETATM 167  C  CA   . CGU A 1 20  ? 12.887  7.725   -12.859 1.00 37.05  ? 20  CGU A CA   1 
HETATM 168  C  C    . CGU A 1 20  ? 13.325  6.448   -13.564 1.00 39.81  ? 20  CGU A C    1 
HETATM 169  O  O    . CGU A 1 20  ? 13.403  6.397   -14.788 1.00 42.68  ? 20  CGU A O    1 
HETATM 170  C  CB   . CGU A 1 20  ? 14.047  8.719   -12.878 1.00 46.00  ? 20  CGU A CB   1 
HETATM 171  C  CG   . CGU A 1 20  ? 13.816  10.232  -12.847 1.00 40.55  ? 20  CGU A CG   1 
HETATM 172  C  CD1  . CGU A 1 20  ? 15.005  11.060  -12.408 1.00 50.24  ? 20  CGU A CD1  1 
HETATM 173  C  CD2  . CGU A 1 20  ? 12.730  10.811  -13.726 1.00 52.63  ? 20  CGU A CD2  1 
HETATM 174  O  OE11 . CGU A 1 20  ? 14.786  12.195  -11.931 1.00 48.22  ? 20  CGU A OE11 1 
HETATM 175  O  OE12 . CGU A 1 20  ? 16.138  10.553  -12.556 1.00 50.60  ? 20  CGU A OE12 1 
HETATM 176  O  OE21 . CGU A 1 20  ? 12.141  11.842  -13.327 1.00 50.97  ? 20  CGU A OE21 1 
HETATM 177  O  OE22 . CGU A 1 20  ? 12.496  10.233  -14.808 1.00 37.53  ? 20  CGU A OE22 1 
HETATM 178  N  N    . CGU A 1 21  ? 13.622  5.425   -12.766 1.00 42.72  ? 21  CGU A N    1 
HETATM 179  C  CA   . CGU A 1 21  ? 14.062  4.120   -13.254 1.00 40.02  ? 21  CGU A CA   1 
HETATM 180  C  C    . CGU A 1 21  ? 13.482  3.076   -12.317 1.00 39.33  ? 21  CGU A C    1 
HETATM 181  O  O    . CGU A 1 21  ? 13.162  3.377   -11.164 1.00 35.72  ? 21  CGU A O    1 
HETATM 182  C  CB   . CGU A 1 21  ? 15.587  3.957   -13.151 1.00 37.97  ? 21  CGU A CB   1 
HETATM 183  C  CG   . CGU A 1 21  ? 16.731  4.682   -13.866 1.00 45.34  ? 21  CGU A CG   1 
HETATM 184  C  CD1  . CGU A 1 21  ? 18.029  4.846   -13.067 1.00 38.80  ? 21  CGU A CD1  1 
HETATM 185  C  CD2  . CGU A 1 21  ? 16.696  4.752   -15.383 1.00 55.94  ? 21  CGU A CD2  1 
HETATM 186  O  OE11 . CGU A 1 21  ? 18.284  4.025   -12.158 1.00 41.13  ? 21  CGU A OE11 1 
HETATM 187  O  OE12 . CGU A 1 21  ? 18.779  5.795   -13.369 1.00 56.99  ? 21  CGU A OE12 1 
HETATM 188  O  OE21 . CGU A 1 21  ? 16.220  3.773   -15.999 1.00 62.82  ? 21  CGU A OE21 1 
HETATM 189  O  OE22 . CGU A 1 21  ? 17.153  5.779   -15.935 1.00 62.02  ? 21  CGU A OE22 1 
ATOM   190  N  N    . PRO A 1 22  ? 13.342  1.834   -12.798 1.00 37.64  ? 22  PRO A N    1 
ATOM   191  C  CA   . PRO A 1 22  ? 12.814  0.772   -11.940 1.00 32.93  ? 22  PRO A CA   1 
ATOM   192  C  C    . PRO A 1 22  ? 13.967  0.453   -10.985 1.00 34.77  ? 22  PRO A C    1 
ATOM   193  O  O    . PRO A 1 22  ? 15.133  0.625   -11.350 1.00 37.30  ? 22  PRO A O    1 
ATOM   194  C  CB   . PRO A 1 22  ? 12.543  -0.364  -12.923 1.00 37.80  ? 22  PRO A CB   1 
ATOM   195  C  CG   . PRO A 1 22  ? 13.596  -0.150  -13.986 1.00 36.35  ? 22  PRO A CG   1 
ATOM   196  C  CD   . PRO A 1 22  ? 13.544  1.349   -14.176 1.00 42.60  ? 22  PRO A CD   1 
ATOM   197  N  N    . CYS A 1 23  ? 13.663  0.006   -9.772  1.00 37.16  ? 23  CYS A N    1 
ATOM   198  C  CA   . CYS A 1 23  ? 14.725  -0.297  -8.822  1.00 34.23  ? 23  CYS A CA   1 
ATOM   199  C  C    . CYS A 1 23  ? 14.431  -1.567  -8.042  1.00 40.43  ? 23  CYS A C    1 
ATOM   200  O  O    . CYS A 1 23  ? 13.302  -2.044  -8.036  1.00 42.51  ? 23  CYS A O    1 
ATOM   201  C  CB   . CYS A 1 23  ? 14.908  0.868   -7.850  1.00 35.55  ? 23  CYS A CB   1 
ATOM   202  S  SG   . CYS A 1 23  ? 13.574  1.062   -6.619  1.00 37.22  ? 23  CYS A SG   1 
ATOM   203  N  N    . SER A 1 24  ? 15.458  -2.108  -7.390  1.00 39.78  ? 24  SER A N    1 
ATOM   204  C  CA   . SER A 1 24  ? 15.326  -3.323  -6.589  1.00 38.47  ? 24  SER A CA   1 
ATOM   205  C  C    . SER A 1 24  ? 15.072  -2.910  -5.146  1.00 37.75  ? 24  SER A C    1 
ATOM   206  O  O    . SER A 1 24  ? 15.363  -1.774  -4.772  1.00 39.16  ? 24  SER A O    1 
ATOM   207  C  CB   . SER A 1 24  ? 16.617  -4.137  -6.643  1.00 28.38  ? 24  SER A CB   1 
ATOM   208  O  OG   . SER A 1 24  ? 17.656  -3.444  -5.972  1.00 36.62  ? 24  SER A OG   1 
ATOM   209  N  N    . ARG A 1 25  ? 14.555  -3.823  -4.328  1.00 32.74  ? 25  ARG A N    1 
ATOM   210  C  CA   . ARG A 1 25  ? 14.289  -3.477  -2.938  1.00 41.24  ? 25  ARG A CA   1 
ATOM   211  C  C    . ARG A 1 25  ? 15.543  -2.958  -2.241  1.00 37.04  ? 25  ARG A C    1 
ATOM   212  O  O    . ARG A 1 25  ? 15.469  -2.013  -1.449  1.00 47.79  ? 25  ARG A O    1 
ATOM   213  C  CB   . ARG A 1 25  ? 13.717  -4.668  -2.154  1.00 38.15  ? 25  ARG A CB   1 
ATOM   214  C  CG   . ARG A 1 25  ? 13.209  -4.267  -0.757  1.00 40.26  ? 25  ARG A CG   1 
ATOM   215  C  CD   . ARG A 1 25  ? 12.410  -5.373  -0.080  1.00 53.74  ? 25  ARG A CD   1 
ATOM   216  N  NE   . ARG A 1 25  ? 11.774  -4.925  1.160   1.00 55.91  ? 25  ARG A NE   1 
ATOM   217  C  CZ   . ARG A 1 25  ? 12.436  -4.536  2.247   1.00 67.76  ? 25  ARG A CZ   1 
ATOM   218  N  NH1  . ARG A 1 25  ? 13.762  -4.538  2.258   1.00 67.18  ? 25  ARG A NH1  1 
ATOM   219  N  NH2  . ARG A 1 25  ? 11.772  -4.139  3.327   1.00 51.30  ? 25  ARG A NH2  1 
HETATM 220  N  N    . CGU A 1 26  ? 16.693  -3.562  -2.532  1.00 34.97  ? 26  CGU A N    1 
HETATM 221  C  CA   . CGU A 1 26  ? 17.938  -3.125  -1.912  1.00 31.03  ? 26  CGU A CA   1 
HETATM 222  C  C    . CGU A 1 26  ? 18.274  -1.692  -2.338  1.00 33.71  ? 26  CGU A C    1 
HETATM 223  O  O    . CGU A 1 26  ? 18.774  -0.902  -1.538  1.00 33.05  ? 26  CGU A O    1 
HETATM 224  C  CB   . CGU A 1 26  ? 19.089  -4.068  -2.270  1.00 31.92  ? 26  CGU A CB   1 
HETATM 225  C  CG   . CGU A 1 26  ? 20.409  -3.804  -1.520  1.00 44.73  ? 26  CGU A CG   1 
HETATM 226  C  CD1  . CGU A 1 26  ? 20.326  -3.345  -0.074  1.00 43.44  ? 26  CGU A CD1  1 
HETATM 227  C  CD2  . CGU A 1 26  ? 21.695  -4.361  -2.098  1.00 46.31  ? 26  CGU A CD2  1 
HETATM 228  O  OE11 . CGU A 1 26  ? 19.479  -3.891  0.663   1.00 53.64  ? 26  CGU A OE11 1 
HETATM 229  O  OE12 . CGU A 1 26  ? 21.119  -2.454  0.305   1.00 48.31  ? 26  CGU A OE12 1 
HETATM 230  O  OE21 . CGU A 1 26  ? 22.765  -3.875  -1.681  1.00 39.76  ? 26  CGU A OE21 1 
HETATM 231  O  OE22 . CGU A 1 26  ? 21.613  -5.274  -2.947  1.00 56.27  ? 26  CGU A OE22 1 
HETATM 232  N  N    . CGU A 1 27  ? 18.000  -1.353  -3.595  1.00 39.03  ? 27  CGU A N    1 
HETATM 233  C  CA   . CGU A 1 27  ? 18.263  0.007   -4.055  1.00 43.12  ? 27  CGU A CA   1 
HETATM 234  C  C    . CGU A 1 27  ? 17.372  0.970   -3.261  1.00 46.00  ? 27  CGU A C    1 
HETATM 235  O  O    . CGU A 1 27  ? 17.836  1.998   -2.764  1.00 41.59  ? 27  CGU A O    1 
HETATM 236  C  CB   . CGU A 1 27  ? 17.980  0.149   -5.556  1.00 39.64  ? 27  CGU A CB   1 
HETATM 237  C  CG   . CGU A 1 27  ? 19.118  -0.040  -6.573  1.00 35.18  ? 27  CGU A CG   1 
HETATM 238  C  CD1  . CGU A 1 27  ? 20.548  0.110   -6.059  1.00 40.79  ? 27  CGU A CD1  1 
HETATM 239  C  CD2  . CGU A 1 27  ? 18.765  0.072   -8.054  1.00 51.76  ? 27  CGU A CD2  1 
HETATM 240  O  OE11 . CGU A 1 27  ? 21.019  1.261   -5.979  1.00 32.60  ? 27  CGU A OE11 1 
HETATM 241  O  OE12 . CGU A 1 27  ? 21.184  -0.917  -5.751  1.00 31.39  ? 27  CGU A OE12 1 
HETATM 242  O  OE21 . CGU A 1 27  ? 18.031  -0.801  -8.568  1.00 38.75  ? 27  CGU A OE21 1 
HETATM 243  O  OE22 . CGU A 1 27  ? 19.228  1.045   -8.686  1.00 48.32  ? 27  CGU A OE22 1 
ATOM   244  N  N    . ALA A 1 28  ? 16.091  0.630   -3.136  1.00 34.28  ? 28  ALA A N    1 
ATOM   245  C  CA   . ALA A 1 28  ? 15.161  1.466   -2.383  1.00 28.36  ? 28  ALA A CA   1 
ATOM   246  C  C    . ALA A 1 28  ? 15.673  1.615   -0.956  1.00 34.45  ? 28  ALA A C    1 
ATOM   247  O  O    . ALA A 1 28  ? 15.662  2.709   -0.388  1.00 36.33  ? 28  ALA A O    1 
ATOM   248  C  CB   . ALA A 1 28  ? 13.769  0.839   -2.378  1.00 19.77  ? 28  ALA A CB   1 
ATOM   249  N  N    . PHE A 1 29  ? 16.127  0.506   -0.379  1.00 35.96  ? 29  PHE A N    1 
ATOM   250  C  CA   . PHE A 1 29  ? 16.644  0.524   0.984   1.00 31.13  ? 29  PHE A CA   1 
ATOM   251  C  C    . PHE A 1 29  ? 17.830  1.486   1.088   1.00 35.02  ? 29  PHE A C    1 
ATOM   252  O  O    . PHE A 1 29  ? 17.940  2.247   2.050   1.00 35.06  ? 29  PHE A O    1 
ATOM   253  C  CB   . PHE A 1 29  ? 17.076  -0.881  1.407   1.00 39.94  ? 29  PHE A CB   1 
ATOM   254  C  CG   . PHE A 1 29  ? 17.684  -0.937  2.775   1.00 46.70  ? 29  PHE A CG   1 
ATOM   255  C  CD1  . PHE A 1 29  ? 16.897  -0.750  3.908   1.00 41.92  ? 29  PHE A CD1  1 
ATOM   256  C  CD2  . PHE A 1 29  ? 19.056  -1.127  2.932   1.00 55.51  ? 29  PHE A CD2  1 
ATOM   257  C  CE1  . PHE A 1 29  ? 17.465  -0.749  5.178   1.00 56.02  ? 29  PHE A CE1  1 
ATOM   258  C  CE2  . PHE A 1 29  ? 19.637  -1.127  4.200   1.00 56.95  ? 29  PHE A CE2  1 
ATOM   259  C  CZ   . PHE A 1 29  ? 18.841  -0.937  5.324   1.00 56.98  ? 29  PHE A CZ   1 
HETATM 260  N  N    . CGU A 1 30  ? 18.713  1.448   0.094   1.00 38.57  ? 30  CGU A N    1 
HETATM 261  C  CA   . CGU A 1 30  ? 19.882  2.323   0.075   1.00 38.99  ? 30  CGU A CA   1 
HETATM 262  C  C    . CGU A 1 30  ? 19.449  3.790   -0.031  1.00 48.61  ? 30  CGU A C    1 
HETATM 263  O  O    . CGU A 1 30  ? 20.047  4.665   0.590   1.00 48.15  ? 30  CGU A O    1 
HETATM 264  C  CB   . CGU A 1 30  ? 20.790  1.975   -1.111  1.00 38.86  ? 30  CGU A CB   1 
HETATM 265  C  CG   . CGU A 1 30  ? 21.851  0.868   -1.023  1.00 36.39  ? 30  CGU A CG   1 
HETATM 266  C  CD1  . CGU A 1 30  ? 22.807  0.933   0.146   1.00 43.19  ? 30  CGU A CD1  1 
HETATM 267  C  CD2  . CGU A 1 30  ? 22.226  0.135   -2.292  1.00 33.49  ? 30  CGU A CD2  1 
HETATM 268  O  OE11 . CGU A 1 30  ? 23.314  -0.140  0.548   1.00 42.68  ? 30  CGU A OE11 1 
HETATM 269  O  OE12 . CGU A 1 30  ? 23.040  2.059   0.629   1.00 39.73  ? 30  CGU A OE12 1 
HETATM 270  O  OE21 . CGU A 1 30  ? 22.191  0.767   -3.361  1.00 37.71  ? 30  CGU A OE21 1 
HETATM 271  O  OE22 . CGU A 1 30  ? 22.558  -1.060  -2.195  1.00 39.63  ? 30  CGU A OE22 1 
ATOM   272  N  N    . ALA A 1 31  ? 18.399  4.046   -0.809  1.00 39.98  ? 31  ALA A N    1 
ATOM   273  C  CA   . ALA A 1 31  ? 17.906  5.402   -1.015  1.00 42.40  ? 31  ALA A CA   1 
ATOM   274  C  C    . ALA A 1 31  ? 17.097  5.954   0.158   1.00 45.38  ? 31  ALA A C    1 
ATOM   275  O  O    . ALA A 1 31  ? 16.946  7.167   0.288   1.00 56.65  ? 31  ALA A O    1 
ATOM   276  C  CB   . ALA A 1 31  ? 17.072  5.461   -2.301  1.00 35.37  ? 31  ALA A CB   1 
ATOM   277  N  N    . LEU A 1 32  ? 16.584  5.068   1.009   1.00 49.29  ? 32  LEU A N    1 
ATOM   278  C  CA   . LEU A 1 32  ? 15.780  5.486   2.158   1.00 45.59  ? 32  LEU A CA   1 
ATOM   279  C  C    . LEU A 1 32  ? 16.567  5.393   3.455   1.00 49.99  ? 32  LEU A C    1 
ATOM   280  O  O    . LEU A 1 32  ? 17.637  4.789   3.490   1.00 68.16  ? 32  LEU A O    1 
ATOM   281  C  CB   . LEU A 1 32  ? 14.505  4.642   2.230   1.00 34.72  ? 32  LEU A CB   1 
ATOM   282  C  CG   . LEU A 1 32  ? 13.651  4.823   0.971   1.00 31.43  ? 32  LEU A CG   1 
ATOM   283  C  CD1  . LEU A 1 32  ? 12.544  3.788   0.920   1.00 34.41  ? 32  LEU A CD1  1 
ATOM   284  C  CD2  . LEU A 1 32  ? 13.093  6.247   0.947   1.00 33.84  ? 32  LEU A CD2  1 
HETATM 285  N  N    . CGU A 1 33  ? 16.040  5.987   4.524   1.00 58.87  ? 33  CGU A N    1 
HETATM 286  C  CA   . CGU A 1 33  ? 16.746  5.981   5.804   1.00 72.92  ? 33  CGU A CA   1 
HETATM 287  C  C    . CGU A 1 33  ? 16.264  5.019   6.890   1.00 71.28  ? 33  CGU A C    1 
HETATM 288  O  O    . CGU A 1 33  ? 16.586  5.215   8.062   1.00 78.80  ? 33  CGU A O    1 
HETATM 289  C  CB   . CGU A 1 33  ? 16.786  7.401   6.386   1.00 82.53  ? 33  CGU A CB   1 
HETATM 290  C  CG   . CGU A 1 33  ? 17.655  8.470   5.706   1.00 92.51  ? 33  CGU A CG   1 
HETATM 291  C  CD1  . CGU A 1 33  ? 17.669  9.864   6.316   1.00 91.64  ? 33  CGU A CD1  1 
HETATM 292  C  CD2  . CGU A 1 33  ? 18.551  8.060   4.538   1.00 96.86  ? 33  CGU A CD2  1 
HETATM 293  O  OE11 . CGU A 1 33  ? 16.594  10.500  6.350   1.00 87.21  ? 33  CGU A OE11 1 
HETATM 294  O  OE12 . CGU A 1 33  ? 18.758  10.298  6.750   1.00 95.76  ? 33  CGU A OE12 1 
HETATM 295  O  OE21 . CGU A 1 33  ? 18.151  8.302   3.378   1.00 94.92  ? 33  CGU A OE21 1 
HETATM 296  O  OE22 . CGU A 1 33  ? 19.644  7.510   4.799   1.00 101.76 ? 33  CGU A OE22 1 
ATOM   297  N  N    . SER A 1 34  ? 15.507  3.986   6.522   1.00 65.92  ? 34  SER A N    1 
ATOM   298  C  CA   . SER A 1 34  ? 15.025  3.024   7.515   1.00 59.25  ? 34  SER A CA   1 
ATOM   299  C  C    . SER A 1 34  ? 14.247  1.858   6.917   1.00 55.33  ? 34  SER A C    1 
ATOM   300  O  O    . SER A 1 34  ? 13.735  1.944   5.800   1.00 49.40  ? 34  SER A O    1 
ATOM   301  C  CB   . SER A 1 34  ? 14.140  3.720   8.555   1.00 54.56  ? 34  SER A CB   1 
ATOM   302  O  OG   . SER A 1 34  ? 12.940  4.193   7.972   1.00 56.77  ? 34  SER A OG   1 
ATOM   303  N  N    . LEU A 1 35  ? 14.158  0.770   7.681   1.00 48.84  ? 35  LEU A N    1 
ATOM   304  C  CA   . LEU A 1 35  ? 13.436  -0.418  7.248   1.00 50.30  ? 35  LEU A CA   1 
ATOM   305  C  C    . LEU A 1 35  ? 11.952  -0.092  7.146   1.00 44.16  ? 35  LEU A C    1 
ATOM   306  O  O    . LEU A 1 35  ? 11.268  -0.532  6.218   1.00 42.39  ? 35  LEU A O    1 
ATOM   307  C  CB   . LEU A 1 35  ? 13.645  -1.565  8.242   1.00 47.93  ? 35  LEU A CB   1 
ATOM   308  C  CG   . LEU A 1 35  ? 12.941  -2.880  7.874   1.00 53.75  ? 35  LEU A CG   1 
ATOM   309  C  CD1  . LEU A 1 35  ? 13.408  -3.342  6.505   1.00 63.59  ? 35  LEU A CD1  1 
ATOM   310  C  CD2  . LEU A 1 35  ? 13.235  -3.948  8.915   1.00 58.44  ? 35  LEU A CD2  1 
ATOM   311  N  N    . SER A 1 36  ? 11.459  0.680   8.107   1.00 34.57  ? 36  SER A N    1 
ATOM   312  C  CA   . SER A 1 36  ? 10.054  1.069   8.117   1.00 46.17  ? 36  SER A CA   1 
ATOM   313  C  C    . SER A 1 36  ? 9.706   1.745   6.805   1.00 36.23  ? 36  SER A C    1 
ATOM   314  O  O    . SER A 1 36  ? 8.771   1.343   6.119   1.00 49.04  ? 36  SER A O    1 
ATOM   315  C  CB   . SER A 1 36  ? 9.763   2.032   9.272   1.00 34.19  ? 36  SER A CB   1 
ATOM   316  O  OG   . SER A 1 36  ? 9.722   1.346   10.511  1.00 66.00  ? 36  SER A OG   1 
ATOM   317  N  N    . ALA A 1 37  ? 10.476  2.770   6.460   1.00 38.62  ? 37  ALA A N    1 
ATOM   318  C  CA   . ALA A 1 37  ? 10.240  3.510   5.230   1.00 36.02  ? 37  ALA A CA   1 
ATOM   319  C  C    . ALA A 1 37  ? 10.395  2.610   4.012   1.00 34.69  ? 37  ALA A C    1 
ATOM   320  O  O    . ALA A 1 37  ? 9.671   2.768   3.031   1.00 35.29  ? 37  ALA A O    1 
ATOM   321  C  CB   . ALA A 1 37  ? 11.190  4.684   5.142   1.00 36.14  ? 37  ALA A CB   1 
ATOM   322  N  N    . THR A 1 38  ? 11.328  1.662   4.080   1.00 30.09  ? 38  THR A N    1 
ATOM   323  C  CA   . THR A 1 38  ? 11.539  0.743   2.967   1.00 34.93  ? 38  THR A CA   1 
ATOM   324  C  C    . THR A 1 38  ? 10.357  -0.221  2.788   1.00 30.29  ? 38  THR A C    1 
ATOM   325  O  O    . THR A 1 38  ? 9.939   -0.484  1.663   1.00 36.59  ? 38  THR A O    1 
ATOM   326  C  CB   . THR A 1 38  ? 12.824  -0.099  3.142   1.00 34.11  ? 38  THR A CB   1 
ATOM   327  O  OG1  . THR A 1 38  ? 13.947  0.767   3.355   1.00 29.66  ? 38  THR A OG1  1 
ATOM   328  C  CG2  . THR A 1 38  ? 13.071  -0.936  1.884   1.00 30.44  ? 38  THR A CG2  1 
ATOM   329  N  N    . ASP A 1 39  ? 9.830   -0.753  3.888   1.00 32.82  ? 39  ASP A N    1 
ATOM   330  C  CA   . ASP A 1 39  ? 8.693   -1.666  3.811   1.00 30.26  ? 39  ASP A CA   1 
ATOM   331  C  C    . ASP A 1 39  ? 7.492   -0.939  3.220   1.00 35.52  ? 39  ASP A C    1 
ATOM   332  O  O    . ASP A 1 39  ? 6.822   -1.453  2.324   1.00 36.85  ? 39  ASP A O    1 
ATOM   333  C  CB   . ASP A 1 39  ? 8.308   -2.207  5.200   1.00 39.05  ? 39  ASP A CB   1 
ATOM   334  C  CG   . ASP A 1 39  ? 9.284   -3.248  5.720   1.00 42.35  ? 39  ASP A CG   1 
ATOM   335  O  OD1  . ASP A 1 39  ? 9.785   -4.057  4.910   1.00 40.45  ? 39  ASP A OD1  1 
ATOM   336  O  OD2  . ASP A 1 39  ? 9.538   -3.270  6.942   1.00 42.75  ? 39  ASP A OD2  1 
ATOM   337  N  N    . ALA A 1 40  ? 7.225   0.261   3.729   1.00 30.22  ? 40  ALA A N    1 
ATOM   338  C  CA   . ALA A 1 40  ? 6.106   1.067   3.250   1.00 27.41  ? 40  ALA A CA   1 
ATOM   339  C  C    . ALA A 1 40  ? 6.257   1.375   1.764   1.00 28.84  ? 40  ALA A C    1 
ATOM   340  O  O    . ALA A 1 40  ? 5.356   1.090   0.979   1.00 41.52  ? 40  ALA A O    1 
ATOM   341  C  CB   . ALA A 1 40  ? 6.016   2.368   4.049   1.00 25.63  ? 40  ALA A CB   1 
ATOM   342  N  N    . PHE A 1 41  ? 7.396   1.945   1.376   1.00 32.08  ? 41  PHE A N    1 
ATOM   343  C  CA   . PHE A 1 41  ? 7.625   2.279   -0.028  1.00 31.52  ? 41  PHE A CA   1 
ATOM   344  C  C    . PHE A 1 41  ? 7.548   1.076   -0.960  1.00 42.09  ? 41  PHE A C    1 
ATOM   345  O  O    . PHE A 1 41  ? 6.907   1.141   -2.010  1.00 39.34  ? 41  PHE A O    1 
ATOM   346  C  CB   . PHE A 1 41  ? 8.987   2.942   -0.231  1.00 36.67  ? 41  PHE A CB   1 
ATOM   347  C  CG   . PHE A 1 41  ? 9.292   3.242   -1.677  1.00 36.52  ? 41  PHE A CG   1 
ATOM   348  C  CD1  . PHE A 1 41  ? 8.682   4.315   -2.323  1.00 31.19  ? 41  PHE A CD1  1 
ATOM   349  C  CD2  . PHE A 1 41  ? 10.140  2.415   -2.411  1.00 37.33  ? 41  PHE A CD2  1 
ATOM   350  C  CE1  . PHE A 1 41  ? 8.905   4.560   -3.687  1.00 33.49  ? 41  PHE A CE1  1 
ATOM   351  C  CE2  . PHE A 1 41  ? 10.369  2.651   -3.771  1.00 39.81  ? 41  PHE A CE2  1 
ATOM   352  C  CZ   . PHE A 1 41  ? 9.747   3.726   -4.408  1.00 26.53  ? 41  PHE A CZ   1 
ATOM   353  N  N    . TRP A 1 42  ? 8.201   -0.021  -0.586  1.00 37.93  ? 42  TRP A N    1 
ATOM   354  C  CA   . TRP A 1 42  ? 8.195   -1.202  -1.443  1.00 40.77  ? 42  TRP A CA   1 
ATOM   355  C  C    . TRP A 1 42  ? 6.801   -1.780  -1.682  1.00 40.09  ? 42  TRP A C    1 
ATOM   356  O  O    . TRP A 1 42  ? 6.510   -2.279  -2.772  1.00 36.26  ? 42  TRP A O    1 
ATOM   357  C  CB   . TRP A 1 42  ? 9.115   -2.286  -0.879  1.00 29.34  ? 42  TRP A CB   1 
ATOM   358  C  CG   . TRP A 1 42  ? 9.416   -3.326  -1.904  1.00 41.47  ? 42  TRP A CG   1 
ATOM   359  C  CD1  . TRP A 1 42  ? 8.954   -4.607  -1.935  1.00 41.94  ? 42  TRP A CD1  1 
ATOM   360  C  CD2  . TRP A 1 42  ? 10.198  -3.150  -3.094  1.00 40.30  ? 42  TRP A CD2  1 
ATOM   361  N  NE1  . TRP A 1 42  ? 9.395   -5.242  -3.074  1.00 41.89  ? 42  TRP A NE1  1 
ATOM   362  C  CE2  . TRP A 1 42  ? 10.159  -4.370  -3.802  1.00 38.26  ? 42  TRP A CE2  1 
ATOM   363  C  CE3  . TRP A 1 42  ? 10.924  -2.080  -3.632  1.00 36.02  ? 42  TRP A CE3  1 
ATOM   364  C  CZ2  . TRP A 1 42  ? 10.823  -4.551  -5.020  1.00 45.61  ? 42  TRP A CZ2  1 
ATOM   365  C  CZ3  . TRP A 1 42  ? 11.583  -2.260  -4.842  1.00 35.39  ? 42  TRP A CZ3  1 
ATOM   366  C  CH2  . TRP A 1 42  ? 11.527  -3.488  -5.522  1.00 36.45  ? 42  TRP A CH2  1 
ATOM   367  N  N    . ALA A 1 43  ? 5.946   -1.707  -0.666  1.00 34.71  ? 43  ALA A N    1 
ATOM   368  C  CA   . ALA A 1 43  ? 4.581   -2.210  -0.784  1.00 38.83  ? 43  ALA A CA   1 
ATOM   369  C  C    . ALA A 1 43  ? 3.775   -1.331  -1.735  1.00 24.08  ? 43  ALA A C    1 
ATOM   370  O  O    . ALA A 1 43  ? 2.951   -1.828  -2.491  1.00 41.33  ? 43  ALA A O    1 
ATOM   371  C  CB   . ALA A 1 43  ? 3.911   -2.251  0.589   1.00 36.72  ? 43  ALA A CB   1 
ATOM   372  N  N    . LYS A 1 44  ? 4.026   -0.026  -1.697  1.00 30.98  ? 44  LYS A N    1 
ATOM   373  C  CA   . LYS A 1 44  ? 3.318   0.917   -2.562  1.00 36.94  ? 44  LYS A CA   1 
ATOM   374  C  C    . LYS A 1 44  ? 3.872   0.818   -3.981  1.00 35.52  ? 44  LYS A C    1 
ATOM   375  O  O    . LYS A 1 44  ? 3.136   0.865   -4.969  1.00 33.74  ? 44  LYS A O    1 
ATOM   376  C  CB   . LYS A 1 44  ? 3.507   2.353   -2.048  1.00 28.48  ? 44  LYS A CB   1 
ATOM   377  C  CG   . LYS A 1 44  ? 3.192   2.530   -0.572  1.00 38.72  ? 44  LYS A CG   1 
ATOM   378  C  CD   . LYS A 1 44  ? 3.518   3.935   -0.077  1.00 40.06  ? 44  LYS A CD   1 
ATOM   379  C  CE   . LYS A 1 44  ? 2.605   4.971   -0.708  1.00 47.65  ? 44  LYS A CE   1 
ATOM   380  N  NZ   . LYS A 1 44  ? 2.819   6.323   -0.131  1.00 59.58  ? 44  LYS A NZ   1 
ATOM   381  N  N    . TYR A 1 45  ? 5.187   0.674   -4.056  1.00 39.00  ? 45  TYR A N    1 
ATOM   382  C  CA   . TYR A 1 45  ? 5.906   0.584   -5.317  1.00 31.73  ? 45  TYR A CA   1 
ATOM   383  C  C    . TYR A 1 45  ? 5.483   -0.636  -6.141  1.00 36.58  ? 45  TYR A C    1 
ATOM   384  O  O    . TYR A 1 45  ? 5.152   -0.505  -7.321  1.00 42.86  ? 45  TYR A O    1 
ATOM   385  C  CB   . TYR A 1 45  ? 7.413   0.555   -5.017  1.00 33.52  ? 45  TYR A CB   1 
ATOM   386  C  CG   . TYR A 1 45  ? 8.320   0.702   -6.212  1.00 36.19  ? 45  TYR A CG   1 
ATOM   387  C  CD1  . TYR A 1 45  ? 8.125   1.724   -7.138  1.00 41.63  ? 45  TYR A CD1  1 
ATOM   388  C  CD2  . TYR A 1 45  ? 9.402   -0.158  -6.397  1.00 36.21  ? 45  TYR A CD2  1 
ATOM   389  C  CE1  . TYR A 1 45  ? 8.984   1.890   -8.216  1.00 38.05  ? 45  TYR A CE1  1 
ATOM   390  C  CE2  . TYR A 1 45  ? 10.269  -0.002  -7.475  1.00 43.96  ? 45  TYR A CE2  1 
ATOM   391  C  CZ   . TYR A 1 45  ? 10.054  1.024   -8.378  1.00 41.62  ? 45  TYR A CZ   1 
ATOM   392  O  OH   . TYR A 1 45  ? 10.899  1.195   -9.446  1.00 41.39  ? 45  TYR A OH   1 
ATOM   393  N  N    . THR A 1 46  ? 5.479   -1.815  -5.519  1.00 37.09  ? 46  THR A N    1 
ATOM   394  C  CA   . THR A 1 46  ? 5.101   -3.041  -6.222  1.00 34.78  ? 46  THR A CA   1 
ATOM   395  C  C    . THR A 1 46  ? 3.612   -3.077  -6.555  1.00 37.09  ? 46  THR A C    1 
ATOM   396  O  O    . THR A 1 46  ? 3.198   -3.710  -7.525  1.00 37.29  ? 46  THR A O    1 
ATOM   397  C  CB   . THR A 1 46  ? 5.442   -4.289  -5.392  1.00 29.70  ? 46  THR A CB   1 
ATOM   398  O  OG1  . THR A 1 46  ? 4.742   -4.236  -4.142  1.00 38.75  ? 46  THR A OG1  1 
ATOM   399  C  CG2  . THR A 1 46  ? 6.941   -4.359  -5.119  1.00 29.71  ? 46  THR A CG2  1 
ATOM   400  N  N    . ALA A 1 47  ? 2.807   -2.395  -5.749  1.00 34.82  ? 47  ALA A N    1 
ATOM   401  C  CA   . ALA A 1 47  ? 1.365   -2.367  -5.978  1.00 32.22  ? 47  ALA A CA   1 
ATOM   402  C  C    . ALA A 1 47  ? 1.012   -1.414  -7.114  1.00 27.48  ? 47  ALA A C    1 
ATOM   403  O  O    . ALA A 1 47  ? -0.152  -1.293  -7.477  1.00 42.29  ? 47  ALA A O    1 
ATOM   404  C  CB   . ALA A 1 47  ? 0.642   -1.949  -4.702  1.00 24.14  ? 47  ALA A CB   1 
ATOM   405  N  N    . CYS A 1 48  ? 2.019   -0.744  -7.672  1.00 39.78  ? 48  CYS A N    1 
ATOM   406  C  CA   . CYS A 1 48  ? 1.803   0.209   -8.755  1.00 30.80  ? 48  CYS A CA   1 
ATOM   407  C  C    . CYS A 1 48  ? 2.502   -0.108  -10.073 1.00 45.10  ? 48  CYS A C    1 
ATOM   408  O  O    . CYS A 1 48  ? 2.601   0.760   -10.944 1.00 45.65  ? 48  CYS A O    1 
ATOM   409  C  CB   . CYS A 1 48  ? 2.221   1.612   -8.307  1.00 40.26  ? 48  CYS A CB   1 
ATOM   410  S  SG   . CYS A 1 48  ? 1.100   2.341   -7.078  1.00 34.17  ? 48  CYS A SG   1 
ATOM   411  N  N    . GLU A 1 49  ? 2.973   -1.339  -10.239 1.00 46.57  ? 49  GLU A N    1 
ATOM   412  C  CA   . GLU A 1 49  ? 3.658   -1.696  -11.477 1.00 63.13  ? 49  GLU A CA   1 
ATOM   413  C  C    . GLU A 1 49  ? 2.806   -1.490  -12.728 1.00 55.77  ? 49  GLU A C    1 
ATOM   414  O  O    . GLU A 1 49  ? 3.321   -1.101  -13.775 1.00 56.98  ? 49  GLU A O    1 
ATOM   415  C  CB   . GLU A 1 49  ? 4.166   -3.142  -11.414 1.00 71.75  ? 49  GLU A CB   1 
ATOM   416  C  CG   . GLU A 1 49  ? 5.357   -3.327  -10.474 1.00 88.42  ? 49  GLU A CG   1 
ATOM   417  C  CD   . GLU A 1 49  ? 6.513   -2.385  -10.797 1.00 96.13  ? 49  GLU A CD   1 
ATOM   418  O  OE1  . GLU A 1 49  ? 7.069   -2.485  -11.913 1.00 102.74 ? 49  GLU A OE1  1 
ATOM   419  O  OE2  . GLU A 1 49  ? 6.864   -1.543  -9.939  1.00 87.86  ? 49  GLU A OE2  1 
ATOM   420  N  N    . SER A 1 50  ? 1.505   -1.731  -12.620 1.00 57.35  ? 50  SER A N    1 
ATOM   421  C  CA   . SER A 1 50  ? 0.621   -1.555  -13.767 1.00 51.35  ? 50  SER A CA   1 
ATOM   422  C  C    . SER A 1 50  ? 0.369   -0.079  -14.067 1.00 51.26  ? 50  SER A C    1 
ATOM   423  O  O    . SER A 1 50  ? -0.469  0.257   -14.907 1.00 47.13  ? 50  SER A O    1 
ATOM   424  C  CB   . SER A 1 50  ? -0.720  -2.272  -13.531 1.00 59.33  ? 50  SER A CB   1 
ATOM   425  O  OG   . SER A 1 50  ? -1.437  -1.731  -12.429 1.00 55.06  ? 50  SER A OG   1 
ATOM   426  N  N    . ALA A 1 51  ? 1.101   0.806   -13.395 1.00 44.47  ? 51  ALA A N    1 
ATOM   427  C  CA   . ALA A 1 51  ? 0.910   2.232   -13.609 1.00 36.19  ? 51  ALA A CA   1 
ATOM   428  C  C    . ALA A 1 51  ? 2.188   3.055   -13.581 1.00 38.47  ? 51  ALA A C    1 
ATOM   429  O  O    . ALA A 1 51  ? 2.173   4.199   -13.129 1.00 48.76  ? 51  ALA A O    1 
ATOM   430  C  CB   . ALA A 1 51  ? -0.070  2.771   -12.577 1.00 39.60  ? 51  ALA A CB   1 
ATOM   431  N  N    . ARG A 1 52  ? 3.294   2.503   -14.072 1.00 47.27  ? 52  ARG A N    1 
ATOM   432  C  CA   . ARG A 1 52  ? 4.547   3.251   -14.052 1.00 50.35  ? 52  ARG A CA   1 
ATOM   433  C  C    . ARG A 1 52  ? 4.689   4.264   -15.179 1.00 45.67  ? 52  ARG A C    1 
ATOM   434  O  O    . ARG A 1 52  ? 5.612   5.078   -15.168 1.00 57.93  ? 52  ARG A O    1 
ATOM   435  C  CB   . ARG A 1 52  ? 5.749   2.295   -14.044 1.00 61.90  ? 52  ARG A CB   1 
ATOM   436  C  CG   . ARG A 1 52  ? 5.860   1.493   -12.746 1.00 72.41  ? 52  ARG A CG   1 
ATOM   437  C  CD   . ARG A 1 52  ? 7.193   0.770   -12.582 1.00 73.22  ? 52  ARG A CD   1 
ATOM   438  N  NE   . ARG A 1 52  ? 8.212   1.573   -11.904 1.00 75.98  ? 52  ARG A NE   1 
ATOM   439  C  CZ   . ARG A 1 52  ? 8.938   2.531   -12.477 1.00 76.97  ? 52  ARG A CZ   1 
ATOM   440  N  NH1  . ARG A 1 52  ? 8.771   2.833   -13.758 1.00 80.94  ? 52  ARG A NH1  1 
ATOM   441  N  NH2  . ARG A 1 52  ? 9.849   3.184   -11.766 1.00 67.81  ? 52  ARG A NH2  1 
ATOM   442  N  N    . ASN A 1 53  ? 3.774   4.228   -16.141 1.00 45.89  ? 53  ASN A N    1 
ATOM   443  C  CA   . ASN A 1 53  ? 3.811   5.165   -17.261 1.00 48.03  ? 53  ASN A CA   1 
ATOM   444  C  C    . ASN A 1 53  ? 2.419   5.702   -17.587 1.00 51.62  ? 53  ASN A C    1 
ATOM   445  O  O    . ASN A 1 53  ? 1.473   4.930   -17.752 1.00 58.40  ? 53  ASN A O    1 
ATOM   446  C  CB   . ASN A 1 53  ? 4.381   4.486   -18.507 1.00 58.81  ? 53  ASN A CB   1 
ATOM   447  C  CG   . ASN A 1 53  ? 5.757   3.897   -18.276 1.00 72.48  ? 53  ASN A CG   1 
ATOM   448  O  OD1  . ASN A 1 53  ? 6.695   4.598   -17.887 1.00 68.44  ? 53  ASN A OD1  1 
ATOM   449  N  ND2  . ASN A 1 53  ? 5.888   2.595   -18.524 1.00 74.32  ? 53  ASN A ND2  1 
ATOM   450  N  N    . PRO A 1 54  ? 2.274   7.035   -17.676 1.00 47.45  ? 54  PRO A N    1 
ATOM   451  C  CA   . PRO A 1 54  ? 3.339   8.022   -17.483 1.00 47.22  ? 54  PRO A CA   1 
ATOM   452  C  C    . PRO A 1 54  ? 3.550   8.326   -16.001 1.00 44.81  ? 54  PRO A C    1 
ATOM   453  O  O    . PRO A 1 54  ? 2.924   7.715   -15.142 1.00 43.50  ? 54  PRO A O    1 
ATOM   454  C  CB   . PRO A 1 54  ? 2.827   9.231   -18.257 1.00 47.48  ? 54  PRO A CB   1 
ATOM   455  C  CG   . PRO A 1 54  ? 1.360   9.170   -18.001 1.00 53.32  ? 54  PRO A CG   1 
ATOM   456  C  CD   . PRO A 1 54  ? 1.050   7.686   -18.180 1.00 54.05  ? 54  PRO A CD   1 
ATOM   457  N  N    . ARG A 1 55  ? 4.426   9.279   -15.712 1.00 43.69  ? 55  ARG A N    1 
ATOM   458  C  CA   . ARG A 1 55  ? 4.731   9.653   -14.337 1.00 46.18  ? 55  ARG A CA   1 
ATOM   459  C  C    . ARG A 1 55  ? 3.498   10.135  -13.566 1.00 50.69  ? 55  ARG A C    1 
ATOM   460  O  O    . ARG A 1 55  ? 3.364   9.879   -12.367 1.00 45.29  ? 55  ARG A O    1 
ATOM   461  C  CB   . ARG A 1 55  ? 5.814   10.740  -14.330 1.00 41.58  ? 55  ARG A CB   1 
ATOM   462  C  CG   . ARG A 1 55  ? 6.330   11.126  -12.949 1.00 41.07  ? 55  ARG A CG   1 
ATOM   463  C  CD   . ARG A 1 55  ? 7.024   9.958   -12.253 1.00 47.14  ? 55  ARG A CD   1 
ATOM   464  N  NE   . ARG A 1 55  ? 7.394   10.285  -10.878 1.00 37.84  ? 55  ARG A NE   1 
ATOM   465  C  CZ   . ARG A 1 55  ? 8.592   10.722  -10.502 1.00 42.19  ? 55  ARG A CZ   1 
ATOM   466  N  NH1  . ARG A 1 55  ? 9.560   10.881  -11.396 1.00 31.57  ? 55  ARG A NH1  1 
ATOM   467  N  NH2  . ARG A 1 55  ? 8.819   11.014  -9.227  1.00 30.01  ? 55  ARG A NH2  1 
ATOM   468  N  N    . GLU A 1 56  ? 2.597   10.826  -14.256 1.00 51.17  ? 56  GLU A N    1 
ATOM   469  C  CA   . GLU A 1 56  ? 1.390   11.352  -13.629 1.00 46.37  ? 56  GLU A CA   1 
ATOM   470  C  C    . GLU A 1 56  ? 0.551   10.202  -13.079 1.00 45.93  ? 56  GLU A C    1 
ATOM   471  O  O    . GLU A 1 56  ? -0.088  10.316  -12.036 1.00 38.82  ? 56  GLU A O    1 
ATOM   472  C  CB   . GLU A 1 56  ? 0.559   12.138  -14.652 1.00 52.27  ? 56  GLU A CB   1 
ATOM   473  C  CG   A GLU A 1 56  ? 1.307   13.248  -15.392 0.50 55.13  ? 56  GLU A CG   1 
ATOM   474  C  CG   B GLU A 1 56  ? -0.642  12.881  -14.076 0.50 53.02  ? 56  GLU A CG   1 
ATOM   475  C  CD   A GLU A 1 56  ? 2.191   12.732  -16.510 0.50 54.76  ? 56  GLU A CD   1 
ATOM   476  C  CD   B GLU A 1 56  ? -0.246  14.103  -13.260 0.50 68.61  ? 56  GLU A CD   1 
ATOM   477  O  OE1  A GLU A 1 56  ? 3.224   12.096  -16.221 0.50 62.86  ? 56  GLU A OE1  1 
ATOM   478  O  OE1  B GLU A 1 56  ? 0.417   13.936  -12.215 0.50 68.59  ? 56  GLU A OE1  1 
ATOM   479  O  OE2  A GLU A 1 56  ? 1.845   12.960  -17.687 0.50 60.39  ? 56  GLU A OE2  1 
ATOM   480  O  OE2  B GLU A 1 56  ? -0.592  15.234  -13.670 0.50 67.88  ? 56  GLU A OE2  1 
ATOM   481  N  N    . LYS A 1 57  ? 0.562   9.093   -13.805 1.00 43.67  ? 57  LYS A N    1 
ATOM   482  C  CA   . LYS A 1 57  ? -0.196  7.905   -13.443 1.00 42.76  ? 57  LYS A CA   1 
ATOM   483  C  C    . LYS A 1 57  ? 0.478   7.215   -12.267 1.00 43.81  ? 57  LYS A C    1 
ATOM   484  O  O    . LYS A 1 57  ? -0.185  6.784   -11.322 1.00 44.72  ? 57  LYS A O    1 
ATOM   485  C  CB   . LYS A 1 57  ? -0.263  6.980   -14.666 1.00 34.10  ? 57  LYS A CB   1 
ATOM   486  C  CG   . LYS A 1 57  ? -1.065  5.710   -14.525 1.00 40.52  ? 57  LYS A CG   1 
ATOM   487  C  CD   . LYS A 1 57  ? -1.101  5.007   -15.877 1.00 49.43  ? 57  LYS A CD   1 
ATOM   488  C  CE   . LYS A 1 57  ? -1.624  3.579   -15.796 1.00 48.07  ? 57  LYS A CE   1 
ATOM   489  N  NZ   . LYS A 1 57  ? -3.050  3.506   -15.405 1.00 54.48  ? 57  LYS A NZ   1 
ATOM   490  N  N    . LEU A 1 58  ? 1.802   7.124   -12.325 1.00 43.45  ? 58  LEU A N    1 
ATOM   491  C  CA   . LEU A 1 58  ? 2.574   6.493   -11.265 1.00 40.64  ? 58  LEU A CA   1 
ATOM   492  C  C    . LEU A 1 58  ? 2.438   7.289   -9.973  1.00 37.23  ? 58  LEU A C    1 
ATOM   493  O  O    . LEU A 1 58  ? 2.185   6.716   -8.919  1.00 41.06  ? 58  LEU A O    1 
ATOM   494  C  CB   . LEU A 1 58  ? 4.051   6.397   -11.666 1.00 37.68  ? 58  LEU A CB   1 
ATOM   495  C  CG   . LEU A 1 58  ? 5.026   5.896   -10.597 1.00 38.68  ? 58  LEU A CG   1 
ATOM   496  C  CD1  . LEU A 1 58  ? 4.664   4.484   -10.187 1.00 36.68  ? 58  LEU A CD1  1 
ATOM   497  C  CD2  . LEU A 1 58  ? 6.439   5.937   -11.138 1.00 41.73  ? 58  LEU A CD2  1 
ATOM   498  N  N    . ASN A 1 59  ? 2.597   8.606   -10.058 1.00 39.19  ? 59  ASN A N    1 
ATOM   499  C  CA   . ASN A 1 59  ? 2.485   9.450   -8.871  1.00 41.01  ? 59  ASN A CA   1 
ATOM   500  C  C    . ASN A 1 59  ? 1.103   9.347   -8.233  1.00 41.49  ? 59  ASN A C    1 
ATOM   501  O  O    . ASN A 1 59  ? 0.972   9.370   -7.008  1.00 40.18  ? 59  ASN A O    1 
ATOM   502  C  CB   . ASN A 1 59  ? 2.775   10.914  -9.207  1.00 44.58  ? 59  ASN A CB   1 
ATOM   503  C  CG   . ASN A 1 59  ? 4.215   11.150  -9.606  1.00 52.35  ? 59  ASN A CG   1 
ATOM   504  O  OD1  . ASN A 1 59  ? 5.130   10.487  -9.115  1.00 44.04  ? 59  ASN A OD1  1 
ATOM   505  N  ND2  . ASN A 1 59  ? 4.427   12.116  -10.492 1.00 52.86  ? 59  ASN A ND2  1 
ATOM   506  N  N    . GLU A 1 60  ? 0.069   9.243   -9.059  1.00 31.03  ? 60  GLU A N    1 
ATOM   507  C  CA   . GLU A 1 60  ? -1.275  9.127   -8.522  1.00 38.53  ? 60  GLU A CA   1 
ATOM   508  C  C    . GLU A 1 60  ? -1.421  7.796   -7.789  1.00 41.06  ? 60  GLU A C    1 
ATOM   509  O  O    . GLU A 1 60  ? -1.953  7.737   -6.677  1.00 39.16  ? 60  GLU A O    1 
ATOM   510  C  CB   . GLU A 1 60  ? -2.317  9.207   -9.634  1.00 28.79  ? 60  GLU A CB   1 
ATOM   511  C  CG   . GLU A 1 60  ? -3.718  9.015   -9.104  1.00 43.87  ? 60  GLU A CG   1 
ATOM   512  C  CD   . GLU A 1 60  ? -4.744  8.886   -10.193 1.00 44.54  ? 60  GLU A CD   1 
ATOM   513  O  OE1  . GLU A 1 60  ? -4.532  8.067   -11.112 1.00 44.40  ? 60  GLU A OE1  1 
ATOM   514  O  OE2  . GLU A 1 60  ? -5.770  9.593   -10.122 1.00 53.95  ? 60  GLU A OE2  1 
ATOM   515  N  N    . CYS A 1 61  ? -0.945  6.727   -8.421  1.00 39.51  ? 61  CYS A N    1 
ATOM   516  C  CA   . CYS A 1 61  ? -1.018  5.399   -7.821  1.00 41.28  ? 61  CYS A CA   1 
ATOM   517  C  C    . CYS A 1 61  ? -0.279  5.352   -6.484  1.00 39.22  ? 61  CYS A C    1 
ATOM   518  O  O    . CYS A 1 61  ? -0.791  4.812   -5.504  1.00 35.70  ? 61  CYS A O    1 
ATOM   519  C  CB   . CYS A 1 61  ? -0.424  4.348   -8.765  1.00 40.82  ? 61  CYS A CB   1 
ATOM   520  S  SG   . CYS A 1 61  ? -0.597  2.643   -8.149  1.00 38.66  ? 61  CYS A SG   1 
ATOM   521  N  N    . LEU A 1 62  ? 0.918   5.930   -6.449  1.00 38.82  ? 62  LEU A N    1 
ATOM   522  C  CA   . LEU A 1 62  ? 1.728   5.938   -5.236  1.00 41.17  ? 62  LEU A CA   1 
ATOM   523  C  C    . LEU A 1 62  ? 1.110   6.782   -4.128  1.00 36.36  ? 62  LEU A C    1 
ATOM   524  O  O    . LEU A 1 62  ? 1.238   6.451   -2.951  1.00 34.37  ? 62  LEU A O    1 
ATOM   525  C  CB   . LEU A 1 62  ? 3.148   6.427   -5.548  1.00 35.20  ? 62  LEU A CB   1 
ATOM   526  C  CG   . LEU A 1 62  ? 4.006   5.498   -6.411  1.00 26.81  ? 62  LEU A CG   1 
ATOM   527  C  CD1  . LEU A 1 62  ? 5.323   6.179   -6.728  1.00 44.08  ? 62  LEU A CD1  1 
ATOM   528  C  CD2  . LEU A 1 62  ? 4.257   4.178   -5.687  1.00 38.07  ? 62  LEU A CD2  1 
ATOM   529  N  N    . GLU A 1 63  ? 0.443   7.871   -4.497  1.00 37.44  ? 63  GLU A N    1 
ATOM   530  C  CA   . GLU A 1 63  ? -0.211  8.722   -3.508  1.00 38.56  ? 63  GLU A CA   1 
ATOM   531  C  C    . GLU A 1 63  ? -1.278  7.847   -2.842  1.00 44.15  ? 63  GLU A C    1 
ATOM   532  O  O    . GLU A 1 63  ? -1.531  7.950   -1.642  1.00 43.45  ? 63  GLU A O    1 
ATOM   533  C  CB   . GLU A 1 63  ? -0.860  9.933   -4.185  1.00 35.55  ? 63  GLU A CB   1 
ATOM   534  C  CG   . GLU A 1 63  ? -1.592  10.886  -3.235  1.00 60.59  ? 63  GLU A CG   1 
ATOM   535  C  CD   . GLU A 1 63  ? -0.651  11.722  -2.371  1.00 67.88  ? 63  GLU A CD   1 
ATOM   536  O  OE1  . GLU A 1 63  ? 0.152   12.497  -2.936  1.00 72.19  ? 63  GLU A OE1  1 
ATOM   537  O  OE2  . GLU A 1 63  ? -0.717  11.607  -1.129  1.00 72.75  ? 63  GLU A OE2  1 
ATOM   538  N  N    . GLY A 1 64  ? -1.903  6.992   -3.648  1.00 38.24  ? 64  GLY A N    1 
ATOM   539  C  CA   . GLY A 1 64  ? -2.904  6.073   -3.142  1.00 35.27  ? 64  GLY A CA   1 
ATOM   540  C  C    . GLY A 1 64  ? -4.262  6.565   -2.684  1.00 36.63  ? 64  GLY A C    1 
ATOM   541  O  O    . GLY A 1 64  ? -4.875  5.940   -1.816  1.00 39.52  ? 64  GLY A O    1 
ATOM   542  N  N    . ASN A 1 65  ? -4.753  7.665   -3.239  1.00 40.86  ? 65  ASN A N    1 
ATOM   543  C  CA   . ASN A 1 65  ? -6.070  8.148   -2.844  1.00 38.16  ? 65  ASN A CA   1 
ATOM   544  C  C    . ASN A 1 65  ? -7.123  7.365   -3.612  1.00 47.66  ? 65  ASN A C    1 
ATOM   545  O  O    . ASN A 1 65  ? -8.316  7.413   -3.296  1.00 52.08  ? 65  ASN A O    1 
ATOM   546  C  CB   . ASN A 1 65  ? -6.209  9.638   -3.136  1.00 52.56  ? 65  ASN A CB   1 
ATOM   547  C  CG   . ASN A 1 65  ? -5.765  10.494  -1.975  1.00 60.30  ? 65  ASN A CG   1 
ATOM   548  O  OD1  . ASN A 1 65  ? -6.365  10.457  -0.899  1.00 70.25  ? 65  ASN A OD1  1 
ATOM   549  N  ND2  . ASN A 1 65  ? -4.710  11.271  -2.182  1.00 63.12  ? 65  ASN A ND2  1 
ATOM   550  N  N    . CYS A 1 66  ? -6.661  6.645   -4.629  1.00 38.60  ? 66  CYS A N    1 
ATOM   551  C  CA   . CYS A 1 66  ? -7.520  5.820   -5.466  1.00 35.89  ? 66  CYS A CA   1 
ATOM   552  C  C    . CYS A 1 66  ? -6.861  4.455   -5.505  1.00 43.14  ? 66  CYS A C    1 
ATOM   553  O  O    . CYS A 1 66  ? -5.675  4.324   -5.184  1.00 38.77  ? 66  CYS A O    1 
ATOM   554  C  CB   . CYS A 1 66  ? -7.607  6.390   -6.886  1.00 34.80  ? 66  CYS A CB   1 
ATOM   555  S  SG   . CYS A 1 66  ? -5.979  6.597   -7.679  1.00 39.36  ? 66  CYS A SG   1 
ATOM   556  N  N    . ALA A 1 67  ? -7.625  3.446   -5.901  1.00 35.39  ? 67  ALA A N    1 
ATOM   557  C  CA   . ALA A 1 67  ? -7.104  2.090   -5.979  1.00 40.03  ? 67  ALA A CA   1 
ATOM   558  C  C    . ALA A 1 67  ? -6.735  1.688   -7.402  1.00 40.31  ? 67  ALA A C    1 
ATOM   559  O  O    . ALA A 1 67  ? -7.549  1.796   -8.319  1.00 37.47  ? 67  ALA A O    1 
ATOM   560  C  CB   . ALA A 1 67  ? -8.127  1.109   -5.414  1.00 34.04  ? 67  ALA A CB   1 
ATOM   561  N  N    . GLU A 1 68  ? -5.497  1.234   -7.577  1.00 39.70  ? 68  GLU A N    1 
ATOM   562  C  CA   . GLU A 1 68  ? -5.015  0.772   -8.873  1.00 40.33  ? 68  GLU A CA   1 
ATOM   563  C  C    . GLU A 1 68  ? -5.081  -0.747  -8.826  1.00 41.00  ? 68  GLU A C    1 
ATOM   564  O  O    . GLU A 1 68  ? -4.654  -1.365  -7.851  1.00 46.41  ? 68  GLU A O    1 
ATOM   565  C  CB   . GLU A 1 68  ? -3.572  1.223   -9.105  1.00 44.29  ? 68  GLU A CB   1 
ATOM   566  C  CG   . GLU A 1 68  ? -2.868  0.557   -10.292 1.00 42.46  ? 68  GLU A CG   1 
ATOM   567  C  CD   . GLU A 1 68  ? -3.506  0.871   -11.641 1.00 38.70  ? 68  GLU A CD   1 
ATOM   568  O  OE1  . GLU A 1 68  ? -4.223  1.887   -11.746 1.00 41.95  ? 68  GLU A OE1  1 
ATOM   569  O  OE2  . GLU A 1 68  ? -3.271  0.109   -12.605 1.00 42.81  ? 68  GLU A OE2  1 
ATOM   570  N  N    . GLY A 1 69  ? -5.626  -1.349  -9.872  1.00 42.53  ? 69  GLY A N    1 
ATOM   571  C  CA   . GLY A 1 69  ? -5.743  -2.791  -9.884  1.00 39.32  ? 69  GLY A CA   1 
ATOM   572  C  C    . GLY A 1 69  ? -6.667  -3.250  -8.765  1.00 52.79  ? 69  GLY A C    1 
ATOM   573  O  O    . GLY A 1 69  ? -7.806  -2.789  -8.654  1.00 49.87  ? 69  GLY A O    1 
ATOM   574  N  N    . VAL A 1 70  ? -6.176  -4.147  -7.920  1.00 47.18  ? 70  VAL A N    1 
ATOM   575  C  CA   . VAL A 1 70  ? -6.980  -4.660  -6.825  1.00 45.47  ? 70  VAL A CA   1 
ATOM   576  C  C    . VAL A 1 70  ? -6.934  -3.728  -5.601  1.00 47.67  ? 70  VAL A C    1 
ATOM   577  O  O    . VAL A 1 70  ? -7.589  -3.975  -4.588  1.00 34.18  ? 70  VAL A O    1 
ATOM   578  C  CB   . VAL A 1 70  ? -6.535  -6.115  -6.497  1.00 39.68  ? 70  VAL A CB   1 
ATOM   579  C  CG1  . VAL A 1 70  ? -6.017  -6.237  -5.086  1.00 55.93  ? 70  VAL A CG1  1 
ATOM   580  C  CG2  . VAL A 1 70  ? -7.681  -7.056  -6.752  1.00 43.92  ? 70  VAL A CG2  1 
ATOM   581  N  N    . GLY A 1 71  ? -6.162  -2.648  -5.710  1.00 41.58  ? 71  GLY A N    1 
ATOM   582  C  CA   . GLY A 1 71  ? -6.083  -1.686  -4.622  1.00 45.81  ? 71  GLY A CA   1 
ATOM   583  C  C    . GLY A 1 71  ? -5.044  -1.846  -3.519  1.00 41.67  ? 71  GLY A C    1 
ATOM   584  O  O    . GLY A 1 71  ? -5.099  -1.127  -2.521  1.00 40.73  ? 71  GLY A O    1 
ATOM   585  N  N    . MET A 1 72  ? -4.102  -2.769  -3.671  1.00 36.75  ? 72  MET A N    1 
ATOM   586  C  CA   . MET A 1 72  ? -3.071  -2.947  -2.650  1.00 41.93  ? 72  MET A CA   1 
ATOM   587  C  C    . MET A 1 72  ? -2.310  -1.645  -2.394  1.00 36.63  ? 72  MET A C    1 
ATOM   588  O  O    . MET A 1 72  ? -1.654  -1.481  -1.367  1.00 39.71  ? 72  MET A O    1 
ATOM   589  C  CB   . MET A 1 72  ? -2.089  -4.041  -3.076  1.00 37.65  ? 72  MET A CB   1 
ATOM   590  C  CG   . MET A 1 72  ? -2.674  -5.438  -3.021  1.00 34.98  ? 72  MET A CG   1 
ATOM   591  S  SD   . MET A 1 72  ? -1.430  -6.706  -3.270  1.00 37.29  ? 72  MET A SD   1 
ATOM   592  C  CE   . MET A 1 72  ? -0.497  -6.566  -1.717  1.00 29.78  ? 72  MET A CE   1 
ATOM   593  N  N    . ASN A 1 73  ? -2.427  -0.719  -3.338  1.00 39.89  ? 73  ASN A N    1 
ATOM   594  C  CA   . ASN A 1 73  ? -1.767  0.579   -3.279  1.00 37.93  ? 73  ASN A CA   1 
ATOM   595  C  C    . ASN A 1 73  ? -2.597  1.616   -2.522  1.00 46.52  ? 73  ASN A C    1 
ATOM   596  O  O    . ASN A 1 73  ? -2.098  2.700   -2.192  1.00 34.57  ? 73  ASN A O    1 
ATOM   597  C  CB   . ASN A 1 73  ? -1.570  1.098   -4.694  1.00 45.23  ? 73  ASN A CB   1 
ATOM   598  C  CG   . ASN A 1 73  ? -2.879  1.550   -5.322  1.00 30.24  ? 73  ASN A CG   1 
ATOM   599  O  OD1  . ASN A 1 73  ? -3.809  0.755   -5.490  1.00 36.01  ? 73  ASN A OD1  1 
ATOM   600  N  ND2  . ASN A 1 73  ? -2.964  2.831   -5.656  1.00 31.75  ? 73  ASN A ND2  1 
ATOM   601  N  N    . TYR A 1 74  ? -3.866  1.299   -2.269  1.00 34.87  ? 74  TYR A N    1 
ATOM   602  C  CA   . TYR A 1 74  ? -4.749  2.242   -1.597  1.00 41.71  ? 74  TYR A CA   1 
ATOM   603  C  C    . TYR A 1 74  ? -4.282  2.638   -0.195  1.00 35.44  ? 74  TYR A C    1 
ATOM   604  O  O    . TYR A 1 74  ? -3.973  1.783   0.633   1.00 32.26  ? 74  TYR A O    1 
ATOM   605  C  CB   . TYR A 1 74  ? -6.173  1.686   -1.538  1.00 38.30  ? 74  TYR A CB   1 
ATOM   606  C  CG   . TYR A 1 74  ? -7.158  2.668   -0.953  1.00 45.80  ? 74  TYR A CG   1 
ATOM   607  C  CD1  . TYR A 1 74  ? -7.553  3.793   -1.667  1.00 29.06  ? 74  TYR A CD1  1 
ATOM   608  C  CD2  . TYR A 1 74  ? -7.660  2.497   0.338   1.00 36.22  ? 74  TYR A CD2  1 
ATOM   609  C  CE1  . TYR A 1 74  ? -8.420  4.729   -1.108  1.00 44.50  ? 74  TYR A CE1  1 
ATOM   610  C  CE2  . TYR A 1 74  ? -8.525  3.421   0.902   1.00 38.18  ? 74  TYR A CE2  1 
ATOM   611  C  CZ   . TYR A 1 74  ? -8.900  4.533   0.175   1.00 37.59  ? 74  TYR A CZ   1 
ATOM   612  O  OH   . TYR A 1 74  ? -9.756  5.447   0.736   1.00 39.64  ? 74  TYR A OH   1 
ATOM   613  N  N    . ARG A 1 75  ? -4.236  3.944   0.053   1.00 38.35  ? 75  ARG A N    1 
ATOM   614  C  CA   . ARG A 1 75  ? -3.812  4.488   1.345   1.00 41.21  ? 75  ARG A CA   1 
ATOM   615  C  C    . ARG A 1 75  ? -4.767  5.600   1.793   1.00 41.93  ? 75  ARG A C    1 
ATOM   616  O  O    . ARG A 1 75  ? -4.402  6.450   2.607   1.00 39.26  ? 75  ARG A O    1 
ATOM   617  C  CB   . ARG A 1 75  ? -2.382  5.053   1.244   1.00 35.78  ? 75  ARG A CB   1 
ATOM   618  C  CG   . ARG A 1 75  ? -1.291  4.009   1.014   1.00 26.34  ? 75  ARG A CG   1 
ATOM   619  C  CD   . ARG A 1 75  ? -1.180  3.095   2.200   1.00 39.97  ? 75  ARG A CD   1 
ATOM   620  N  NE   . ARG A 1 75  ? -0.156  2.064   2.075   1.00 28.68  ? 75  ARG A NE   1 
ATOM   621  C  CZ   . ARG A 1 75  ? -0.250  0.997   1.288   1.00 33.68  ? 75  ARG A CZ   1 
ATOM   622  N  NH1  . ARG A 1 75  ? -1.320  0.815   0.531   1.00 31.00  ? 75  ARG A NH1  1 
ATOM   623  N  NH2  . ARG A 1 75  ? 0.714   0.087   1.295   1.00 25.14  ? 75  ARG A NH2  1 
ATOM   624  N  N    . GLY A 1 76  ? -5.985  5.587   1.257   1.00 47.06  ? 76  GLY A N    1 
ATOM   625  C  CA   . GLY A 1 76  ? -6.967  6.607   1.595   1.00 39.05  ? 76  GLY A CA   1 
ATOM   626  C  C    . GLY A 1 76  ? -7.541  6.516   2.997   1.00 41.09  ? 76  GLY A C    1 
ATOM   627  O  O    . GLY A 1 76  ? -7.041  5.763   3.831   1.00 45.95  ? 76  GLY A O    1 
ATOM   628  N  N    . ASN A 1 77  ? -8.598  7.474   3.311   1.00 40.76  ? 77  ASN A N    1 
ATOM   629  C  CA   . ASN A 1 77  ? -9.276  7.446   4.596   1.00 43.23  ? 77  ASN A CA   1 
ATOM   630  C  C    . ASN A 1 77  ? -10.721 6.930   4.661   1.00 46.42  ? 77  ASN A C    1 
ATOM   631  O  O    . ASN A 1 77  ? -11.337 7.065   5.687   1.00 43.16  ? 77  ASN A O    1 
ATOM   632  C  CB   . ASN A 1 77  ? -9.251  8.882   5.156   1.00 49.74  ? 77  ASN A CB   1 
ATOM   633  C  CG   . ASN A 1 77  ? -7.866  9.319   5.553   1.00 53.72  ? 77  ASN A CG   1 
ATOM   634  O  OD1  . ASN A 1 77  ? -6.859  8.624   5.320   1.00 51.69  ? 77  ASN A OD1  1 
ATOM   635  N  ND2  . ASN A 1 77  ? -7.809  10.511  6.150   1.00 65.62  ? 77  ASN A ND2  1 
ATOM   636  N  N    . VAL A 1 78  ? -11.144 6.046   3.691   1.00 35.19  ? 78  VAL A N    1 
ATOM   637  C  CA   . VAL A 1 78  ? -12.480 5.480   3.813   1.00 34.08  ? 78  VAL A CA   1 
ATOM   638  C  C    . VAL A 1 78  ? -12.382 4.440   4.928   1.00 44.49  ? 78  VAL A C    1 
ATOM   639  O  O    . VAL A 1 78  ? -11.457 3.624   4.943   1.00 37.11  ? 78  VAL A O    1 
ATOM   640  C  CB   . VAL A 1 78  ? -12.947 4.828   2.498   1.00 31.92  ? 78  VAL A CB   1 
ATOM   641  C  CG1  . VAL A 1 78  ? -14.224 4.040   2.720   1.00 26.34  ? 78  VAL A CG1  1 
ATOM   642  C  CG2  . VAL A 1 78  ? -13.195 5.917   1.452   1.00 37.42  ? 78  VAL A CG2  1 
ATOM   643  N  N    . SER A 1 79  ? -13.313 4.500   5.878   1.00 41.04  ? 79  SER A N    1 
ATOM   644  C  CA   . SER A 1 79  ? -13.310 3.580   7.010   1.00 42.52  ? 79  SER A CA   1 
ATOM   645  C  C    . SER A 1 79  ? -14.646 2.871   7.202   1.00 43.81  ? 79  SER A C    1 
ATOM   646  O  O    . SER A 1 79  ? -14.941 2.345   8.275   1.00 46.74  ? 79  SER A O    1 
ATOM   647  C  CB   . SER A 1 79  ? -12.913 4.331   8.288   1.00 40.48  ? 79  SER A CB   1 
ATOM   648  O  OG   . SER A 1 79  ? -13.674 5.511   8.449   1.00 37.17  ? 79  SER A OG   1 
ATOM   649  N  N    . VAL A 1 80  ? -15.450 2.852   6.148   1.00 45.72  ? 80  VAL A N    1 
ATOM   650  C  CA   . VAL A 1 80  ? -16.742 2.186   6.191   1.00 42.50  ? 80  VAL A CA   1 
ATOM   651  C  C    . VAL A 1 80  ? -16.770 1.142   5.081   1.00 38.78  ? 80  VAL A C    1 
ATOM   652  O  O    . VAL A 1 80  ? -16.231 1.363   3.999   1.00 49.53  ? 80  VAL A O    1 
ATOM   653  C  CB   . VAL A 1 80  ? -17.892 3.186   5.973   1.00 49.10  ? 80  VAL A CB   1 
ATOM   654  C  CG1  . VAL A 1 80  ? -19.218 2.470   6.026   1.00 47.11  ? 80  VAL A CG1  1 
ATOM   655  C  CG2  . VAL A 1 80  ? -17.838 4.273   7.030   1.00 60.78  ? 80  VAL A CG2  1 
ATOM   656  N  N    . THR A 1 81  ? -17.393 0.002   5.347   1.00 38.89  ? 81  THR A N    1 
ATOM   657  C  CA   . THR A 1 81  ? -17.469 -1.042  4.342   1.00 41.42  ? 81  THR A CA   1 
ATOM   658  C  C    . THR A 1 81  ? -18.547 -0.751  3.303   1.00 46.14  ? 81  THR A C    1 
ATOM   659  O  O    . THR A 1 81  ? -19.307 0.217   3.402   1.00 42.67  ? 81  THR A O    1 
ATOM   660  C  CB   . THR A 1 81  ? -17.780 -2.415  4.953   1.00 49.71  ? 81  THR A CB   1 
ATOM   661  O  OG1  . THR A 1 81  ? -19.156 -2.454  5.349   1.00 41.47  ? 81  THR A OG1  1 
ATOM   662  C  CG2  . THR A 1 81  ? -16.891 -2.683  6.155   1.00 42.44  ? 81  THR A CG2  1 
ATOM   663  N  N    . ARG A 1 82  ? -18.586 -1.617  2.301   1.00 42.09  ? 82  ARG A N    1 
ATOM   664  C  CA   . ARG A 1 82  ? -19.531 -1.542  1.201   1.00 49.36  ? 82  ARG A CA   1 
ATOM   665  C  C    . ARG A 1 82  ? -20.965 -1.424  1.722   1.00 50.68  ? 82  ARG A C    1 
ATOM   666  O  O    . ARG A 1 82  ? -21.706 -0.527  1.320   1.00 44.92  ? 82  ARG A O    1 
ATOM   667  C  CB   . ARG A 1 82  ? -19.366 -2.805  0.351   1.00 51.10  ? 82  ARG A CB   1 
ATOM   668  C  CG   . ARG A 1 82  ? -20.214 -2.900  -0.888  1.00 66.67  ? 82  ARG A CG   1 
ATOM   669  C  CD   . ARG A 1 82  ? -19.789 -4.124  -1.674  1.00 72.36  ? 82  ARG A CD   1 
ATOM   670  N  NE   . ARG A 1 82  ? -20.475 -4.227  -2.956  1.00 88.78  ? 82  ARG A NE   1 
ATOM   671  C  CZ   . ARG A 1 82  ? -20.048 -4.973  -3.970  1.00 86.46  ? 82  ARG A CZ   1 
ATOM   672  N  NH1  . ARG A 1 82  ? -18.929 -5.679  -3.848  1.00 83.87  ? 82  ARG A NH1  1 
ATOM   673  N  NH2  . ARG A 1 82  ? -20.740 -5.017  -5.101  1.00 85.40  ? 82  ARG A NH2  1 
ATOM   674  N  N    . SER A 1 83  ? -21.344 -2.323  2.626   1.00 48.27  ? 83  SER A N    1 
ATOM   675  C  CA   . SER A 1 83  ? -22.692 -2.318  3.184   1.00 52.94  ? 83  SER A CA   1 
ATOM   676  C  C    . SER A 1 83  ? -22.922 -1.223  4.232   1.00 52.69  ? 83  SER A C    1 
ATOM   677  O  O    . SER A 1 83  ? -24.017 -1.105  4.774   1.00 55.95  ? 83  SER A O    1 
ATOM   678  C  CB   . SER A 1 83  ? -23.020 -3.689  3.786   1.00 49.30  ? 83  SER A CB   1 
ATOM   679  O  OG   . SER A 1 83  ? -22.289 -3.923  4.974   1.00 52.76  ? 83  SER A OG   1 
ATOM   680  N  N    . GLY A 1 84  ? -21.892 -0.434  4.524   1.00 54.59  ? 84  GLY A N    1 
ATOM   681  C  CA   . GLY A 1 84  ? -22.038 0.641   5.492   1.00 43.22  ? 84  GLY A CA   1 
ATOM   682  C  C    . GLY A 1 84  ? -21.612 0.348   6.921   1.00 45.90  ? 84  GLY A C    1 
ATOM   683  O  O    . GLY A 1 84  ? -21.874 1.140   7.824   1.00 45.94  ? 84  GLY A O    1 
ATOM   684  N  N    . ILE A 1 85  ? -20.961 -0.784  7.147   1.00 43.49  ? 85  ILE A N    1 
ATOM   685  C  CA   . ILE A 1 85  ? -20.509 -1.113  8.494   1.00 44.39  ? 85  ILE A CA   1 
ATOM   686  C  C    . ILE A 1 85  ? -19.216 -0.356  8.826   1.00 41.39  ? 85  ILE A C    1 
ATOM   687  O  O    . ILE A 1 85  ? -18.259 -0.370  8.051   1.00 41.01  ? 85  ILE A O    1 
ATOM   688  C  CB   . ILE A 1 85  ? -20.249 -2.623  8.634   1.00 42.17  ? 85  ILE A CB   1 
ATOM   689  C  CG1  . ILE A 1 85  ? -21.497 -3.401  8.222   1.00 29.37  ? 85  ILE A CG1  1 
ATOM   690  C  CG2  . ILE A 1 85  ? -19.864 -2.955  10.071  1.00 38.87  ? 85  ILE A CG2  1 
ATOM   691  C  CD1  . ILE A 1 85  ? -21.292 -4.898  8.146   1.00 34.15  ? 85  ILE A CD1  1 
ATOM   692  N  N    . GLU A 1 86  ? -19.206 0.316   9.971   1.00 42.87  ? 86  GLU A N    1 
ATOM   693  C  CA   . GLU A 1 86  ? -18.041 1.060   10.436  1.00 35.83  ? 86  GLU A CA   1 
ATOM   694  C  C    . GLU A 1 86  ? -16.884 0.068   10.625  1.00 43.54  ? 86  GLU A C    1 
ATOM   695  O  O    . GLU A 1 86  ? -17.040 -0.977  11.267  1.00 41.78  ? 86  GLU A O    1 
ATOM   696  C  CB   . GLU A 1 86  ? -18.366 1.743   11.769  1.00 36.16  ? 86  GLU A CB   1 
ATOM   697  C  CG   . GLU A 1 86  ? -17.191 2.438   12.449  1.00 46.50  ? 86  GLU A CG   1 
ATOM   698  C  CD   . GLU A 1 86  ? -16.811 3.753   11.793  1.00 66.86  ? 86  GLU A CD   1 
ATOM   699  O  OE1  . GLU A 1 86  ? -16.665 3.784   10.553  1.00 73.47  ? 86  GLU A OE1  1 
ATOM   700  O  OE2  . GLU A 1 86  ? -16.651 4.756   12.522  1.00 78.64  ? 86  GLU A OE2  1 
ATOM   701  N  N    . CYS A 1 87  ? -15.724 0.392   10.064  1.00 38.24  ? 87  CYS A N    1 
ATOM   702  C  CA   . CYS A 1 87  ? -14.564 -0.489  10.167  1.00 41.31  ? 87  CYS A CA   1 
ATOM   703  C  C    . CYS A 1 87  ? -13.982 -0.620  11.571  1.00 35.62  ? 87  CYS A C    1 
ATOM   704  O  O    . CYS A 1 87  ? -14.001 0.325   12.359  1.00 40.94  ? 87  CYS A O    1 
ATOM   705  C  CB   . CYS A 1 87  ? -13.449 -0.009  9.238   1.00 40.40  ? 87  CYS A CB   1 
ATOM   706  S  SG   . CYS A 1 87  ? -13.732 -0.248  7.462   1.00 38.15  ? 87  CYS A SG   1 
ATOM   707  N  N    . GLN A 1 88  ? -13.455 -1.805  11.868  1.00 36.52  ? 88  GLN A N    1 
ATOM   708  C  CA   . GLN A 1 88  ? -12.810 -2.075  13.150  1.00 34.16  ? 88  GLN A CA   1 
ATOM   709  C  C    . GLN A 1 88  ? -11.361 -1.571  13.077  1.00 35.06  ? 88  GLN A C    1 
ATOM   710  O  O    . GLN A 1 88  ? -10.745 -1.611  12.013  1.00 29.24  ? 88  GLN A O    1 
ATOM   711  C  CB   . GLN A 1 88  ? -12.784 -3.582  13.434  1.00 34.26  ? 88  GLN A CB   1 
ATOM   712  C  CG   . GLN A 1 88  ? -12.030 -3.966  14.718  1.00 29.57  ? 88  GLN A CG   1 
ATOM   713  C  CD   . GLN A 1 88  ? -11.813 -5.468  14.863  1.00 25.40  ? 88  GLN A CD   1 
ATOM   714  O  OE1  . GLN A 1 88  ? -12.754 -6.261  14.771  1.00 41.12  ? 88  GLN A OE1  1 
ATOM   715  N  NE2  . GLN A 1 88  ? -10.571 -5.863  15.105  1.00 36.02  ? 88  GLN A NE2  1 
ATOM   716  N  N    . LEU A 1 89  ? -10.827 -1.096  14.200  1.00 35.61  ? 89  LEU A N    1 
ATOM   717  C  CA   . LEU A 1 89  ? -9.446  -0.620  14.261  1.00 40.45  ? 89  LEU A CA   1 
ATOM   718  C  C    . LEU A 1 89  ? -8.537  -1.820  14.013  1.00 39.80  ? 89  LEU A C    1 
ATOM   719  O  O    . LEU A 1 89  ? -8.698  -2.856  14.656  1.00 38.20  ? 89  LEU A O    1 
ATOM   720  C  CB   . LEU A 1 89  ? -9.133  -0.042  15.645  1.00 32.90  ? 89  LEU A CB   1 
ATOM   721  C  CG   . LEU A 1 89  ? -9.783  1.269   16.081  1.00 44.22  ? 89  LEU A CG   1 
ATOM   722  C  CD1  . LEU A 1 89  ? -9.542  1.460   17.562  1.00 46.00  ? 89  LEU A CD1  1 
ATOM   723  C  CD2  . LEU A 1 89  ? -9.203  2.440   15.291  1.00 43.51  ? 89  LEU A CD2  1 
ATOM   724  N  N    . TRP A 1 90  ? -7.592  -1.684  13.086  1.00 35.60  ? 90  TRP A N    1 
ATOM   725  C  CA   . TRP A 1 90  ? -6.666  -2.775  12.778  1.00 40.02  ? 90  TRP A CA   1 
ATOM   726  C  C    . TRP A 1 90  ? -5.955  -3.298  14.023  1.00 38.08  ? 90  TRP A C    1 
ATOM   727  O  O    . TRP A 1 90  ? -5.701  -4.499  14.143  1.00 30.72  ? 90  TRP A O    1 
ATOM   728  C  CB   . TRP A 1 90  ? -5.619  -2.322  11.752  1.00 32.24  ? 90  TRP A CB   1 
ATOM   729  C  CG   . TRP A 1 90  ? -6.197  -2.047  10.399  1.00 44.25  ? 90  TRP A CG   1 
ATOM   730  C  CD1  . TRP A 1 90  ? -6.535  -0.829  9.879   1.00 42.84  ? 90  TRP A CD1  1 
ATOM   731  C  CD2  . TRP A 1 90  ? -6.521  -3.018  9.394   1.00 38.32  ? 90  TRP A CD2  1 
ATOM   732  N  NE1  . TRP A 1 90  ? -7.048  -0.983  8.610   1.00 39.27  ? 90  TRP A NE1  1 
ATOM   733  C  CE2  . TRP A 1 90  ? -7.050  -2.317  8.289   1.00 38.86  ? 90  TRP A CE2  1 
ATOM   734  C  CE3  . TRP A 1 90  ? -6.414  -4.415  9.320   1.00 35.33  ? 90  TRP A CE3  1 
ATOM   735  C  CZ2  . TRP A 1 90  ? -7.474  -2.964  7.123   1.00 33.98  ? 90  TRP A CZ2  1 
ATOM   736  C  CZ3  . TRP A 1 90  ? -6.836  -5.059  8.159   1.00 34.95  ? 90  TRP A CZ3  1 
ATOM   737  C  CH2  . TRP A 1 90  ? -7.358  -4.330  7.077   1.00 33.91  ? 90  TRP A CH2  1 
ATOM   738  N  N    . ARG A 1 91  ? -5.643  -2.393  14.948  1.00 40.81  ? 91  ARG A N    1 
ATOM   739  C  CA   . ARG A 1 91  ? -4.948  -2.761  16.179  1.00 39.32  ? 91  ARG A CA   1 
ATOM   740  C  C    . ARG A 1 91  ? -5.865  -3.380  17.226  1.00 40.14  ? 91  ARG A C    1 
ATOM   741  O  O    . ARG A 1 91  ? -5.393  -4.019  18.158  1.00 47.27  ? 91  ARG A O    1 
ATOM   742  C  CB   . ARG A 1 91  ? -4.239  -1.545  16.788  1.00 36.56  ? 91  ARG A CB   1 
ATOM   743  C  CG   . ARG A 1 91  ? -5.165  -0.438  17.281  1.00 37.23  ? 91  ARG A CG   1 
ATOM   744  C  CD   . ARG A 1 91  ? -4.379  0.572   18.091  1.00 46.06  ? 91  ARG A CD   1 
ATOM   745  N  NE   . ARG A 1 91  ? -5.228  1.576   18.724  1.00 53.30  ? 91  ARG A NE   1 
ATOM   746  C  CZ   . ARG A 1 91  ? -5.730  2.641   18.105  1.00 64.84  ? 91  ARG A CZ   1 
ATOM   747  N  NH1  . ARG A 1 91  ? -5.472  2.860   16.818  1.00 54.35  ? 91  ARG A NH1  1 
ATOM   748  N  NH2  . ARG A 1 91  ? -6.488  3.496   18.779  1.00 62.12  ? 91  ARG A NH2  1 
ATOM   749  N  N    . SER A 1 92  ? -7.175  -3.196  17.083  1.00 42.94  ? 92  SER A N    1 
ATOM   750  C  CA   . SER A 1 92  ? -8.101  -3.769  18.054  1.00 30.55  ? 92  SER A CA   1 
ATOM   751  C  C    . SER A 1 92  ? -8.202  -5.274  17.873  1.00 42.63  ? 92  SER A C    1 
ATOM   752  O  O    . SER A 1 92  ? -7.980  -5.803  16.779  1.00 32.81  ? 92  SER A O    1 
ATOM   753  C  CB   . SER A 1 92  ? -9.489  -3.145  17.918  1.00 36.21  ? 92  SER A CB   1 
ATOM   754  O  OG   . SER A 1 92  ? -10.363 -3.658  18.911  1.00 38.26  ? 92  SER A OG   1 
ATOM   755  N  N    . ARG A 1 93  ? -8.542  -5.964  18.955  1.00 43.38  ? 93  ARG A N    1 
ATOM   756  C  CA   . ARG A 1 93  ? -8.678  -7.413  18.929  1.00 38.48  ? 93  ARG A CA   1 
ATOM   757  C  C    . ARG A 1 93  ? -10.152 -7.797  19.099  1.00 39.73  ? 93  ARG A C    1 
ATOM   758  O  O    . ARG A 1 93  ? -10.478 -8.957  19.351  1.00 34.61  ? 93  ARG A O    1 
ATOM   759  C  CB   . ARG A 1 93  ? -7.817  -8.018  20.047  1.00 36.30  ? 93  ARG A CB   1 
ATOM   760  C  CG   . ARG A 1 93  ? -7.831  -9.533  20.136  1.00 57.05  ? 93  ARG A CG   1 
ATOM   761  C  CD   . ARG A 1 93  ? -8.249  -9.986  21.533  1.00 58.50  ? 93  ARG A CD   1 
ATOM   762  N  NE   . ARG A 1 93  ? -8.077  -11.421 21.749  1.00 56.53  ? 93  ARG A NE   1 
ATOM   763  C  CZ   . ARG A 1 93  ? -6.900  -12.044 21.770  1.00 66.44  ? 93  ARG A CZ   1 
ATOM   764  N  NH1  . ARG A 1 93  ? -5.778  -11.359 21.583  1.00 43.11  ? 93  ARG A NH1  1 
ATOM   765  N  NH2  . ARG A 1 93  ? -6.842  -13.353 21.988  1.00 66.63  ? 93  ARG A NH2  1 
ATOM   766  N  N    . TYR A 1 94  ? -11.038 -6.812  18.951  1.00 41.99  ? 94  TYR A N    1 
ATOM   767  C  CA   . TYR A 1 94  ? -12.480 -7.024  19.096  1.00 36.26  ? 94  TYR A CA   1 
ATOM   768  C  C    . TYR A 1 94  ? -13.268 -6.125  18.136  1.00 37.03  ? 94  TYR A C    1 
ATOM   769  O  O    . TYR A 1 94  ? -12.910 -4.968  17.919  1.00 31.24  ? 94  TYR A O    1 
ATOM   770  C  CB   . TYR A 1 94  ? -12.927 -6.723  20.533  1.00 31.95  ? 94  TYR A CB   1 
ATOM   771  C  CG   . TYR A 1 94  ? -12.022 -7.285  21.611  1.00 36.24  ? 94  TYR A CG   1 
ATOM   772  C  CD1  . TYR A 1 94  ? -10.970 -6.528  22.133  1.00 31.19  ? 94  TYR A CD1  1 
ATOM   773  C  CD2  . TYR A 1 94  ? -12.206 -8.573  22.102  1.00 31.77  ? 94  TYR A CD2  1 
ATOM   774  C  CE1  . TYR A 1 94  ? -10.130 -7.043  23.118  1.00 27.22  ? 94  TYR A CE1  1 
ATOM   775  C  CE2  . TYR A 1 94  ? -11.365 -9.097  23.085  1.00 37.67  ? 94  TYR A CE2  1 
ATOM   776  C  CZ   . TYR A 1 94  ? -10.330 -8.328  23.589  1.00 29.18  ? 94  TYR A CZ   1 
ATOM   777  O  OH   . TYR A 1 94  ? -9.492  -8.852  24.555  1.00 28.89  ? 94  TYR A OH   1 
ATOM   778  N  N    . PRO A 1 95  ? -14.377 -6.639  17.573  1.00 32.39  ? 95  PRO A N    1 
ATOM   779  C  CA   . PRO A 1 95  ? -14.932 -7.984  17.773  1.00 28.15  ? 95  PRO A CA   1 
ATOM   780  C  C    . PRO A 1 95  ? -14.221 -9.141  17.067  1.00 35.29  ? 95  PRO A C    1 
ATOM   781  O  O    . PRO A 1 95  ? -14.588 -10.297 17.256  1.00 42.86  ? 95  PRO A O    1 
ATOM   782  C  CB   . PRO A 1 95  ? -16.372 -7.830  17.299  1.00 30.58  ? 95  PRO A CB   1 
ATOM   783  C  CG   . PRO A 1 95  ? -16.249 -6.819  16.192  1.00 33.69  ? 95  PRO A CG   1 
ATOM   784  C  CD   . PRO A 1 95  ? -15.317 -5.794  16.810  1.00 30.00  ? 95  PRO A CD   1 
ATOM   785  N  N    . HIS A 1 96  ? -13.211 -8.844  16.256  1.00 47.88  ? 96  HIS A N    1 
ATOM   786  C  CA   . HIS A 1 96  ? -12.493 -9.901  15.540  1.00 44.76  ? 96  HIS A CA   1 
ATOM   787  C  C    . HIS A 1 96  ? -10.993 -9.836  15.791  1.00 44.52  ? 96  HIS A C    1 
ATOM   788  O  O    . HIS A 1 96  ? -10.406 -8.753  15.799  1.00 44.93  ? 96  HIS A O    1 
ATOM   789  C  CB   . HIS A 1 96  ? -12.753 -9.783  14.035  1.00 41.10  ? 96  HIS A CB   1 
ATOM   790  C  CG   . HIS A 1 96  ? -14.203 -9.689  13.680  1.00 37.71  ? 96  HIS A CG   1 
ATOM   791  N  ND1  . HIS A 1 96  ? -15.042 -10.783 13.676  1.00 35.86  ? 96  HIS A ND1  1 
ATOM   792  C  CD2  . HIS A 1 96  ? -14.975 -8.619  13.376  1.00 37.71  ? 96  HIS A CD2  1 
ATOM   793  C  CE1  . HIS A 1 96  ? -16.270 -10.388 13.389  1.00 38.46  ? 96  HIS A CE1  1 
ATOM   794  N  NE2  . HIS A 1 96  ? -16.256 -9.080  13.202  1.00 37.76  ? 96  HIS A NE2  1 
ATOM   795  N  N    . LYS A 1 97  ? -10.389 -11.002 16.012  1.00 37.80  ? 97  LYS A N    1 
ATOM   796  C  CA   . LYS A 1 97  ? -8.950  -11.101 16.234  1.00 47.76  ? 97  LYS A CA   1 
ATOM   797  C  C    . LYS A 1 97  ? -8.272  -11.147 14.864  1.00 42.81  ? 97  LYS A C    1 
ATOM   798  O  O    . LYS A 1 97  ? -8.264  -12.179 14.194  1.00 43.19  ? 97  LYS A O    1 
ATOM   799  C  CB   . LYS A 1 97  ? -8.615  -12.368 17.037  1.00 46.73  ? 97  LYS A CB   1 
ATOM   800  C  CG   . LYS A 1 97  ? -8.875  -12.235 18.534  1.00 67.10  ? 97  LYS A CG   1 
ATOM   801  C  CD   . LYS A 1 97  ? -8.667  -13.547 19.306  1.00 71.18  ? 97  LYS A CD   1 
ATOM   802  C  CE   . LYS A 1 97  ? -9.826  -14.530 19.109  1.00 74.97  ? 97  LYS A CE   1 
ATOM   803  N  NZ   . LYS A 1 97  ? -9.821  -15.659 20.100  1.00 56.57  ? 97  LYS A NZ   1 
ATOM   804  N  N    . PRO A 1 98  ? -7.694  -10.018 14.434  1.00 38.05  ? 98  PRO A N    1 
ATOM   805  C  CA   . PRO A 1 98  ? -7.010  -9.897  13.143  1.00 37.55  ? 98  PRO A CA   1 
ATOM   806  C  C    . PRO A 1 98  ? -5.911  -10.919 12.879  1.00 43.40  ? 98  PRO A C    1 
ATOM   807  O  O    . PRO A 1 98  ? -4.993  -11.089 13.682  1.00 44.97  ? 98  PRO A O    1 
ATOM   808  C  CB   . PRO A 1 98  ? -6.449  -8.477  13.184  1.00 27.92  ? 98  PRO A CB   1 
ATOM   809  C  CG   . PRO A 1 98  ? -7.407  -7.758  14.076  1.00 39.00  ? 98  PRO A CG   1 
ATOM   810  C  CD   . PRO A 1 98  ? -7.608  -8.754  15.180  1.00 28.01  ? 98  PRO A CD   1 
ATOM   811  N  N    . GLU A 1 99  ? -6.018  -11.602 11.747  1.00 44.40  ? 99  GLU A N    1 
ATOM   812  C  CA   . GLU A 1 99  ? -5.008  -12.572 11.342  1.00 39.13  ? 99  GLU A CA   1 
ATOM   813  C  C    . GLU A 1 99  ? -3.943  -11.738 10.624  1.00 38.21  ? 99  GLU A C    1 
ATOM   814  O  O    . GLU A 1 99  ? -2.781  -12.126 10.531  1.00 41.51  ? 99  GLU A O    1 
ATOM   815  C  CB   . GLU A 1 99  ? -5.607  -13.596 10.367  1.00 43.44  ? 99  GLU A CB   1 
ATOM   816  C  CG   . GLU A 1 99  ? -7.016  -13.247 9.872   1.00 59.08  ? 99  GLU A CG   1 
ATOM   817  C  CD   . GLU A 1 99  ? -7.224  -13.513 8.383   1.00 73.20  ? 99  GLU A CD   1 
ATOM   818  O  OE1  . GLU A 1 99  ? -6.632  -14.483 7.863   1.00 85.52  ? 99  GLU A OE1  1 
ATOM   819  O  OE2  . GLU A 1 99  ? -7.992  -12.762 7.736   1.00 48.98  ? 99  GLU A OE2  1 
ATOM   820  N  N    . ILE A 1 100 ? -4.368  -10.577 10.131  1.00 32.67  ? 100 ILE A N    1 
ATOM   821  C  CA   . ILE A 1 100 ? -3.503  -9.655  9.400   1.00 40.55  ? 100 ILE A CA   1 
ATOM   822  C  C    . ILE A 1 100 ? -3.312  -8.338  10.149  1.00 38.87  ? 100 ILE A C    1 
ATOM   823  O  O    . ILE A 1 100 ? -4.285  -7.688  10.516  1.00 45.34  ? 100 ILE A O    1 
ATOM   824  C  CB   . ILE A 1 100 ? -4.107  -9.369  8.005   1.00 33.76  ? 100 ILE A CB   1 
ATOM   825  C  CG1  . ILE A 1 100 ? -4.041  -10.641 7.155   1.00 34.17  ? 100 ILE A CG1  1 
ATOM   826  C  CG2  . ILE A 1 100 ? -3.384  -8.222  7.335   1.00 29.02  ? 100 ILE A CG2  1 
ATOM   827  C  CD1  . ILE A 1 100 ? -4.696  -10.520 5.792   1.00 48.24  ? 100 ILE A CD1  1 
ATOM   828  N  N    . ASN A 1 101 ? -2.037  -7.933  10.368  1.00 51.71  ? 101 ASN A N    1 
ATOM   829  C  CA   . ASN A 1 101 ? -1.770  -6.693  11.084  1.00 53.38  ? 101 ASN A CA   1 
ATOM   830  C  C    . ASN A 1 101 ? -0.374  -6.168  10.778  1.00 50.42  ? 101 ASN A C    1 
ATOM   831  O  O    . ASN A 1 101 ? 0.346   -6.647  9.916   1.00 46.19  ? 101 ASN A O    1 
ATOM   832  C  CB   . ASN A 1 101 ? -1.946  -6.897  12.589  1.00 62.01  ? 101 ASN A CB   1 
ATOM   833  C  CG   . ASN A 1 101 ? -0.851  -7.751  13.193  1.00 70.31  ? 101 ASN A CG   1 
ATOM   834  O  OD1  . ASN A 1 101 ? 0.333   -7.439  13.067  1.00 78.26  ? 101 ASN A OD1  1 
ATOM   835  N  ND2  . ASN A 1 101 ? -1.242  -8.834  13.855  1.00 79.13  ? 101 ASN A ND2  1 
ATOM   836  N  N    . SER A 1 102 ? -0.013  -5.074  11.493  1.00 44.19  ? 102 SER A N    1 
ATOM   837  C  CA   . SER A 1 102 ? 1.282   -4.408  11.353  1.00 48.34  ? 102 SER A CA   1 
ATOM   838  C  C    . SER A 1 102 ? 2.466   -5.370  11.321  1.00 51.75  ? 102 SER A C    1 
ATOM   839  O  O    . SER A 1 102 ? 3.441   -5.148  10.598  1.00 60.56  ? 102 SER A O    1 
ATOM   840  C  CB   . SER A 1 102 ? 1.504   -3.424  12.507  1.00 46.36  ? 102 SER A CB   1 
ATOM   841  O  OG   . SER A 1 102 ? 0.453   -2.483  12.613  1.00 58.47  ? 102 SER A OG   1 
ATOM   842  N  N    . THR A 1 103 ? 2.385   -6.433  12.111  1.00 53.38  ? 103 THR A N    1 
ATOM   843  C  CA   . THR A 1 103 ? 3.469   -7.405  12.190  1.00 52.13  ? 103 THR A CA   1 
ATOM   844  C  C    . THR A 1 103 ? 3.548   -8.354  11.002  1.00 53.44  ? 103 THR A C    1 
ATOM   845  O  O    . THR A 1 103 ? 4.620   -8.566  10.435  1.00 51.55  ? 103 THR A O    1 
ATOM   846  C  CB   . THR A 1 103 ? 3.360   -8.229  13.479  1.00 56.43  ? 103 THR A CB   1 
ATOM   847  O  OG1  . THR A 1 103 ? 3.467   -7.353  14.608  1.00 48.14  ? 103 THR A OG1  1 
ATOM   848  C  CG2  . THR A 1 103 ? 4.460   -9.284  13.538  1.00 56.90  ? 103 THR A CG2  1 
ATOM   849  N  N    . THR A 1 104 ? 2.414   -8.931  10.630  1.00 55.75  ? 104 THR A N    1 
ATOM   850  C  CA   . THR A 1 104 ? 2.380   -9.855  9.507   1.00 52.99  ? 104 THR A CA   1 
ATOM   851  C  C    . THR A 1 104 ? 2.526   -9.120  8.183   1.00 56.04  ? 104 THR A C    1 
ATOM   852  O  O    . THR A 1 104 ? 2.941   -9.713  7.184   1.00 51.81  ? 104 THR A O    1 
ATOM   853  C  CB   . THR A 1 104 ? 1.054   -10.652 9.462   1.00 55.54  ? 104 THR A CB   1 
ATOM   854  O  OG1  . THR A 1 104 ? -0.051  -9.737  9.437   1.00 48.44  ? 104 THR A OG1  1 
ATOM   855  C  CG2  . THR A 1 104 ? 0.936   -11.574 10.665  1.00 40.76  ? 104 THR A CG2  1 
ATOM   856  N  N    . HIS A 1 105 ? 2.185   -7.833  8.175   1.00 51.32  ? 105 HIS A N    1 
ATOM   857  C  CA   . HIS A 1 105 ? 2.254   -7.045  6.948   1.00 48.83  ? 105 HIS A CA   1 
ATOM   858  C  C    . HIS A 1 105 ? 2.764   -5.621  7.129   1.00 53.27  ? 105 HIS A C    1 
ATOM   859  O  O    . HIS A 1 105 ? 2.002   -4.655  7.005   1.00 43.49  ? 105 HIS A O    1 
ATOM   860  C  CB   . HIS A 1 105 ? 0.879   -7.004  6.292   1.00 40.22  ? 105 HIS A CB   1 
ATOM   861  C  CG   . HIS A 1 105 ? 0.360   -8.350  5.908   1.00 34.51  ? 105 HIS A CG   1 
ATOM   862  N  ND1  . HIS A 1 105 ? 0.377   -8.812  4.610   1.00 49.15  ? 105 HIS A ND1  1 
ATOM   863  C  CD2  . HIS A 1 105 ? -0.170  -9.347  6.656   1.00 34.30  ? 105 HIS A CD2  1 
ATOM   864  C  CE1  . HIS A 1 105 ? -0.123  -10.036 4.574   1.00 47.84  ? 105 HIS A CE1  1 
ATOM   865  N  NE2  . HIS A 1 105 ? -0.464  -10.383 5.802   1.00 41.16  ? 105 HIS A NE2  1 
ATOM   866  N  N    . PRO A 1 106 ? 4.066   -5.469  7.422   1.00 57.23  ? 106 PRO A N    1 
ATOM   867  C  CA   . PRO A 1 106 ? 4.626   -4.127  7.602   1.00 52.73  ? 106 PRO A CA   1 
ATOM   868  C  C    . PRO A 1 106 ? 4.642   -3.439  6.237   1.00 54.19  ? 106 PRO A C    1 
ATOM   869  O  O    . PRO A 1 106 ? 4.870   -4.086  5.208   1.00 54.19  ? 106 PRO A O    1 
ATOM   870  C  CB   . PRO A 1 106 ? 6.023   -4.414  8.139   1.00 55.54  ? 106 PRO A CB   1 
ATOM   871  C  CG   . PRO A 1 106 ? 6.387   -5.696  7.425   1.00 48.84  ? 106 PRO A CG   1 
ATOM   872  C  CD   . PRO A 1 106 ? 5.113   -6.505  7.529   1.00 48.00  ? 106 PRO A CD   1 
ATOM   873  N  N    . GLY A 1 107 ? 4.384   -2.137  6.221   1.00 47.88  ? 107 GLY A N    1 
ATOM   874  C  CA   . GLY A 1 107 ? 4.362   -1.422  4.957   1.00 46.79  ? 107 GLY A CA   1 
ATOM   875  C  C    . GLY A 1 107 ? 2.984   -1.391  4.308   1.00 38.37  ? 107 GLY A C    1 
ATOM   876  O  O    . GLY A 1 107 ? 2.800   -0.768  3.265   1.00 42.37  ? 107 GLY A O    1 
ATOM   877  N  N    . ALA A 1 108 ? 2.015   -2.065  4.921   1.00 37.55  ? 108 ALA A N    1 
ATOM   878  C  CA   . ALA A 1 108 ? 0.653   -2.093  4.394   1.00 34.74  ? 108 ALA A CA   1 
ATOM   879  C  C    . ALA A 1 108 ? -0.135  -0.879  4.879   1.00 43.24  ? 108 ALA A C    1 
ATOM   880  O  O    . ALA A 1 108 ? -1.241  -0.608  4.401   1.00 43.77  ? 108 ALA A O    1 
ATOM   881  C  CB   . ALA A 1 108 ? -0.045  -3.367  4.821   1.00 27.63  ? 108 ALA A CB   1 
ATOM   882  N  N    . ASP A 1 109 ? 0.453   -0.147  5.822   1.00 36.60  ? 109 ASP A N    1 
ATOM   883  C  CA   . ASP A 1 109 ? -0.165  1.041   6.399   1.00 32.24  ? 109 ASP A CA   1 
ATOM   884  C  C    . ASP A 1 109 ? -1.529  0.743   6.992   1.00 35.19  ? 109 ASP A C    1 
ATOM   885  O  O    . ASP A 1 109 ? -2.518  1.414   6.684   1.00 34.50  ? 109 ASP A O    1 
ATOM   886  C  CB   . ASP A 1 109 ? -0.297  2.150   5.359   1.00 38.00  ? 109 ASP A CB   1 
ATOM   887  C  CG   . ASP A 1 109 ? -0.712  3.476   5.976   1.00 42.76  ? 109 ASP A CG   1 
ATOM   888  O  OD1  . ASP A 1 109 ? -0.209  3.787   7.073   1.00 41.50  ? 109 ASP A OD1  1 
ATOM   889  O  OD2  . ASP A 1 109 ? -1.526  4.210   5.371   1.00 46.43  ? 109 ASP A OD2  1 
ATOM   890  N  N    . LEU A 1 110 ? -1.571  -0.276  7.845   1.00 33.50  ? 110 LEU A N    1 
ATOM   891  C  CA   . LEU A 1 110 ? -2.800  -0.672  8.513   1.00 41.29  ? 110 LEU A CA   1 
ATOM   892  C  C    . LEU A 1 110 ? -3.011  0.231   9.728   1.00 44.19  ? 110 LEU A C    1 
ATOM   893  O  O    . LEU A 1 110 ? -2.872  -0.205  10.875  1.00 44.30  ? 110 LEU A O    1 
ATOM   894  C  CB   . LEU A 1 110 ? -2.699  -2.132  8.946   1.00 39.07  ? 110 LEU A CB   1 
ATOM   895  C  CG   . LEU A 1 110 ? -2.382  -3.111  7.812   1.00 38.11  ? 110 LEU A CG   1 
ATOM   896  C  CD1  . LEU A 1 110 ? -2.224  -4.513  8.393   1.00 30.83  ? 110 LEU A CD1  1 
ATOM   897  C  CD2  . LEU A 1 110 ? -3.497  -3.077  6.755   1.00 29.60  ? 110 LEU A CD2  1 
ATOM   898  N  N    . ARG A 1 111 ? -3.333  1.497   9.465   1.00 45.16  ? 111 ARG A N    1 
ATOM   899  C  CA   . ARG A 1 111 ? -3.559  2.478   10.525  1.00 41.82  ? 111 ARG A CA   1 
ATOM   900  C  C    . ARG A 1 111 ? -5.035  2.658   10.839  1.00 37.65  ? 111 ARG A C    1 
ATOM   901  O  O    . ARG A 1 111 ? -5.886  2.538   9.955   1.00 32.90  ? 111 ARG A O    1 
ATOM   902  C  CB   . ARG A 1 111 ? -2.968  3.844   10.140  1.00 47.13  ? 111 ARG A CB   1 
ATOM   903  C  CG   . ARG A 1 111 ? -1.454  3.939   10.252  1.00 68.61  ? 111 ARG A CG   1 
ATOM   904  C  CD   . ARG A 1 111 ? -0.948  5.373   10.053  1.00 61.03  ? 111 ARG A CD   1 
ATOM   905  N  NE   . ARG A 1 111 ? -1.177  5.882   8.702   1.00 48.31  ? 111 ARG A NE   1 
ATOM   906  C  CZ   . ARG A 1 111 ? -2.338  6.349   8.253   1.00 50.84  ? 111 ARG A CZ   1 
ATOM   907  N  NH1  . ARG A 1 111 ? -3.399  6.380   9.046   1.00 76.03  ? 111 ARG A NH1  1 
ATOM   908  N  NH2  . ARG A 1 111 ? -2.439  6.791   7.008   1.00 61.24  ? 111 ARG A NH2  1 
ATOM   909  N  N    . GLU A 1 112 ? -5.323  2.966   12.102  1.00 35.21  ? 112 GLU A N    1 
ATOM   910  C  CA   . GLU A 1 112 ? -6.689  3.167   12.562  1.00 30.62  ? 112 GLU A CA   1 
ATOM   911  C  C    . GLU A 1 112 ? -7.622  2.088   12.003  1.00 37.52  ? 112 GLU A C    1 
ATOM   912  O  O    . GLU A 1 112 ? -7.381  0.891   12.182  1.00 39.78  ? 112 GLU A O    1 
ATOM   913  C  CB   . GLU A 1 112 ? -7.176  4.549   12.134  1.00 42.44  ? 112 GLU A CB   1 
ATOM   914  C  CG   . GLU A 1 112 ? -6.237  5.670   12.529  1.00 58.64  ? 112 GLU A CG   1 
ATOM   915  C  CD   . GLU A 1 112 ? -6.841  7.033   12.298  1.00 63.76  ? 112 GLU A CD   1 
ATOM   916  O  OE1  . GLU A 1 112 ? -6.073  8.017   12.266  1.00 70.05  ? 112 GLU A OE1  1 
ATOM   917  O  OE2  . GLU A 1 112 ? -8.082  7.120   12.155  1.00 70.98  ? 112 GLU A OE2  1 
ATOM   918  N  N    . ASN A 1 113 ? -8.690  2.520   11.338  1.00 33.58  ? 113 ASN A N    1 
ATOM   919  C  CA   . ASN A 1 113 ? -9.644  1.594   10.743  1.00 33.01  ? 113 ASN A CA   1 
ATOM   920  C  C    . ASN A 1 113 ? -9.879  1.927   9.274   1.00 38.86  ? 113 ASN A C    1 
ATOM   921  O  O    . ASN A 1 113 ? -10.986 1.756   8.762   1.00 37.19  ? 113 ASN A O    1 
ATOM   922  C  CB   . ASN A 1 113 ? -10.987 1.610   11.501  1.00 38.03  ? 113 ASN A CB   1 
ATOM   923  C  CG   . ASN A 1 113 ? -11.730 2.946   11.399  1.00 36.26  ? 113 ASN A CG   1 
ATOM   924  O  OD1  . ASN A 1 113 ? -12.914 3.023   11.731  1.00 37.43  ? 113 ASN A OD1  1 
ATOM   925  N  ND2  . ASN A 1 113 ? -11.043 3.993   10.961  1.00 31.36  ? 113 ASN A ND2  1 
ATOM   926  N  N    . PHE A 1 114 ? -8.839  2.416   8.602   1.00 37.15  ? 114 PHE A N    1 
ATOM   927  C  CA   . PHE A 1 114 ? -8.951  2.753   7.185   1.00 39.20  ? 114 PHE A CA   1 
ATOM   928  C  C    . PHE A 1 114 ? -8.904  1.480   6.348   1.00 38.63  ? 114 PHE A C    1 
ATOM   929  O  O    . PHE A 1 114 ? -8.194  0.533   6.684   1.00 38.07  ? 114 PHE A O    1 
ATOM   930  C  CB   . PHE A 1 114 ? -7.819  3.691   6.757   1.00 30.67  ? 114 PHE A CB   1 
ATOM   931  C  CG   . PHE A 1 114 ? -7.782  4.988   7.515   1.00 36.37  ? 114 PHE A CG   1 
ATOM   932  C  CD1  . PHE A 1 114 ? -8.943  5.731   7.707   1.00 36.76  ? 114 PHE A CD1  1 
ATOM   933  C  CD2  . PHE A 1 114 ? -6.582  5.480   8.018   1.00 44.80  ? 114 PHE A CD2  1 
ATOM   934  C  CE1  . PHE A 1 114 ? -8.909  6.941   8.388   1.00 38.07  ? 114 PHE A CE1  1 
ATOM   935  C  CE2  . PHE A 1 114 ? -6.538  6.692   8.700   1.00 44.04  ? 114 PHE A CE2  1 
ATOM   936  C  CZ   . PHE A 1 114 ? -7.706  7.424   8.885   1.00 42.67  ? 114 PHE A CZ   1 
ATOM   937  N  N    . CYS A 1 115 ? -9.667  1.459   5.261   1.00 38.79  ? 115 CYS A N    1 
ATOM   938  C  CA   . CYS A 1 115 ? -9.705  0.298   4.384   1.00 38.73  ? 115 CYS A CA   1 
ATOM   939  C  C    . CYS A 1 115 ? -8.370  0.086   3.690   1.00 33.58  ? 115 CYS A C    1 
ATOM   940  O  O    . CYS A 1 115 ? -7.731  1.033   3.246   1.00 35.64  ? 115 CYS A O    1 
ATOM   941  C  CB   . CYS A 1 115 ? -10.803 0.472   3.344   1.00 36.81  ? 115 CYS A CB   1 
ATOM   942  S  SG   . CYS A 1 115 ? -12.448 0.601   4.090   1.00 36.93  ? 115 CYS A SG   1 
ATOM   943  N  N    . ARG A 1 116 ? -7.956  -1.169  3.607   1.00 33.73  ? 116 ARG A N    1 
ATOM   944  C  CA   . ARG A 1 116 ? -6.689  -1.519  2.981   1.00 27.33  ? 116 ARG A CA   1 
ATOM   945  C  C    . ARG A 1 116 ? -6.818  -2.902  2.374   1.00 34.22  ? 116 ARG A C    1 
ATOM   946  O  O    . ARG A 1 116 ? -7.699  -3.674  2.755   1.00 34.95  ? 116 ARG A O    1 
ATOM   947  C  CB   . ARG A 1 116 ? -5.568  -1.544  4.028   1.00 25.17  ? 116 ARG A CB   1 
ATOM   948  C  CG   . ARG A 1 116 ? -5.250  -0.203  4.676   1.00 32.70  ? 116 ARG A CG   1 
ATOM   949  C  CD   . ARG A 1 116 ? -4.354  0.641   3.785   1.00 28.36  ? 116 ARG A CD   1 
ATOM   950  N  NE   . ARG A 1 116 ? -3.941  1.887   4.431   1.00 29.81  ? 116 ARG A NE   1 
ATOM   951  C  CZ   . ARG A 1 116 ? -4.667  3.000   4.443   1.00 31.91  ? 116 ARG A CZ   1 
ATOM   952  N  NH1  . ARG A 1 116 ? -5.850  3.028   3.844   1.00 29.62  ? 116 ARG A NH1  1 
ATOM   953  N  NH2  . ARG A 1 116 ? -4.205  4.089   5.038   1.00 26.64  ? 116 ARG A NH2  1 
ATOM   954  N  N    . ASN A 1 117 ? -5.950  -3.209  1.417   1.00 33.70  ? 117 ASN A N    1 
ATOM   955  C  CA   . ASN A 1 117 ? -5.953  -4.524  0.800   1.00 37.93  ? 117 ASN A CA   1 
ATOM   956  C  C    . ASN A 1 117 ? -4.544  -5.085  0.932   1.00 40.24  ? 117 ASN A C    1 
ATOM   957  O  O    . ASN A 1 117 ? -3.810  -5.183  -0.049  1.00 40.12  ? 117 ASN A O    1 
ATOM   958  C  CB   . ASN A 1 117 ? -6.344  -4.448  -0.672  1.00 31.41  ? 117 ASN A CB   1 
ATOM   959  C  CG   . ASN A 1 117 ? -6.715  -5.805  -1.233  1.00 34.19  ? 117 ASN A CG   1 
ATOM   960  O  OD1  . ASN A 1 117 ? -6.618  -6.811  -0.540  1.00 30.32  ? 117 ASN A OD1  1 
ATOM   961  N  ND2  . ASN A 1 117 ? -7.143  -5.840  -2.479  1.00 31.19  ? 117 ASN A ND2  1 
ATOM   962  N  N    . PRO A 1 118 ? -4.152  -5.457  2.162   1.00 41.27  ? 118 PRO A N    1 
ATOM   963  C  CA   . PRO A 1 118 ? -2.825  -6.006  2.450   1.00 35.02  ? 118 PRO A CA   1 
ATOM   964  C  C    . PRO A 1 118 ? -2.541  -7.393  1.877   1.00 38.32  ? 118 PRO A C    1 
ATOM   965  O  O    . PRO A 1 118 ? -1.383  -7.753  1.670   1.00 32.88  ? 118 PRO A O    1 
ATOM   966  C  CB   . PRO A 1 118 ? -2.776  -5.986  3.977   1.00 37.11  ? 118 PRO A CB   1 
ATOM   967  C  CG   . PRO A 1 118 ? -4.199  -6.259  4.352   1.00 33.86  ? 118 PRO A CG   1 
ATOM   968  C  CD   . PRO A 1 118 ? -4.960  -5.368  3.396   1.00 41.14  ? 118 PRO A CD   1 
ATOM   969  N  N    . ASP A 1 119 ? -3.586  -8.169  1.608   1.00 34.17  ? 119 ASP A N    1 
ATOM   970  C  CA   . ASP A 1 119 ? -3.385  -9.515  1.084   1.00 30.76  ? 119 ASP A CA   1 
ATOM   971  C  C    . ASP A 1 119 ? -3.854  -9.698  -0.354  1.00 36.00  ? 119 ASP A C    1 
ATOM   972  O  O    . ASP A 1 119 ? -4.090  -10.818 -0.801  1.00 39.00  ? 119 ASP A O    1 
ATOM   973  C  CB   . ASP A 1 119 ? -4.069  -10.540 2.007   1.00 34.62  ? 119 ASP A CB   1 
ATOM   974  C  CG   . ASP A 1 119 ? -5.570  -10.328 2.114   1.00 39.80  ? 119 ASP A CG   1 
ATOM   975  O  OD1  . ASP A 1 119 ? -6.047  -9.213  1.810   1.00 41.46  ? 119 ASP A OD1  1 
ATOM   976  O  OD2  . ASP A 1 119 ? -6.273  -11.278 2.518   1.00 40.19  ? 119 ASP A OD2  1 
ATOM   977  N  N    . GLY A 1 120 ? -3.974  -8.593  -1.081  1.00 30.92  ? 120 GLY A N    1 
ATOM   978  C  CA   . GLY A 1 120 ? -4.403  -8.666  -2.464  1.00 31.93  ? 120 GLY A CA   1 
ATOM   979  C  C    . GLY A 1 120 ? -5.757  -9.319  -2.672  1.00 41.67  ? 120 GLY A C    1 
ATOM   980  O  O    . GLY A 1 120 ? -5.958  -10.028 -3.655  1.00 37.97  ? 120 GLY A O    1 
ATOM   981  N  N    . SER A 1 121 ? -6.684  -9.086  -1.747  1.00 46.40  ? 121 SER A N    1 
ATOM   982  C  CA   . SER A 1 121 ? -8.023  -9.644  -1.850  1.00 41.16  ? 121 SER A CA   1 
ATOM   983  C  C    . SER A 1 121 ? -8.618  -9.249  -3.197  1.00 39.98  ? 121 SER A C    1 
ATOM   984  O  O    . SER A 1 121 ? -8.527  -8.099  -3.622  1.00 44.11  ? 121 SER A O    1 
ATOM   985  C  CB   . SER A 1 121 ? -8.906  -9.127  -0.712  1.00 46.36  ? 121 SER A CB   1 
ATOM   986  O  OG   . SER A 1 121 ? -10.278 -9.306  -1.017  1.00 53.87  ? 121 SER A OG   1 
ATOM   987  N  N    . ILE A 1 122 ? -9.232  -10.215 -3.862  1.00 42.18  ? 122 ILE A N    1 
ATOM   988  C  CA   . ILE A 1 122 ? -9.812  -9.979  -5.168  1.00 39.09  ? 122 ILE A CA   1 
ATOM   989  C  C    . ILE A 1 122 ? -10.922 -8.927  -5.200  1.00 37.51  ? 122 ILE A C    1 
ATOM   990  O  O    . ILE A 1 122 ? -11.094 -8.237  -6.205  1.00 40.44  ? 122 ILE A O    1 
ATOM   991  C  CB   . ILE A 1 122 ? -10.321 -11.303 -5.777  1.00 45.73  ? 122 ILE A CB   1 
ATOM   992  C  CG1  . ILE A 1 122 ? -10.151 -11.240 -7.283  1.00 39.12  ? 122 ILE A CG1  1 
ATOM   993  C  CG2  . ILE A 1 122 ? -11.769 -11.564 -5.391  1.00 40.31  ? 122 ILE A CG2  1 
ATOM   994  C  CD1  . ILE A 1 122 ? -8.730  -10.928 -7.680  1.00 43.56  ? 122 ILE A CD1  1 
ATOM   995  N  N    . THR A 1 123 ? -11.664 -8.791  -4.108  1.00 34.71  ? 123 THR A N    1 
ATOM   996  C  CA   . THR A 1 123 ? -12.740 -7.807  -4.062  1.00 31.81  ? 123 THR A CA   1 
ATOM   997  C  C    . THR A 1 123 ? -12.298 -6.400  -3.638  1.00 33.09  ? 123 THR A C    1 
ATOM   998  O  O    . THR A 1 123 ? -13.130 -5.557  -3.308  1.00 38.13  ? 123 THR A O    1 
ATOM   999  C  CB   . THR A 1 123 ? -13.908 -8.295  -3.158  1.00 36.18  ? 123 THR A CB   1 
ATOM   1000 O  OG1  . THR A 1 123 ? -13.396 -8.869  -1.947  1.00 29.60  ? 123 THR A OG1  1 
ATOM   1001 C  CG2  . THR A 1 123 ? -14.743 -9.341  -3.901  1.00 35.31  ? 123 THR A CG2  1 
ATOM   1002 N  N    . GLY A 1 124 ? -10.987 -6.155  -3.649  1.00 36.18  ? 124 GLY A N    1 
ATOM   1003 C  CA   . GLY A 1 124 ? -10.465 -4.835  -3.318  1.00 29.96  ? 124 GLY A CA   1 
ATOM   1004 C  C    . GLY A 1 124 ? -10.183 -4.487  -1.866  1.00 32.15  ? 124 GLY A C    1 
ATOM   1005 O  O    . GLY A 1 124 ? -10.249 -5.350  -0.990  1.00 29.71  ? 124 GLY A O    1 
ATOM   1006 N  N    . PRO A 1 125 ? -9.851  -3.214  -1.584  1.00 27.75  ? 125 PRO A N    1 
ATOM   1007 C  CA   . PRO A 1 125 ? -9.557  -2.746  -0.222  1.00 36.18  ? 125 PRO A CA   1 
ATOM   1008 C  C    . PRO A 1 125 ? -10.696 -3.129  0.709   1.00 37.97  ? 125 PRO A C    1 
ATOM   1009 O  O    . PRO A 1 125 ? -11.866 -2.986  0.357   1.00 39.93  ? 125 PRO A O    1 
ATOM   1010 C  CB   . PRO A 1 125 ? -9.439  -1.237  -0.393  1.00 33.69  ? 125 PRO A CB   1 
ATOM   1011 C  CG   . PRO A 1 125 ? -8.904  -1.105  -1.795  1.00 29.85  ? 125 PRO A CG   1 
ATOM   1012 C  CD   . PRO A 1 125 ? -9.730  -2.111  -2.555  1.00 27.42  ? 125 PRO A CD   1 
ATOM   1013 N  N    . TRP A 1 126 ? -10.346 -3.608  1.896   1.00 41.68  ? 126 TRP A N    1 
ATOM   1014 C  CA   . TRP A 1 126 ? -11.334 -4.050  2.875   1.00 34.98  ? 126 TRP A CA   1 
ATOM   1015 C  C    . TRP A 1 126 ? -10.964 -3.644  4.297   1.00 32.71  ? 126 TRP A C    1 
ATOM   1016 O  O    . TRP A 1 126 ? -10.073 -2.827  4.522   1.00 33.30  ? 126 TRP A O    1 
ATOM   1017 C  CB   . TRP A 1 126 ? -11.456 -5.577  2.825   1.00 29.43  ? 126 TRP A CB   1 
ATOM   1018 C  CG   . TRP A 1 126 ? -10.132 -6.266  2.976   1.00 31.35  ? 126 TRP A CG   1 
ATOM   1019 C  CD1  . TRP A 1 126 ? -9.196  -6.473  1.999   1.00 36.53  ? 126 TRP A CD1  1 
ATOM   1020 C  CD2  . TRP A 1 126 ? -9.571  -6.802  4.182   1.00 37.76  ? 126 TRP A CD2  1 
ATOM   1021 N  NE1  . TRP A 1 126 ? -8.091  -7.105  2.521   1.00 34.71  ? 126 TRP A NE1  1 
ATOM   1022 C  CE2  . TRP A 1 126 ? -8.293  -7.317  3.859   1.00 39.25  ? 126 TRP A CE2  1 
ATOM   1023 C  CE3  . TRP A 1 126 ? -10.022 -6.896  5.505   1.00 31.84  ? 126 TRP A CE3  1 
ATOM   1024 C  CZ2  . TRP A 1 126 ? -7.464  -7.916  4.812   1.00 34.59  ? 126 TRP A CZ2  1 
ATOM   1025 C  CZ3  . TRP A 1 126 ? -9.197  -7.492  6.452   1.00 30.33  ? 126 TRP A CZ3  1 
ATOM   1026 C  CH2  . TRP A 1 126 ? -7.932  -7.996  6.100   1.00 31.35  ? 126 TRP A CH2  1 
ATOM   1027 N  N    . CYS A 1 127 ? -11.661 -4.233  5.258   1.00 31.68  ? 127 CYS A N    1 
ATOM   1028 C  CA   . CYS A 1 127 ? -11.387 -3.961  6.655   1.00 34.04  ? 127 CYS A CA   1 
ATOM   1029 C  C    . CYS A 1 127 ? -12.183 -4.919  7.516   1.00 33.70  ? 127 CYS A C    1 
ATOM   1030 O  O    . CYS A 1 127 ? -13.230 -5.405  7.097   1.00 42.42  ? 127 CYS A O    1 
ATOM   1031 C  CB   . CYS A 1 127 ? -11.777 -2.522  7.000   1.00 41.68  ? 127 CYS A CB   1 
ATOM   1032 S  SG   . CYS A 1 127 ? -13.561 -2.257  7.247   1.00 35.67  ? 127 CYS A SG   1 
ATOM   1033 N  N    . TYR A 1 128 ? -11.670 -5.221  8.707   1.00 44.81  ? 128 TYR A N    1 
ATOM   1034 C  CA   . TYR A 1 128 ? -12.399 -6.075  9.635   1.00 33.65  ? 128 TYR A CA   1 
ATOM   1035 C  C    . TYR A 1 128 ? -13.557 -5.175  10.070  1.00 34.96  ? 128 TYR A C    1 
ATOM   1036 O  O    . TYR A 1 128 ? -13.343 -3.982  10.296  1.00 34.21  ? 128 TYR A O    1 
ATOM   1037 C  CB   . TYR A 1 128 ? -11.519 -6.458  10.834  1.00 33.56  ? 128 TYR A CB   1 
ATOM   1038 C  CG   . TYR A 1 128 ? -10.396 -7.413  10.478  1.00 33.41  ? 128 TYR A CG   1 
ATOM   1039 C  CD1  . TYR A 1 128 ? -9.091  -6.957  10.302  1.00 33.83  ? 128 TYR A CD1  1 
ATOM   1040 C  CD2  . TYR A 1 128 ? -10.647 -8.772  10.291  1.00 32.09  ? 128 TYR A CD2  1 
ATOM   1041 C  CE1  . TYR A 1 128 ? -8.062  -7.827  9.950   1.00 37.12  ? 128 TYR A CE1  1 
ATOM   1042 C  CE2  . TYR A 1 128 ? -9.625  -9.653  9.934   1.00 33.94  ? 128 TYR A CE2  1 
ATOM   1043 C  CZ   . TYR A 1 128 ? -8.334  -9.175  9.766   1.00 44.02  ? 128 TYR A CZ   1 
ATOM   1044 O  OH   . TYR A 1 128 ? -7.318  -10.042 9.422   1.00 42.97  ? 128 TYR A OH   1 
ATOM   1045 N  N    . THR A 1 129 ? -14.772 -5.717  10.168  1.00 29.37  ? 129 THR A N    1 
ATOM   1046 C  CA   . THR A 1 129 ? -15.926 -4.890  10.532  1.00 29.71  ? 129 THR A CA   1 
ATOM   1047 C  C    . THR A 1 129 ? -16.287 -4.952  12.004  1.00 36.27  ? 129 THR A C    1 
ATOM   1048 O  O    . THR A 1 129 ? -16.001 -5.936  12.682  1.00 39.17  ? 129 THR A O    1 
ATOM   1049 C  CB   . THR A 1 129 ? -17.203 -5.266  9.716   1.00 35.39  ? 129 THR A CB   1 
ATOM   1050 O  OG1  . THR A 1 129 ? -17.967 -6.249  10.429  1.00 27.10  ? 129 THR A OG1  1 
ATOM   1051 C  CG2  . THR A 1 129 ? -16.823 -5.828  8.356   1.00 26.12  ? 129 THR A CG2  1 
ATOM   1052 N  N    . THR A 1 130 ? -16.930 -3.886  12.483  1.00 42.67  ? 130 THR A N    1 
ATOM   1053 C  CA   . THR A 1 130 ? -17.354 -3.792  13.871  1.00 42.60  ? 130 THR A CA   1 
ATOM   1054 C  C    . THR A 1 130 ? -18.593 -4.632  14.159  1.00 46.95  ? 130 THR A C    1 
ATOM   1055 O  O    . THR A 1 130 ? -19.099 -4.641  15.281  1.00 52.76  ? 130 THR A O    1 
ATOM   1056 C  CB   . THR A 1 130 ? -17.634 -2.337  14.276  1.00 38.43  ? 130 THR A CB   1 
ATOM   1057 O  OG1  . THR A 1 130 ? -18.498 -1.731  13.307  1.00 46.52  ? 130 THR A OG1  1 
ATOM   1058 C  CG2  . THR A 1 130 ? -16.320 -1.553  14.390  1.00 35.70  ? 130 THR A CG2  1 
ATOM   1059 N  N    . SER A 1 131 ? -19.092 -5.324  13.140  1.00 39.98  ? 131 SER A N    1 
ATOM   1060 C  CA   . SER A 1 131 ? -20.239 -6.199  13.328  1.00 37.49  ? 131 SER A CA   1 
ATOM   1061 C  C    . SER A 1 131 ? -19.684 -7.541  13.786  1.00 39.54  ? 131 SER A C    1 
ATOM   1062 O  O    . SER A 1 131 ? -18.782 -8.096  13.159  1.00 42.23  ? 131 SER A O    1 
ATOM   1063 C  CB   . SER A 1 131 ? -21.009 -6.397  12.027  1.00 41.33  ? 131 SER A CB   1 
ATOM   1064 O  OG   . SER A 1 131 ? -21.818 -7.559  12.112  1.00 35.41  ? 131 SER A OG   1 
ATOM   1065 N  N    . PRO A 1 132 ? -20.212 -8.075  14.892  1.00 41.49  ? 132 PRO A N    1 
ATOM   1066 C  CA   . PRO A 1 132 ? -19.764 -9.359  15.436  1.00 46.55  ? 132 PRO A CA   1 
ATOM   1067 C  C    . PRO A 1 132 ? -19.976 -10.537 14.490  1.00 52.10  ? 132 PRO A C    1 
ATOM   1068 O  O    . PRO A 1 132 ? -19.236 -11.520 14.539  1.00 49.48  ? 132 PRO A O    1 
ATOM   1069 C  CB   . PRO A 1 132 ? -20.595 -9.499  16.711  1.00 45.58  ? 132 PRO A CB   1 
ATOM   1070 C  CG   . PRO A 1 132 ? -20.849 -8.075  17.109  1.00 42.70  ? 132 PRO A CG   1 
ATOM   1071 C  CD   . PRO A 1 132 ? -21.173 -7.427  15.801  1.00 35.99  ? 132 PRO A CD   1 
ATOM   1072 N  N    . THR A 1 133 ? -20.986 -10.434 13.630  1.00 46.15  ? 133 THR A N    1 
ATOM   1073 C  CA   . THR A 1 133 ? -21.308 -11.513 12.701  1.00 53.15  ? 133 THR A CA   1 
ATOM   1074 C  C    . THR A 1 133 ? -20.538 -11.496 11.382  1.00 55.33  ? 133 THR A C    1 
ATOM   1075 O  O    . THR A 1 133 ? -20.476 -12.512 10.692  1.00 68.00  ? 133 THR A O    1 
ATOM   1076 C  CB   . THR A 1 133 ? -22.818 -11.529 12.381  1.00 50.30  ? 133 THR A CB   1 
ATOM   1077 O  OG1  . THR A 1 133 ? -23.207 -10.262 11.837  1.00 58.58  ? 133 THR A OG1  1 
ATOM   1078 C  CG2  . THR A 1 133 ? -23.624 -11.795 13.640  1.00 53.99  ? 133 THR A CG2  1 
ATOM   1079 N  N    . LEU A 1 134 ? -19.953 -10.358 11.024  1.00 49.00  ? 134 LEU A N    1 
ATOM   1080 C  CA   . LEU A 1 134 ? -19.201 -10.264 9.772   1.00 44.50  ? 134 LEU A CA   1 
ATOM   1081 C  C    . LEU A 1 134 ? -17.741 -9.906  10.047  1.00 38.12  ? 134 LEU A C    1 
ATOM   1082 O  O    . LEU A 1 134 ? -17.426 -8.760  10.357  1.00 43.61  ? 134 LEU A O    1 
ATOM   1083 C  CB   . LEU A 1 134 ? -19.820 -9.196  8.866   1.00 36.29  ? 134 LEU A CB   1 
ATOM   1084 C  CG   . LEU A 1 134 ? -19.826 -9.424  7.353   1.00 38.12  ? 134 LEU A CG   1 
ATOM   1085 C  CD1  . LEU A 1 134 ? -19.769 -8.071  6.681   1.00 33.31  ? 134 LEU A CD1  1 
ATOM   1086 C  CD2  . LEU A 1 134 ? -18.661 -10.286 6.911   1.00 45.68  ? 134 LEU A CD2  1 
ATOM   1087 N  N    . ARG A 1 135 ? -16.857 -10.889 9.925   1.00 35.45  ? 135 ARG A N    1 
ATOM   1088 C  CA   . ARG A 1 135 ? -15.430 -10.682 10.165  1.00 42.72  ? 135 ARG A CA   1 
ATOM   1089 C  C    . ARG A 1 135 ? -14.797 -9.565  9.318   1.00 41.12  ? 135 ARG A C    1 
ATOM   1090 O  O    . ARG A 1 135 ? -14.170 -8.651  9.855   1.00 38.42  ? 135 ARG A O    1 
ATOM   1091 C  CB   . ARG A 1 135 ? -14.680 -12.001 9.941   1.00 35.40  ? 135 ARG A CB   1 
ATOM   1092 C  CG   . ARG A 1 135 ? -13.217 -11.971 10.363  1.00 43.64  ? 135 ARG A CG   1 
ATOM   1093 C  CD   . ARG A 1 135 ? -12.596 -13.358 10.260  1.00 39.25  ? 135 ARG A CD   1 
ATOM   1094 N  NE   . ARG A 1 135 ? -11.147 -13.329 10.440  1.00 40.10  ? 135 ARG A NE   1 
ATOM   1095 C  CZ   . ARG A 1 135 ? -10.531 -13.091 11.595  1.00 32.07  ? 135 ARG A CZ   1 
ATOM   1096 N  NH1  . ARG A 1 135 ? -11.233 -12.861 12.696  1.00 46.88  ? 135 ARG A NH1  1 
ATOM   1097 N  NH2  . ARG A 1 135 ? -9.208  -13.076 11.647  1.00 39.64  ? 135 ARG A NH2  1 
ATOM   1098 N  N    . ARG A 1 136 ? -14.957 -9.633  7.999   1.00 35.81  ? 136 ARG A N    1 
ATOM   1099 C  CA   . ARG A 1 136 ? -14.390 -8.617  7.118   1.00 37.57  ? 136 ARG A CA   1 
ATOM   1100 C  C    . ARG A 1 136 ? -15.236 -8.406  5.869   1.00 36.27  ? 136 ARG A C    1 
ATOM   1101 O  O    . ARG A 1 136 ? -15.962 -9.300  5.444   1.00 47.45  ? 136 ARG A O    1 
ATOM   1102 C  CB   . ARG A 1 136 ? -12.969 -9.011  6.702   1.00 38.22  ? 136 ARG A CB   1 
ATOM   1103 C  CG   . ARG A 1 136 ? -12.892 -10.356 6.002   1.00 36.86  ? 136 ARG A CG   1 
ATOM   1104 C  CD   . ARG A 1 136 ? -11.457 -10.733 5.635   1.00 35.27  ? 136 ARG A CD   1 
ATOM   1105 N  NE   . ARG A 1 136 ? -11.036 -10.162 4.362   1.00 39.23  ? 136 ARG A NE   1 
ATOM   1106 C  CZ   . ARG A 1 136 ? -9.838  -10.350 3.818   1.00 48.75  ? 136 ARG A CZ   1 
ATOM   1107 N  NH1  . ARG A 1 136 ? -8.931  -11.095 4.441   1.00 45.53  ? 136 ARG A NH1  1 
ATOM   1108 N  NH2  . ARG A 1 136 ? -9.552  -9.800  2.644   1.00 36.85  ? 136 ARG A NH2  1 
ATOM   1109 N  N    . GLU A 1 137 ? -15.135 -7.215  5.288   1.00 37.12  ? 137 GLU A N    1 
ATOM   1110 C  CA   . GLU A 1 137 ? -15.878 -6.885  4.079   1.00 34.99  ? 137 GLU A CA   1 
ATOM   1111 C  C    . GLU A 1 137 ? -15.172 -5.784  3.297   1.00 37.81  ? 137 GLU A C    1 
ATOM   1112 O  O    . GLU A 1 137 ? -14.553 -4.895  3.885   1.00 40.84  ? 137 GLU A O    1 
ATOM   1113 C  CB   . GLU A 1 137 ? -17.295 -6.429  4.429   1.00 43.20  ? 137 GLU A CB   1 
ATOM   1114 C  CG   . GLU A 1 137 ? -18.134 -6.092  3.214   1.00 46.47  ? 137 GLU A CG   1 
ATOM   1115 C  CD   . GLU A 1 137 ? -19.536 -5.659  3.572   1.00 44.40  ? 137 GLU A CD   1 
ATOM   1116 O  OE1  . GLU A 1 137 ? -19.680 -4.651  4.290   1.00 52.27  ? 137 GLU A OE1  1 
ATOM   1117 O  OE2  . GLU A 1 137 ? -20.497 -6.325  3.133   1.00 56.69  ? 137 GLU A OE2  1 
ATOM   1118 N  N    . GLU A 1 138 ? -15.270 -5.848  1.970   1.00 42.27  ? 138 GLU A N    1 
ATOM   1119 C  CA   . GLU A 1 138 ? -14.641 -4.857  1.110   1.00 32.65  ? 138 GLU A CA   1 
ATOM   1120 C  C    . GLU A 1 138 ? -15.320 -3.500  1.242   1.00 37.62  ? 138 GLU A C    1 
ATOM   1121 O  O    . GLU A 1 138 ? -16.469 -3.402  1.682   1.00 32.95  ? 138 GLU A O    1 
ATOM   1122 C  CB   . GLU A 1 138 ? -14.650 -5.318  -0.357  1.00 37.44  ? 138 GLU A CB   1 
ATOM   1123 C  CG   . GLU A 1 138 ? -16.013 -5.443  -1.028  1.00 40.77  ? 138 GLU A CG   1 
ATOM   1124 C  CD   . GLU A 1 138 ? -16.874 -6.558  -0.459  1.00 52.04  ? 138 GLU A CD   1 
ATOM   1125 O  OE1  . GLU A 1 138 ? -16.359 -7.680  -0.244  1.00 47.00  ? 138 GLU A OE1  1 
ATOM   1126 O  OE2  . GLU A 1 138 ? -18.078 -6.312  -0.243  1.00 65.18  ? 138 GLU A OE2  1 
ATOM   1127 N  N    . CYS A 1 139 ? -14.591 -2.453  0.869   1.00 33.88  ? 139 CYS A N    1 
ATOM   1128 C  CA   . CYS A 1 139 ? -15.095 -1.091  0.952   1.00 35.56  ? 139 CYS A CA   1 
ATOM   1129 C  C    . CYS A 1 139 ? -15.226 -0.481  -0.428  1.00 36.43  ? 139 CYS A C    1 
ATOM   1130 O  O    . CYS A 1 139 ? -14.689 -1.002  -1.400  1.00 36.75  ? 139 CYS A O    1 
ATOM   1131 C  CB   . CYS A 1 139 ? -14.135 -0.219  1.756   1.00 31.16  ? 139 CYS A CB   1 
ATOM   1132 S  SG   . CYS A 1 139 ? -13.454 -0.963  3.273   1.00 35.67  ? 139 CYS A SG   1 
ATOM   1133 N  N    . SER A 1 140 ? -15.920 0.648   -0.497  1.00 36.10  ? 140 SER A N    1 
ATOM   1134 C  CA   . SER A 1 140 ? -16.114 1.348   -1.755  1.00 44.32  ? 140 SER A CA   1 
ATOM   1135 C  C    . SER A 1 140 ? -15.131 2.509   -1.839  1.00 42.90  ? 140 SER A C    1 
ATOM   1136 O  O    . SER A 1 140 ? -15.288 3.538   -1.181  1.00 43.47  ? 140 SER A O    1 
ATOM   1137 C  CB   . SER A 1 140 ? -17.556 1.852   -1.870  1.00 46.74  ? 140 SER A CB   1 
ATOM   1138 O  OG   . SER A 1 140 ? -17.745 2.567   -3.077  1.00 63.24  ? 140 SER A OG   1 
ATOM   1139 N  N    . VAL A 1 141 ? -14.113 2.321   -2.664  1.00 51.17  ? 141 VAL A N    1 
ATOM   1140 C  CA   . VAL A 1 141 ? -13.063 3.304   -2.871  1.00 45.71  ? 141 VAL A CA   1 
ATOM   1141 C  C    . VAL A 1 141 ? -12.975 3.652   -4.356  1.00 41.34  ? 141 VAL A C    1 
ATOM   1142 O  O    . VAL A 1 141 ? -13.206 2.796   -5.212  1.00 55.84  ? 141 VAL A O    1 
ATOM   1143 C  CB   . VAL A 1 141 ? -11.707 2.721   -2.399  1.00 51.19  ? 141 VAL A CB   1 
ATOM   1144 C  CG1  . VAL A 1 141 ? -10.565 3.479   -3.012  1.00 41.12  ? 141 VAL A CG1  1 
ATOM   1145 C  CG2  . VAL A 1 141 ? -11.627 2.758   -0.881  1.00 44.24  ? 141 VAL A CG2  1 
ATOM   1146 N  N    . PRO A 1 142 ? -12.640 4.911   -4.682  1.00 37.56  ? 142 PRO A N    1 
ATOM   1147 C  CA   . PRO A 1 142 ? -12.530 5.328   -6.086  1.00 40.83  ? 142 PRO A CA   1 
ATOM   1148 C  C    . PRO A 1 142 ? -11.397 4.628   -6.840  1.00 39.93  ? 142 PRO A C    1 
ATOM   1149 O  O    . PRO A 1 142 ? -10.312 4.421   -6.304  1.00 47.33  ? 142 PRO A O    1 
ATOM   1150 C  CB   . PRO A 1 142 ? -12.322 6.839   -5.984  1.00 39.17  ? 142 PRO A CB   1 
ATOM   1151 C  CG   . PRO A 1 142 ? -11.620 6.999   -4.668  1.00 36.91  ? 142 PRO A CG   1 
ATOM   1152 C  CD   . PRO A 1 142 ? -12.373 6.042   -3.774  1.00 37.53  ? 142 PRO A CD   1 
ATOM   1153 N  N    . VAL A 1 143 ? -11.665 4.248   -8.083  1.00 39.83  ? 143 VAL A N    1 
ATOM   1154 C  CA   . VAL A 1 143 ? -10.672 3.571   -8.907  1.00 46.09  ? 143 VAL A CA   1 
ATOM   1155 C  C    . VAL A 1 143 ? -9.828  4.611   -9.633  1.00 45.98  ? 143 VAL A C    1 
ATOM   1156 O  O    . VAL A 1 143 ? -10.350 5.622   -10.105 1.00 48.49  ? 143 VAL A O    1 
ATOM   1157 C  CB   . VAL A 1 143 ? -11.348 2.656   -9.950  1.00 49.87  ? 143 VAL A CB   1 
ATOM   1158 C  CG1  . VAL A 1 143 ? -10.302 1.839   -10.688 1.00 55.81  ? 143 VAL A CG1  1 
ATOM   1159 C  CG2  . VAL A 1 143 ? -12.344 1.744   -9.266  1.00 41.20  ? 143 VAL A CG2  1 
ATOM   1160 N  N    . CYS A 1 144 ? -8.525  4.359   -9.716  1.00 48.00  ? 144 CYS A N    1 
ATOM   1161 C  CA   . CYS A 1 144 ? -7.604  5.280   -10.371 1.00 42.70  ? 144 CYS A CA   1 
ATOM   1162 C  C    . CYS A 1 144 ? -7.855  5.403   -11.870 1.00 48.76  ? 144 CYS A C    1 
ATOM   1163 O  O    . CYS A 1 144 ? -7.981  4.398   -12.572 1.00 45.40  ? 144 CYS A O    1 
ATOM   1164 C  CB   . CYS A 1 144 ? -6.156  4.831   -10.153 1.00 43.44  ? 144 CYS A CB   1 
ATOM   1165 S  SG   . CYS A 1 144 ? -5.571  4.755   -8.426  1.00 38.20  ? 144 CYS A SG   1 
ATOM   1166 N  N    . GLY A 1 145 ? -7.923  6.639   -12.353 1.00 57.09  ? 145 GLY A N    1 
ATOM   1167 C  CA   . GLY A 1 145 ? -8.137  6.875   -13.772 1.00 57.38  ? 145 GLY A CA   1 
ATOM   1168 C  C    . GLY A 1 145 ? -9.568  6.763   -14.265 1.00 65.94  ? 145 GLY A C    1 
ATOM   1169 O  O    . GLY A 1 145 ? -9.803  6.661   -15.470 1.00 65.61  ? 145 GLY A O    1 
ATOM   1170 N  N    . GLN A 1 146 ? -10.528 6.786   -13.349 1.00 73.61  ? 146 GLN A N    1 
ATOM   1171 C  CA   . GLN A 1 146 ? -11.932 6.692   -13.733 1.00 82.20  ? 146 GLN A CA   1 
ATOM   1172 C  C    . GLN A 1 146 ? -12.827 7.198   -12.605 1.00 81.30  ? 146 GLN A C    1 
ATOM   1173 O  O    . GLN A 1 146 ? -13.353 6.359   -11.842 1.00 75.11  ? 146 GLN A O    1 
ATOM   1174 C  CB   . GLN A 1 146 ? -12.293 5.243   -14.083 1.00 92.68  ? 146 GLN A CB   1 
ATOM   1175 C  CG   . GLN A 1 146 ? -13.395 5.096   -15.142 1.00 102.25 ? 146 GLN A CG   1 
ATOM   1176 C  CD   . GLN A 1 146 ? -14.726 5.714   -14.728 1.00 107.43 ? 146 GLN A CD   1 
ATOM   1177 O  OE1  . GLN A 1 146 ? -14.830 6.927   -14.526 1.00 106.20 ? 146 GLN A OE1  1 
ATOM   1178 N  NE2  . GLN A 1 146 ? -15.755 4.876   -14.607 1.00 96.99  ? 146 GLN A NE2  1 
ATOM   1179 O  OXT  . GLN A 1 146 ? -12.973 8.435   -12.490 1.00 81.57  ? 146 GLN A OXT  1 
HETATM 1180 C  C1   . NAG B 2 .   ? -6.530  11.040  6.606   1.00 75.23  ? 1   NAG B C1   1 
HETATM 1181 C  C2   . NAG B 2 .   ? -6.666  12.554  6.869   1.00 78.72  ? 1   NAG B C2   1 
HETATM 1182 C  C3   . NAG B 2 .   ? -5.415  13.116  7.531   1.00 85.58  ? 1   NAG B C3   1 
HETATM 1183 C  C4   . NAG B 2 .   ? -5.010  12.283  8.748   1.00 87.25  ? 1   NAG B C4   1 
HETATM 1184 C  C5   . NAG B 2 .   ? -4.913  10.819  8.327   1.00 81.91  ? 1   NAG B C5   1 
HETATM 1185 C  C6   . NAG B 2 .   ? -4.526  9.894   9.474   1.00 78.79  ? 1   NAG B C6   1 
HETATM 1186 C  C7   . NAG B 2 .   ? -8.120  13.236  5.090   1.00 73.68  ? 1   NAG B C7   1 
HETATM 1187 C  C8   . NAG B 2 .   ? -8.165  12.870  3.605   1.00 72.92  ? 1   NAG B C8   1 
HETATM 1188 N  N2   . NAG B 2 .   ? -6.923  13.311  5.647   1.00 77.28  ? 1   NAG B N2   1 
HETATM 1189 O  O3   . NAG B 2 .   ? -5.656  14.461  7.910   1.00 85.79  ? 1   NAG B O3   1 
HETATM 1190 O  O4   . NAG B 2 .   ? -3.720  12.723  9.180   1.00 98.43  ? 1   NAG B O4   1 
HETATM 1191 O  O5   . NAG B 2 .   ? -6.179  10.381  7.813   1.00 79.05  ? 1   NAG B O5   1 
HETATM 1192 O  O6   . NAG B 2 .   ? -5.421  10.054  10.566  1.00 73.47  ? 1   NAG B O6   1 
HETATM 1193 O  O7   . NAG B 2 .   ? -9.161  13.394  5.735   1.00 71.63  ? 1   NAG B O7   1 
HETATM 1194 C  C1   . NAG B 2 .   ? -3.521  12.902  10.533  1.00 103.87 ? 2   NAG B C1   1 
HETATM 1195 C  C2   . NAG B 2 .   ? -2.015  12.810  10.817  1.00 105.90 ? 2   NAG B C2   1 
HETATM 1196 C  C3   . NAG B 2 .   ? -1.650  13.287  12.236  1.00 109.24 ? 2   NAG B C3   1 
HETATM 1197 C  C4   . NAG B 2 .   ? -2.364  14.567  12.663  1.00 109.68 ? 2   NAG B C4   1 
HETATM 1198 C  C5   . NAG B 2 .   ? -3.860  14.468  12.309  1.00 106.35 ? 2   NAG B C5   1 
HETATM 1199 C  C6   . NAG B 2 .   ? -4.676  15.716  12.610  1.00 103.55 ? 2   NAG B C6   1 
HETATM 1200 C  C7   . NAG B 2 .   ? -0.488  11.128  10.003  1.00 108.24 ? 2   NAG B C7   1 
HETATM 1201 C  C8   . NAG B 2 .   ? 0.856   11.242  10.739  1.00 108.54 ? 2   NAG B C8   1 
HETATM 1202 N  N2   . NAG B 2 .   ? -1.590  11.432  10.686  1.00 107.65 ? 2   NAG B N2   1 
HETATM 1203 O  O3   . NAG B 2 .   ? -0.241  13.503  12.302  1.00 112.83 ? 2   NAG B O3   1 
HETATM 1204 O  O4   . NAG B 2 .   ? -2.188  14.721  14.073  1.00 111.69 ? 2   NAG B O4   1 
HETATM 1205 O  O5   . NAG B 2 .   ? -4.026  14.197  10.889  1.00 104.46 ? 2   NAG B O5   1 
HETATM 1206 O  O6   . NAG B 2 .   ? -6.068  15.455  12.419  1.00 100.42 ? 2   NAG B O6   1 
HETATM 1207 O  O7   . NAG B 2 .   ? -0.513  10.754  8.819   1.00 106.63 ? 2   NAG B O7   1 
HETATM 1208 C  C1   . NAG C 3 .   ? -0.426  -9.822  14.588  1.00 85.98  ? 303 NAG A C1   1 
HETATM 1209 C  C2   . NAG C 3 .   ? -0.504  -9.281  16.013  1.00 92.22  ? 303 NAG A C2   1 
HETATM 1210 C  C3   . NAG C 3 .   ? 0.425   -10.124 16.898  1.00 92.68  ? 303 NAG A C3   1 
HETATM 1211 C  C4   . NAG C 3 .   ? 0.022   -11.604 16.807  1.00 91.06  ? 303 NAG A C4   1 
HETATM 1212 C  C5   . NAG C 3 .   ? -0.061  -12.064 15.337  1.00 89.74  ? 303 NAG A C5   1 
HETATM 1213 C  C6   . NAG C 3 .   ? -0.655  -13.453 15.194  1.00 89.62  ? 303 NAG A C6   1 
HETATM 1214 C  C7   . NAG C 3 .   ? -0.919  -6.960  15.492  1.00 105.95 ? 303 NAG A C7   1 
HETATM 1215 C  C8   . NAG C 3 .   ? -0.497  -6.428  14.128  1.00 110.06 ? 303 NAG A C8   1 
HETATM 1216 N  N2   . NAG C 3 .   ? -0.131  -7.879  16.051  1.00 99.77  ? 303 NAG A N2   1 
HETATM 1217 O  O3   . NAG C 3 .   ? 0.350   -9.685  18.248  1.00 94.62  ? 303 NAG A O3   1 
HETATM 1218 O  O4   . NAG C 3 .   ? 0.975   -12.397 17.502  1.00 92.97  ? 303 NAG A O4   1 
HETATM 1219 O  O5   . NAG C 3 .   ? -0.901  -11.172 14.568  1.00 84.53  ? 303 NAG A O5   1 
HETATM 1220 O  O6   . NAG C 3 .   ? -1.677  -13.472 14.205  1.00 91.40  ? 303 NAG A O6   1 
HETATM 1221 O  O7   . NAG C 3 .   ? -1.949  -6.538  16.030  1.00 105.63 ? 303 NAG A O7   1 
HETATM 1222 CA CA   . CA  D 4 .   ? 23.482  -2.180  -0.157  1.00 33.90  ? 201 CA  A CA   1 
HETATM 1223 CA CA   . CA  E 4 .   ? 23.422  -0.831  -4.756  1.00 44.33  ? 202 CA  A CA   1 
HETATM 1224 CA CA   . CA  F 4 .   ? 22.057  2.739   -4.887  1.00 38.51  ? 203 CA  A CA   1 
HETATM 1225 CA CA   . CA  G 4 .   ? 21.219  2.240   -8.363  1.00 41.60  ? 204 CA  A CA   1 
HETATM 1226 CA CA   . CA  H 4 .   ? 20.726  4.184   -11.672 1.00 42.51  ? 205 CA  A CA   1 
HETATM 1227 CA CA   . CA  I 4 .   ? 18.701  7.450   -15.134 1.00 68.72  ? 206 CA  A CA   1 
HETATM 1228 CA CA   . CA  J 4 .   ? 12.885  13.419  -11.697 1.00 42.84  ? 207 CA  A CA   1 
HETATM 1229 CL CL   . CL  K 5 .   ? -12.825 -8.879  2.276   1.00 48.58  ? 250 CL  A CL   1 
HETATM 1230 CL CL   . CL  L 5 .   ? -12.005 -13.793 16.101  1.00 48.99  ? 251 CL  A CL   1 
HETATM 1231 CL CL   . CL  M 5 .   ? -3.114  2.931   14.405  1.00 42.72  ? 252 CL  A CL   1 
HETATM 1232 O  OT2  . LPS N 6 .   ? 20.851  7.039   -12.747 0.67 57.18  ? 451 LPS A OT2  1 
HETATM 1233 C  C    . LPS N 6 .   ? 20.935  7.590   -13.874 0.67 66.94  ? 451 LPS A C    1 
HETATM 1234 O  OT1  . LPS N 6 .   ? 20.308  8.635   -14.206 0.67 65.84  ? 451 LPS A OT1  1 
HETATM 1235 C  C12  . LPS N 6 .   ? 21.903  6.886   -14.849 0.67 72.18  ? 451 LPS A C12  1 
HETATM 1236 N  N    . LPS N 6 .   ? 21.777  7.419   -16.241 0.67 67.26  ? 451 LPS A N    1 
HETATM 1237 C  C11  . LPS N 6 .   ? 23.400  6.850   -14.399 0.67 69.75  ? 451 LPS A C11  1 
HETATM 1238 O  O12  . LPS N 6 .   ? 23.631  6.823   -12.957 0.67 75.55  ? 451 LPS A O12  1 
HETATM 1239 P  P    . LPS N 6 .   ? 24.050  8.032   -11.930 0.67 52.53  ? 451 LPS A P    1 
HETATM 1240 O  O13  . LPS N 6 .   ? 23.739  9.347   -12.545 0.67 75.70  ? 451 LPS A O13  1 
HETATM 1241 O  O14  . LPS N 6 .   ? 23.479  7.760   -10.600 0.67 69.69  ? 451 LPS A O14  1 
HETATM 1242 O  O11  . LPS N 6 .   ? 25.643  7.832   -11.824 0.67 65.36  ? 451 LPS A O11  1 
HETATM 1243 C  C1   . LPS N 6 .   ? 26.742  8.277   -12.619 0.67 54.63  ? 451 LPS A C1   1 
HETATM 1244 C  C2   . LPS N 6 .   ? 27.993  7.455   -12.270 0.67 58.48  ? 451 LPS A C2   1 
HETATM 1245 O  O21  . LPS N 6 .   ? 28.711  8.054   -11.197 0.67 74.58  ? 451 LPS A O21  1 
HETATM 1246 C  C3   . LPS N 6 .   ? 28.947  7.209   -13.438 0.67 65.58  ? 451 LPS A C3   1 
HETATM 1247 O  O31  . LPS N 6 .   ? 28.462  6.114   -14.217 0.67 82.45  ? 451 LPS A O31  1 
HETATM 1248 C  C31  . LPS N 6 .   ? 29.374  5.306   -14.775 0.67 93.26  ? 451 LPS A C31  1 
HETATM 1249 O  O32  . LPS N 6 .   ? 30.347  4.850   -14.201 0.67 92.13  ? 451 LPS A O32  1 
HETATM 1250 C  C32  . LPS N 6 .   ? 28.950  5.000   -16.261 0.67 89.19  ? 451 LPS A C32  1 
HETATM 1251 C  C33  . LPS N 6 .   ? 29.254  6.008   -17.406 0.67 79.64  ? 451 LPS A C33  1 
HETATM 1252 C  C34  . LPS N 6 .   ? 29.217  5.333   -18.809 0.67 70.28  ? 451 LPS A C34  1 
HETATM 1253 C  C35  . LPS N 6 .   ? 29.527  6.223   -20.031 0.67 68.45  ? 451 LPS A C35  1 
HETATM 1254 C  C36  . LPS N 6 .   ? 31.004  6.617   -20.224 0.67 69.96  ? 451 LPS A C36  1 
HETATM 1255 C  C37  . LPS N 6 .   ? 31.736  5.816   -21.309 0.67 66.57  ? 451 LPS A C37  1 
HETATM 1256 C  C38  . LPS N 6 .   ? 33.213  5.537   -20.965 0.67 69.97  ? 451 LPS A C38  1 
HETATM 1257 C  C39  . LPS N 6 .   ? 33.664  4.049   -20.973 0.67 67.93  ? 451 LPS A C39  1 
HETATM 1258 C  C40  . LPS N 6 .   ? 33.126  3.097   -19.864 0.67 64.03  ? 451 LPS A C40  1 
HETATM 1259 C  C41  . LPS N 6 .   ? 33.665  3.281   -18.425 0.67 55.36  ? 451 LPS A C41  1 
HETATM 1260 C  C42  . LPS N 6 .   ? 32.603  3.703   -17.407 0.67 40.02  ? 451 LPS A C42  1 
HETATM 1261 C  C43  . LPS N 6 .   ? 33.105  4.295   -16.105 0.67 35.65  ? 451 LPS A C43  1 
HETATM 1262 C  C44  . LPS N 6 .   ? 33.158  5.781   -16.103 0.67 39.71  ? 451 LPS A C44  1 
HETATM 1263 C  C45  . LPS N 6 .   ? 33.324  6.375   -14.721 0.67 51.76  ? 451 LPS A C45  1 
HETATM 1264 O  O    . HOH O 7 .   ? 3.223   -5.466  3.631   1.00 23.65  ? 501 HOH A O    1 
HETATM 1265 O  O    . HOH O 7 .   ? 2.511   14.362  -11.199 1.00 26.40  ? 502 HOH A O    1 
HETATM 1266 O  O    . HOH O 7 .   ? -14.007 -2.510  18.096  1.00 27.69  ? 503 HOH A O    1 
HETATM 1267 O  O    . HOH O 7 .   ? 23.052  -3.275  -4.544  1.00 27.42  ? 504 HOH A O    1 
HETATM 1268 O  O    . HOH O 7 .   ? 14.038  -6.806  -5.713  1.00 27.41  ? 505 HOH A O    1 
HETATM 1269 O  O    . HOH O 7 .   ? -2.313  -1.990  2.310   1.00 32.41  ? 506 HOH A O    1 
HETATM 1270 O  O    . HOH O 7 .   ? 25.004  -0.544  -3.493  1.00 33.76  ? 507 HOH A O    1 
HETATM 1271 O  O    . HOH O 7 .   ? -3.855  9.054   -5.550  1.00 35.82  ? 508 HOH A O    1 
HETATM 1272 O  O    . HOH O 7 .   ? 16.209  19.154  -3.446  1.00 33.34  ? 509 HOH A O    1 
HETATM 1273 O  O    . HOH O 7 .   ? -16.584 -2.453  -2.938  1.00 37.21  ? 510 HOH A O    1 
HETATM 1274 O  O    . HOH O 7 .   ? 23.149  5.651   -8.155  1.00 33.24  ? 511 HOH A O    1 
HETATM 1275 O  O    . HOH O 7 .   ? -2.083  -3.301  13.785  1.00 38.13  ? 512 HOH A O    1 
HETATM 1276 O  O    . HOH O 7 .   ? -12.079 -7.433  -0.346  1.00 36.55  ? 513 HOH A O    1 
HETATM 1277 O  O    . HOH O 7 .   ? 23.384  3.194   -3.272  1.00 33.69  ? 514 HOH A O    1 
HETATM 1278 O  O    . HOH O 7 .   ? -15.349 6.704   5.244   1.00 34.25  ? 515 HOH A O    1 
HETATM 1279 O  O    . HOH O 7 .   ? 29.050  1.243   -9.125  1.00 27.25  ? 516 HOH A O    1 
HETATM 1280 O  O    . HOH O 7 .   ? -2.384  -1.721  -6.226  1.00 31.08  ? 517 HOH A O    1 
HETATM 1281 O  O    . HOH O 7 .   ? -13.356 -13.931 6.845   1.00 35.83  ? 518 HOH A O    1 
HETATM 1282 O  O    . HOH O 7 .   ? 23.110  4.925   -5.199  1.00 38.19  ? 519 HOH A O    1 
HETATM 1283 O  O    . HOH O 7 .   ? -3.966  4.116   -13.104 1.00 37.82  ? 520 HOH A O    1 
HETATM 1284 O  O    . HOH O 7 .   ? -12.676 -0.705  16.295  1.00 37.91  ? 521 HOH A O    1 
HETATM 1285 O  O    . HOH O 7 .   ? 19.984  3.584   -3.612  1.00 35.05  ? 522 HOH A O    1 
HETATM 1286 O  O    . HOH O 7 .   ? 16.203  9.607   -1.612  1.00 35.97  ? 523 HOH A O    1 
HETATM 1287 O  O    . HOH O 7 .   ? 6.789   -3.883  1.571   1.00 36.01  ? 524 HOH A O    1 
HETATM 1288 O  O    . HOH O 7 .   ? -17.098 1.931   1.427   1.00 35.50  ? 525 HOH A O    1 
HETATM 1289 O  O    . HOH O 7 .   ? -3.474  -4.346  -6.400  1.00 37.93  ? 526 HOH A O    1 
HETATM 1290 O  O    . HOH O 7 .   ? 20.684  3.403   -13.973 1.00 34.53  ? 527 HOH A O    1 
HETATM 1291 O  O    . HOH O 7 .   ? 2.556   2.216   3.215   1.00 37.53  ? 528 HOH A O    1 
HETATM 1292 O  O    . HOH O 7 .   ? 3.288   0.928   6.809   1.00 37.46  ? 529 HOH A O    1 
HETATM 1293 O  O    . HOH O 7 .   ? 16.857  13.383  -10.902 1.00 39.80  ? 530 HOH A O    1 
HETATM 1294 O  O    . HOH O 7 .   ? 9.545   10.802  -14.515 1.00 42.23  ? 531 HOH A O    1 
HETATM 1295 O  O    . HOH O 7 .   ? -9.507  -3.258  9.980   1.00 41.76  ? 532 HOH A O    1 
HETATM 1296 O  O    . HOH O 7 .   ? 12.794  1.370   10.812  1.00 43.73  ? 533 HOH A O    1 
HETATM 1297 O  O    . HOH O 7 .   ? -13.991 1.211   14.888  1.00 46.36  ? 534 HOH A O    1 
HETATM 1298 O  O    . HOH O 7 .   ? 25.933  10.557  -15.226 1.00 50.90  ? 535 HOH A O    1 
HETATM 1299 O  O    . HOH O 7 .   ? -1.853  -3.703  -9.929  1.00 40.92  ? 536 HOH A O    1 
HETATM 1300 O  O    . HOH O 7 .   ? 10.417  14.611  -12.045 1.00 42.30  ? 537 HOH A O    1 
HETATM 1301 O  O    . HOH O 7 .   ? 27.023  12.990  -1.248  1.00 45.90  ? 538 HOH A O    1 
HETATM 1302 O  O    . HOH O 7 .   ? 17.352  13.214  -8.199  1.00 40.98  ? 539 HOH A O    1 
HETATM 1303 O  O    . HOH O 7 .   ? -4.910  6.994   5.411   1.00 43.90  ? 540 HOH A O    1 
HETATM 1304 O  O    . HOH O 7 .   ? 27.052  12.694  1.509   1.00 44.50  ? 541 HOH A O    1 
HETATM 1305 O  O    . HOH O 7 .   ? -10.203 7.366   -0.859  1.00 45.75  ? 542 HOH A O    1 
HETATM 1306 O  O    . HOH O 7 .   ? 18.266  -3.310  -9.599  1.00 48.36  ? 543 HOH A O    1 
HETATM 1307 O  O    . HOH O 7 .   ? -8.788  8.854   -10.437 1.00 46.12  ? 544 HOH A O    1 
HETATM 1308 O  O    . HOH O 7 .   ? 30.724  8.931   -9.678  1.00 45.91  ? 545 HOH A O    1 
HETATM 1309 O  O    . HOH O 7 .   ? -16.428 -12.583 16.287  1.00 47.69  ? 546 HOH A O    1 
HETATM 1310 O  O    . HOH O 7 .   ? 15.816  -4.771  3.563   1.00 53.47  ? 547 HOH A O    1 
HETATM 1311 O  O    . HOH O 7 .   ? -2.752  6.159   -11.151 1.00 49.05  ? 548 HOH A O    1 
HETATM 1312 O  O    . HOH O 7 .   ? -7.488  -0.474  -11.409 1.00 46.71  ? 549 HOH A O    1 
HETATM 1313 O  O    . HOH O 7 .   ? 20.239  5.493   -17.256 1.00 50.88  ? 550 HOH A O    1 
HETATM 1314 O  O    . HOH O 7 .   ? 2.262   -0.080  9.404   1.00 57.02  ? 551 HOH A O    1 
HETATM 1315 O  O    . HOH O 7 .   ? -5.525  0.587   14.465  1.00 43.83  ? 552 HOH A O    1 
HETATM 1316 O  O    . HOH O 7 .   ? -0.955  -15.398 17.675  1.00 54.49  ? 553 HOH A O    1 
HETATM 1317 O  O    . HOH O 7 .   ? -8.552  9.820   1.151   1.00 58.70  ? 554 HOH A O    1 
HETATM 1318 O  O    . HOH O 7 .   ? 17.142  2.818   5.035   1.00 60.41  ? 555 HOH A O    1 
HETATM 1319 O  O    . HOH O 7 .   ? -4.091  -14.004 5.822   1.00 55.58  ? 556 HOH A O    1 
HETATM 1320 O  O    . HOH O 7 .   ? 19.165  9.972   -16.049 1.00 57.85  ? 557 HOH A O    1 
HETATM 1321 O  O    . HOH O 7 .   ? 17.038  19.883  -1.219  1.00 68.96  ? 558 HOH A O    1 
HETATM 1322 O  O    . HOH O 7 .   ? 5.927   3.187   8.307   1.00 68.51  ? 559 HOH A O    1 
HETATM 1323 O  O    . HOH O 7 .   ? -14.980 -10.418 1.661   1.00 52.39  ? 560 HOH A O    1 
# 
_database_PDB_caveat.id     1 
_database_PDB_caveat.text   'LPS A 451 HAS WRONG CHIRALITY AT ATOM C31' 
# 
loop_
_pdbx_poly_seq_scheme.asym_id 
_pdbx_poly_seq_scheme.entity_id 
_pdbx_poly_seq_scheme.seq_id 
_pdbx_poly_seq_scheme.mon_id 
_pdbx_poly_seq_scheme.ndb_seq_num 
_pdbx_poly_seq_scheme.pdb_seq_num 
_pdbx_poly_seq_scheme.auth_seq_num 
_pdbx_poly_seq_scheme.pdb_mon_id 
_pdbx_poly_seq_scheme.auth_mon_id 
_pdbx_poly_seq_scheme.pdb_strand_id 
_pdbx_poly_seq_scheme.pdb_ins_code 
_pdbx_poly_seq_scheme.hetero 
A 1 1   ALA 1   1   1   ALA ALA A . n 
A 1 2   ASN 2   2   2   ASN ASN A . n 
A 1 3   LYS 3   3   3   LYS LYS A . n 
A 1 4   GLY 4   4   4   GLY GLY A . n 
A 1 5   PHE 5   5   5   PHE PHE A . n 
A 1 6   LEU 6   6   6   LEU LEU A . n 
A 1 7   CGU 7   7   7   CGU CGU A . n 
A 1 8   CGU 8   8   8   CGU CGU A . n 
A 1 9   VAL 9   9   9   VAL VAL A . n 
A 1 10  ARG 10  10  10  ARG ARG A . n 
A 1 11  LYS 11  11  11  LYS LYS A . n 
A 1 12  GLY 12  12  12  GLY GLY A . n 
A 1 13  ASN 13  13  13  ASN ASN A . n 
A 1 14  LEU 14  14  14  LEU LEU A . n 
A 1 15  CGU 15  15  15  CGU CGU A . n 
A 1 16  ARG 16  16  16  ARG ARG A . n 
A 1 17  CGU 17  17  17  CGU CGU A . n 
A 1 18  CYS 18  18  18  CYS CYS A . n 
A 1 19  LEU 19  19  19  LEU LEU A . n 
A 1 20  CGU 20  20  20  CGU CGU A . n 
A 1 21  CGU 21  21  21  CGU CGU A . n 
A 1 22  PRO 22  22  22  PRO PRO A . n 
A 1 23  CYS 23  23  23  CYS CYS A . n 
A 1 24  SER 24  24  24  SER SER A . n 
A 1 25  ARG 25  25  25  ARG ARG A . n 
A 1 26  CGU 26  26  26  CGU CGU A . n 
A 1 27  CGU 27  27  27  CGU CGU A . n 
A 1 28  ALA 28  28  28  ALA ALA A . n 
A 1 29  PHE 29  29  29  PHE PHE A . n 
A 1 30  CGU 30  30  30  CGU CGU A . n 
A 1 31  ALA 31  31  31  ALA ALA A . n 
A 1 32  LEU 32  32  32  LEU LEU A . n 
A 1 33  CGU 33  33  33  CGU CGU A . n 
A 1 34  SER 34  34  34  SER SER A . n 
A 1 35  LEU 35  35  35  LEU LEU A . n 
A 1 36  SER 36  36  36  SER SER A . n 
A 1 37  ALA 37  37  37  ALA ALA A . n 
A 1 38  THR 38  38  38  THR THR A . n 
A 1 39  ASP 39  39  39  ASP ASP A . n 
A 1 40  ALA 40  40  40  ALA ALA A . n 
A 1 41  PHE 41  41  41  PHE PHE A . n 
A 1 42  TRP 42  42  42  TRP TRP A . n 
A 1 43  ALA 43  43  43  ALA ALA A . n 
A 1 44  LYS 44  44  44  LYS LYS A . n 
A 1 45  TYR 45  45  45  TYR TYR A . n 
A 1 46  THR 46  46  46  THR THR A . n 
A 1 47  ALA 47  47  47  ALA ALA A . n 
A 1 48  CYS 48  48  48  CYS CYS A . n 
A 1 49  GLU 49  49  49  GLU GLU A . n 
A 1 50  SER 50  50  50  SER SER A . n 
A 1 51  ALA 51  51  51  ALA ALA A . n 
A 1 52  ARG 52  52  52  ARG ARG A . n 
A 1 53  ASN 53  53  53  ASN ASN A . n 
A 1 54  PRO 54  54  54  PRO PRO A . n 
A 1 55  ARG 55  55  55  ARG ARG A . n 
A 1 56  GLU 56  56  56  GLU GLU A . n 
A 1 57  LYS 57  57  57  LYS LYS A . n 
A 1 58  LEU 58  58  58  LEU LEU A . n 
A 1 59  ASN 59  59  59  ASN ASN A . n 
A 1 60  GLU 60  60  60  GLU GLU A . n 
A 1 61  CYS 61  61  61  CYS CYS A . n 
A 1 62  LEU 62  62  62  LEU LEU A . n 
A 1 63  GLU 63  63  63  GLU GLU A . n 
A 1 64  GLY 64  64  64  GLY GLY A . n 
A 1 65  ASN 65  65  65  ASN ASN A . n 
A 1 66  CYS 66  66  66  CYS CYS A . n 
A 1 67  ALA 67  67  67  ALA ALA A . n 
A 1 68  GLU 68  68  68  GLU GLU A . n 
A 1 69  GLY 69  69  69  GLY GLY A . n 
A 1 70  VAL 70  70  70  VAL VAL A . n 
A 1 71  GLY 71  71  71  GLY GLY A . n 
A 1 72  MET 72  72  72  MET MET A . n 
A 1 73  ASN 73  73  73  ASN ASN A . n 
A 1 74  TYR 74  74  74  TYR TYR A . n 
A 1 75  ARG 75  75  75  ARG ARG A . n 
A 1 76  GLY 76  76  76  GLY GLY A . n 
A 1 77  ASN 77  77  77  ASN ASN A . n 
A 1 78  VAL 78  78  78  VAL VAL A . n 
A 1 79  SER 79  79  79  SER SER A . n 
A 1 80  VAL 80  80  80  VAL VAL A . n 
A 1 81  THR 81  81  81  THR THR A . n 
A 1 82  ARG 82  82  82  ARG ARG A . n 
A 1 83  SER 83  83  83  SER SER A . n 
A 1 84  GLY 84  84  84  GLY GLY A . n 
A 1 85  ILE 85  85  85  ILE ILE A . n 
A 1 86  GLU 86  86  86  GLU GLU A . n 
A 1 87  CYS 87  87  87  CYS CYS A . n 
A 1 88  GLN 88  88  88  GLN GLN A . n 
A 1 89  LEU 89  89  89  LEU LEU A . n 
A 1 90  TRP 90  90  90  TRP TRP A . n 
A 1 91  ARG 91  91  91  ARG ARG A . n 
A 1 92  SER 92  92  92  SER SER A . n 
A 1 93  ARG 93  93  93  ARG ARG A . n 
A 1 94  TYR 94  94  94  TYR TYR A . n 
A 1 95  PRO 95  95  95  PRO PRO A . n 
A 1 96  HIS 96  96  96  HIS HIS A . n 
A 1 97  LYS 97  97  97  LYS LYS A . n 
A 1 98  PRO 98  98  98  PRO PRO A . n 
A 1 99  GLU 99  99  99  GLU GLU A . n 
A 1 100 ILE 100 100 100 ILE ILE A . n 
A 1 101 ASN 101 101 101 ASN ASN A . n 
A 1 102 SER 102 102 102 SER SER A . n 
A 1 103 THR 103 103 103 THR THR A . n 
A 1 104 THR 104 104 104 THR THR A . n 
A 1 105 HIS 105 105 105 HIS HIS A . n 
A 1 106 PRO 106 106 106 PRO PRO A . n 
A 1 107 GLY 107 107 107 GLY GLY A . n 
A 1 108 ALA 108 108 108 ALA ALA A . n 
A 1 109 ASP 109 109 109 ASP ASP A . n 
A 1 110 LEU 110 110 110 LEU LEU A . n 
A 1 111 ARG 111 111 111 ARG ARG A . n 
A 1 112 GLU 112 112 112 GLU GLU A . n 
A 1 113 ASN 113 113 113 ASN ASN A . n 
A 1 114 PHE 114 114 114 PHE PHE A . n 
A 1 115 CYS 115 115 115 CYS CYS A . n 
A 1 116 ARG 116 116 116 ARG ARG A . n 
A 1 117 ASN 117 117 117 ASN ASN A . n 
A 1 118 PRO 118 118 118 PRO PRO A . n 
A 1 119 ASP 119 119 119 ASP ASP A . n 
A 1 120 GLY 120 120 120 GLY GLY A . n 
A 1 121 SER 121 121 121 SER SER A . n 
A 1 122 ILE 122 122 122 ILE ILE A . n 
A 1 123 THR 123 123 123 THR THR A . n 
A 1 124 GLY 124 124 124 GLY GLY A . n 
A 1 125 PRO 125 125 125 PRO PRO A . n 
A 1 126 TRP 126 126 126 TRP TRP A . n 
A 1 127 CYS 127 127 127 CYS CYS A . n 
A 1 128 TYR 128 128 128 TYR TYR A . n 
A 1 129 THR 129 129 129 THR THR A . n 
A 1 130 THR 130 130 130 THR THR A . n 
A 1 131 SER 131 131 131 SER SER A . n 
A 1 132 PRO 132 132 132 PRO PRO A . n 
A 1 133 THR 133 133 133 THR THR A . n 
A 1 134 LEU 134 134 134 LEU LEU A . n 
A 1 135 ARG 135 135 135 ARG ARG A . n 
A 1 136 ARG 136 136 136 ARG ARG A . n 
A 1 137 GLU 137 137 137 GLU GLU A . n 
A 1 138 GLU 138 138 138 GLU GLU A . n 
A 1 139 CYS 139 139 139 CYS CYS A . n 
A 1 140 SER 140 140 140 SER SER A . n 
A 1 141 VAL 141 141 141 VAL VAL A . n 
A 1 142 PRO 142 142 142 PRO PRO A . n 
A 1 143 VAL 143 143 143 VAL VAL A . n 
A 1 144 CYS 144 144 144 CYS CYS A . n 
A 1 145 GLY 145 145 145 GLY GLY A . n 
A 1 146 GLN 146 146 146 GLN GLN A . n 
# 
loop_
_pdbx_nonpoly_scheme.asym_id 
_pdbx_nonpoly_scheme.entity_id 
_pdbx_nonpoly_scheme.mon_id 
_pdbx_nonpoly_scheme.ndb_seq_num 
_pdbx_nonpoly_scheme.pdb_seq_num 
_pdbx_nonpoly_scheme.auth_seq_num 
_pdbx_nonpoly_scheme.pdb_mon_id 
_pdbx_nonpoly_scheme.auth_mon_id 
_pdbx_nonpoly_scheme.pdb_strand_id 
_pdbx_nonpoly_scheme.pdb_ins_code 
C 3 NAG 1  303 303 NAG NAG A . 
D 4 CA  1  201 201 CA  CA  A . 
E 4 CA  1  202 202 CA  CA  A . 
F 4 CA  1  203 203 CA  CA  A . 
G 4 CA  1  204 204 CA  CA  A . 
H 4 CA  1  205 205 CA  CA  A . 
I 4 CA  1  206 206 CA  CA  A . 
J 4 CA  1  207 207 CA  CA  A . 
K 5 CL  1  250 250 CL  CL  A . 
L 5 CL  1  251 251 CL  CL  A . 
M 5 CL  1  252 252 CL  CL  A . 
N 6 LPS 1  451 451 LPS LPS A . 
O 7 HOH 1  501 501 HOH HOH A . 
O 7 HOH 2  502 502 HOH HOH A . 
O 7 HOH 3  503 503 HOH HOH A . 
O 7 HOH 4  504 504 HOH HOH A . 
O 7 HOH 5  505 505 HOH HOH A . 
O 7 HOH 6  506 506 HOH HOH A . 
O 7 HOH 7  507 507 HOH HOH A . 
O 7 HOH 8  508 508 HOH HOH A . 
O 7 HOH 9  509 509 HOH HOH A . 
O 7 HOH 10 510 510 HOH HOH A . 
O 7 HOH 11 511 511 HOH HOH A . 
O 7 HOH 12 512 512 HOH HOH A . 
O 7 HOH 13 513 513 HOH HOH A . 
O 7 HOH 14 514 514 HOH HOH A . 
O 7 HOH 15 515 515 HOH HOH A . 
O 7 HOH 16 516 516 HOH HOH A . 
O 7 HOH 17 517 517 HOH HOH A . 
O 7 HOH 18 518 518 HOH HOH A . 
O 7 HOH 19 519 519 HOH HOH A . 
O 7 HOH 20 520 520 HOH HOH A . 
O 7 HOH 21 521 521 HOH HOH A . 
O 7 HOH 22 522 522 HOH HOH A . 
O 7 HOH 23 523 523 HOH HOH A . 
O 7 HOH 24 524 524 HOH HOH A . 
O 7 HOH 25 525 525 HOH HOH A . 
O 7 HOH 26 526 526 HOH HOH A . 
O 7 HOH 27 527 527 HOH HOH A . 
O 7 HOH 28 528 528 HOH HOH A . 
O 7 HOH 29 529 529 HOH HOH A . 
O 7 HOH 30 530 530 HOH HOH A . 
O 7 HOH 31 531 531 HOH HOH A . 
O 7 HOH 32 532 532 HOH HOH A . 
O 7 HOH 33 533 533 HOH HOH A . 
O 7 HOH 34 534 534 HOH HOH A . 
O 7 HOH 35 535 535 HOH HOH A . 
O 7 HOH 36 536 536 HOH HOH A . 
O 7 HOH 37 537 537 HOH HOH A . 
O 7 HOH 38 538 538 HOH HOH A . 
O 7 HOH 39 539 539 HOH HOH A . 
O 7 HOH 40 540 540 HOH HOH A . 
O 7 HOH 41 541 541 HOH HOH A . 
O 7 HOH 42 542 542 HOH HOH A . 
O 7 HOH 43 543 543 HOH HOH A . 
O 7 HOH 44 544 544 HOH HOH A . 
O 7 HOH 45 545 545 HOH HOH A . 
O 7 HOH 46 546 546 HOH HOH A . 
O 7 HOH 47 547 547 HOH HOH A . 
O 7 HOH 48 548 548 HOH HOH A . 
O 7 HOH 49 549 549 HOH HOH A . 
O 7 HOH 50 550 550 HOH HOH A . 
O 7 HOH 51 551 551 HOH HOH A . 
O 7 HOH 52 552 552 HOH HOH A . 
O 7 HOH 53 553 553 HOH HOH A . 
O 7 HOH 54 554 554 HOH HOH A . 
O 7 HOH 55 555 555 HOH HOH A . 
O 7 HOH 56 556 556 HOH HOH A . 
O 7 HOH 57 557 557 HOH HOH A . 
O 7 HOH 58 558 558 HOH HOH A . 
O 7 HOH 59 559 559 HOH HOH A . 
O 7 HOH 60 560 560 HOH HOH A . 
# 
loop_
_pdbx_struct_mod_residue.id 
_pdbx_struct_mod_residue.label_asym_id 
_pdbx_struct_mod_residue.label_comp_id 
_pdbx_struct_mod_residue.label_seq_id 
_pdbx_struct_mod_residue.auth_asym_id 
_pdbx_struct_mod_residue.auth_comp_id 
_pdbx_struct_mod_residue.auth_seq_id 
_pdbx_struct_mod_residue.PDB_ins_code 
_pdbx_struct_mod_residue.parent_comp_id 
_pdbx_struct_mod_residue.details 
1  A ASN 77  A ASN 77  ? ASN 'GLYCOSYLATION SITE'          
2  A ASN 101 A ASN 101 ? ASN 'GLYCOSYLATION SITE'          
3  A CGU 7   A CGU 7   ? GLU 'GAMMA-CARBOXY-GLUTAMIC ACID' 
4  A CGU 8   A CGU 8   ? GLU 'GAMMA-CARBOXY-GLUTAMIC ACID' 
5  A CGU 15  A CGU 15  ? GLU 'GAMMA-CARBOXY-GLUTAMIC ACID' 
6  A CGU 17  A CGU 17  ? GLU 'GAMMA-CARBOXY-GLUTAMIC ACID' 
7  A CGU 20  A CGU 20  ? GLU 'GAMMA-CARBOXY-GLUTAMIC ACID' 
8  A CGU 21  A CGU 21  ? GLU 'GAMMA-CARBOXY-GLUTAMIC ACID' 
9  A CGU 26  A CGU 26  ? GLU 'GAMMA-CARBOXY-GLUTAMIC ACID' 
10 A CGU 27  A CGU 27  ? GLU 'GAMMA-CARBOXY-GLUTAMIC ACID' 
11 A CGU 30  A CGU 30  ? GLU 'GAMMA-CARBOXY-GLUTAMIC ACID' 
12 A CGU 33  A CGU 33  ? GLU 'GAMMA-CARBOXY-GLUTAMIC ACID' 
# 
_pdbx_struct_assembly.id                   1 
_pdbx_struct_assembly.details              author_defined_assembly 
_pdbx_struct_assembly.method_details       ? 
_pdbx_struct_assembly.oligomeric_details   monomeric 
_pdbx_struct_assembly.oligomeric_count     1 
# 
_pdbx_struct_assembly_gen.assembly_id       1 
_pdbx_struct_assembly_gen.oper_expression   1 
_pdbx_struct_assembly_gen.asym_id_list      A,B,C,D,E,F,G,H,I,J,K,L,M,N,O 
# 
_pdbx_struct_oper_list.id                   1 
_pdbx_struct_oper_list.type                 'identity operation' 
_pdbx_struct_oper_list.name                 1_555 
_pdbx_struct_oper_list.symmetry_operation   x,y,z 
_pdbx_struct_oper_list.matrix[1][1]         1.0000000000 
_pdbx_struct_oper_list.matrix[1][2]         0.0000000000 
_pdbx_struct_oper_list.matrix[1][3]         0.0000000000 
_pdbx_struct_oper_list.vector[1]            0.0000000000 
_pdbx_struct_oper_list.matrix[2][1]         0.0000000000 
_pdbx_struct_oper_list.matrix[2][2]         1.0000000000 
_pdbx_struct_oper_list.matrix[2][3]         0.0000000000 
_pdbx_struct_oper_list.vector[2]            0.0000000000 
_pdbx_struct_oper_list.matrix[3][1]         0.0000000000 
_pdbx_struct_oper_list.matrix[3][2]         0.0000000000 
_pdbx_struct_oper_list.matrix[3][3]         1.0000000000 
_pdbx_struct_oper_list.vector[3]            0.0000000000 
# 
loop_
_pdbx_struct_conn_angle.id 
_pdbx_struct_conn_angle.ptnr1_label_atom_id 
_pdbx_struct_conn_angle.ptnr1_label_alt_id 
_pdbx_struct_conn_angle.ptnr1_label_asym_id 
_pdbx_struct_conn_angle.ptnr1_label_comp_id 
_pdbx_struct_conn_angle.ptnr1_label_seq_id 
_pdbx_struct_conn_angle.ptnr1_auth_atom_id 
_pdbx_struct_conn_angle.ptnr1_auth_asym_id 
_pdbx_struct_conn_angle.ptnr1_auth_comp_id 
_pdbx_struct_conn_angle.ptnr1_auth_seq_id 
_pdbx_struct_conn_angle.ptnr1_PDB_ins_code 
_pdbx_struct_conn_angle.ptnr1_symmetry 
_pdbx_struct_conn_angle.ptnr2_label_atom_id 
_pdbx_struct_conn_angle.ptnr2_label_alt_id 
_pdbx_struct_conn_angle.ptnr2_label_asym_id 
_pdbx_struct_conn_angle.ptnr2_label_comp_id 
_pdbx_struct_conn_angle.ptnr2_label_seq_id 
_pdbx_struct_conn_angle.ptnr2_auth_atom_id 
_pdbx_struct_conn_angle.ptnr2_auth_asym_id 
_pdbx_struct_conn_angle.ptnr2_auth_comp_id 
_pdbx_struct_conn_angle.ptnr2_auth_seq_id 
_pdbx_struct_conn_angle.ptnr2_PDB_ins_code 
_pdbx_struct_conn_angle.ptnr2_symmetry 
_pdbx_struct_conn_angle.ptnr3_label_atom_id 
_pdbx_struct_conn_angle.ptnr3_label_alt_id 
_pdbx_struct_conn_angle.ptnr3_label_asym_id 
_pdbx_struct_conn_angle.ptnr3_label_comp_id 
_pdbx_struct_conn_angle.ptnr3_label_seq_id 
_pdbx_struct_conn_angle.ptnr3_auth_atom_id 
_pdbx_struct_conn_angle.ptnr3_auth_asym_id 
_pdbx_struct_conn_angle.ptnr3_auth_comp_id 
_pdbx_struct_conn_angle.ptnr3_auth_seq_id 
_pdbx_struct_conn_angle.ptnr3_PDB_ins_code 
_pdbx_struct_conn_angle.ptnr3_symmetry 
_pdbx_struct_conn_angle.value 
_pdbx_struct_conn_angle.value_esd 
1   O    ? A ALA 1  ? A ALA 1   ? 1_555 CA ? H CA . ? A CA 205 ? 1_555 OE11 ? A CGU 7  ? A CGU 7   ? 1_555 80.5  ? 
2   O    ? A ALA 1  ? A ALA 1   ? 1_555 CA ? H CA . ? A CA 205 ? 1_555 OE12 ? A CGU 7  ? A CGU 7   ? 1_555 64.0  ? 
3   OE11 ? A CGU 7  ? A CGU 7   ? 1_555 CA ? H CA . ? A CA 205 ? 1_555 OE12 ? A CGU 7  ? A CGU 7   ? 1_555 53.0  ? 
4   O    ? A ALA 1  ? A ALA 1   ? 1_555 CA ? H CA . ? A CA 205 ? 1_555 OE21 ? A CGU 17 ? A CGU 17  ? 1_555 66.2  ? 
5   OE11 ? A CGU 7  ? A CGU 7   ? 1_555 CA ? H CA . ? A CA 205 ? 1_555 OE21 ? A CGU 17 ? A CGU 17  ? 1_555 71.6  ? 
6   OE12 ? A CGU 7  ? A CGU 7   ? 1_555 CA ? H CA . ? A CA 205 ? 1_555 OE21 ? A CGU 17 ? A CGU 17  ? 1_555 108.7 ? 
7   O    ? A ALA 1  ? A ALA 1   ? 1_555 CA ? H CA . ? A CA 205 ? 1_555 OE22 ? A CGU 17 ? A CGU 17  ? 1_555 120.8 ? 
8   OE11 ? A CGU 7  ? A CGU 7   ? 1_555 CA ? H CA . ? A CA 205 ? 1_555 OE22 ? A CGU 17 ? A CGU 17  ? 1_555 78.8  ? 
9   OE12 ? A CGU 7  ? A CGU 7   ? 1_555 CA ? H CA . ? A CA 205 ? 1_555 OE22 ? A CGU 17 ? A CGU 17  ? 1_555 131.1 ? 
10  OE21 ? A CGU 17 ? A CGU 17  ? 1_555 CA ? H CA . ? A CA 205 ? 1_555 OE22 ? A CGU 17 ? A CGU 17  ? 1_555 54.7  ? 
11  O    ? A ALA 1  ? A ALA 1   ? 1_555 CA ? H CA . ? A CA 205 ? 1_555 OE11 ? A CGU 21 ? A CGU 21  ? 1_555 78.0  ? 
12  OE11 ? A CGU 7  ? A CGU 7   ? 1_555 CA ? H CA . ? A CA 205 ? 1_555 OE11 ? A CGU 21 ? A CGU 21  ? 1_555 146.8 ? 
13  OE12 ? A CGU 7  ? A CGU 7   ? 1_555 CA ? H CA . ? A CA 205 ? 1_555 OE11 ? A CGU 21 ? A CGU 21  ? 1_555 133.3 ? 
14  OE21 ? A CGU 17 ? A CGU 17  ? 1_555 CA ? H CA . ? A CA 205 ? 1_555 OE11 ? A CGU 21 ? A CGU 21  ? 1_555 76.6  ? 
15  OE22 ? A CGU 17 ? A CGU 17  ? 1_555 CA ? H CA . ? A CA 205 ? 1_555 OE11 ? A CGU 21 ? A CGU 21  ? 1_555 90.8  ? 
16  O    ? A ALA 1  ? A ALA 1   ? 1_555 CA ? H CA . ? A CA 205 ? 1_555 O    ? O HOH .  ? A HOH 527 ? 1_555 78.1  ? 
17  OE11 ? A CGU 7  ? A CGU 7   ? 1_555 CA ? H CA . ? A CA 205 ? 1_555 O    ? O HOH .  ? A HOH 527 ? 1_555 122.4 ? 
18  OE12 ? A CGU 7  ? A CGU 7   ? 1_555 CA ? H CA . ? A CA 205 ? 1_555 O    ? O HOH .  ? A HOH 527 ? 1_555 69.6  ? 
19  OE21 ? A CGU 17 ? A CGU 17  ? 1_555 CA ? H CA . ? A CA 205 ? 1_555 O    ? O HOH .  ? A HOH 527 ? 1_555 139.2 ? 
20  OE22 ? A CGU 17 ? A CGU 17  ? 1_555 CA ? H CA . ? A CA 205 ? 1_555 O    ? O HOH .  ? A HOH 527 ? 1_555 155.4 ? 
21  OE11 ? A CGU 21 ? A CGU 21  ? 1_555 CA ? H CA . ? A CA 205 ? 1_555 O    ? O HOH .  ? A HOH 527 ? 1_555 77.2  ? 
22  OD1  ? A ASN 2  ? A ASN 2   ? 1_555 CA ? G CA . ? A CA 204 ? 1_555 OE11 ? A CGU 7  ? A CGU 7   ? 1_555 91.5  ? 
23  OD1  ? A ASN 2  ? A ASN 2   ? 1_555 CA ? G CA . ? A CA 204 ? 1_555 OE22 ? A CGU 8  ? A CGU 8   ? 1_555 65.3  ? 
24  OE11 ? A CGU 7  ? A CGU 7   ? 1_555 CA ? G CA . ? A CA 204 ? 1_555 OE22 ? A CGU 8  ? A CGU 8   ? 1_555 81.0  ? 
25  OD1  ? A ASN 2  ? A ASN 2   ? 1_555 CA ? G CA . ? A CA 204 ? 1_555 OE21 ? A CGU 17 ? A CGU 17  ? 1_555 129.4 ? 
26  OE11 ? A CGU 7  ? A CGU 7   ? 1_555 CA ? G CA . ? A CA 204 ? 1_555 OE21 ? A CGU 17 ? A CGU 17  ? 1_555 67.7  ? 
27  OE22 ? A CGU 8  ? A CGU 8   ? 1_555 CA ? G CA . ? A CA 204 ? 1_555 OE21 ? A CGU 17 ? A CGU 17  ? 1_555 144.4 ? 
28  OD1  ? A ASN 2  ? A ASN 2   ? 1_555 CA ? G CA . ? A CA 204 ? 1_555 OE11 ? A CGU 17 ? A CGU 17  ? 1_555 143.8 ? 
29  OE11 ? A CGU 7  ? A CGU 7   ? 1_555 CA ? G CA . ? A CA 204 ? 1_555 OE11 ? A CGU 17 ? A CGU 17  ? 1_555 94.1  ? 
30  OE22 ? A CGU 8  ? A CGU 8   ? 1_555 CA ? G CA . ? A CA 204 ? 1_555 OE11 ? A CGU 17 ? A CGU 17  ? 1_555 80.4  ? 
31  OE21 ? A CGU 17 ? A CGU 17  ? 1_555 CA ? G CA . ? A CA 204 ? 1_555 OE11 ? A CGU 17 ? A CGU 17  ? 1_555 85.3  ? 
32  OD1  ? A ASN 2  ? A ASN 2   ? 1_555 CA ? G CA . ? A CA 204 ? 1_555 OE22 ? A CGU 27 ? A CGU 27  ? 1_555 86.5  ? 
33  OE11 ? A CGU 7  ? A CGU 7   ? 1_555 CA ? G CA . ? A CA 204 ? 1_555 OE22 ? A CGU 27 ? A CGU 27  ? 1_555 128.3 ? 
34  OE22 ? A CGU 8  ? A CGU 8   ? 1_555 CA ? G CA . ? A CA 204 ? 1_555 OE22 ? A CGU 27 ? A CGU 27  ? 1_555 141.0 ? 
35  OE21 ? A CGU 17 ? A CGU 17  ? 1_555 CA ? G CA . ? A CA 204 ? 1_555 OE22 ? A CGU 27 ? A CGU 27  ? 1_555 74.3  ? 
36  OE11 ? A CGU 17 ? A CGU 17  ? 1_555 CA ? G CA . ? A CA 204 ? 1_555 OE22 ? A CGU 27 ? A CGU 27  ? 1_555 116.6 ? 
37  OD1  ? A ASN 2  ? A ASN 2   ? 1_555 CA ? G CA . ? A CA 204 ? 1_555 OE11 ? A CGU 27 ? A CGU 27  ? 1_555 87.5  ? 
38  OE11 ? A CGU 7  ? A CGU 7   ? 1_555 CA ? G CA . ? A CA 204 ? 1_555 OE11 ? A CGU 27 ? A CGU 27  ? 1_555 149.1 ? 
39  OE22 ? A CGU 8  ? A CGU 8   ? 1_555 CA ? G CA . ? A CA 204 ? 1_555 OE11 ? A CGU 27 ? A CGU 27  ? 1_555 70.6  ? 
40  OE21 ? A CGU 17 ? A CGU 17  ? 1_555 CA ? G CA . ? A CA 204 ? 1_555 OE11 ? A CGU 27 ? A CGU 27  ? 1_555 133.5 ? 
41  OE11 ? A CGU 17 ? A CGU 17  ? 1_555 CA ? G CA . ? A CA 204 ? 1_555 OE11 ? A CGU 27 ? A CGU 27  ? 1_555 69.9  ? 
42  OE22 ? A CGU 27 ? A CGU 27  ? 1_555 CA ? G CA . ? A CA 204 ? 1_555 OE11 ? A CGU 27 ? A CGU 27  ? 1_555 82.4  ? 
43  OE12 ? A CGU 8  ? A CGU 8   ? 1_555 CA ? E CA . ? A CA 202 ? 1_555 OE21 ? A CGU 8  ? A CGU 8   ? 1_555 86.8  ? 
44  OE12 ? A CGU 8  ? A CGU 8   ? 1_555 CA ? E CA . ? A CA 202 ? 1_555 OE12 ? A CGU 27 ? A CGU 27  ? 1_555 104.6 ? 
45  OE21 ? A CGU 8  ? A CGU 8   ? 1_555 CA ? E CA . ? A CA 202 ? 1_555 OE12 ? A CGU 27 ? A CGU 27  ? 1_555 96.7  ? 
46  OE12 ? A CGU 8  ? A CGU 8   ? 1_555 CA ? E CA . ? A CA 202 ? 1_555 OE21 ? A CGU 30 ? A CGU 30  ? 1_555 155.2 ? 
47  OE21 ? A CGU 8  ? A CGU 8   ? 1_555 CA ? E CA . ? A CA 202 ? 1_555 OE21 ? A CGU 30 ? A CGU 30  ? 1_555 68.4  ? 
48  OE12 ? A CGU 27 ? A CGU 27  ? 1_555 CA ? E CA . ? A CA 202 ? 1_555 OE21 ? A CGU 30 ? A CGU 30  ? 1_555 78.2  ? 
49  OE12 ? A CGU 8  ? A CGU 8   ? 1_555 CA ? E CA . ? A CA 202 ? 1_555 OE22 ? A CGU 30 ? A CGU 30  ? 1_555 150.5 ? 
50  OE21 ? A CGU 8  ? A CGU 8   ? 1_555 CA ? E CA . ? A CA 202 ? 1_555 OE22 ? A CGU 30 ? A CGU 30  ? 1_555 112.7 ? 
51  OE12 ? A CGU 27 ? A CGU 27  ? 1_555 CA ? E CA . ? A CA 202 ? 1_555 OE22 ? A CGU 30 ? A CGU 30  ? 1_555 95.1  ? 
52  OE21 ? A CGU 30 ? A CGU 30  ? 1_555 CA ? E CA . ? A CA 202 ? 1_555 OE22 ? A CGU 30 ? A CGU 30  ? 1_555 50.1  ? 
53  OE12 ? A CGU 8  ? A CGU 8   ? 1_555 CA ? E CA . ? A CA 202 ? 1_555 O    ? O HOH .  ? A HOH 504 ? 1_555 83.4  ? 
54  OE21 ? A CGU 8  ? A CGU 8   ? 1_555 CA ? E CA . ? A CA 202 ? 1_555 O    ? O HOH .  ? A HOH 504 ? 1_555 169.5 ? 
55  OE12 ? A CGU 27 ? A CGU 27  ? 1_555 CA ? E CA . ? A CA 202 ? 1_555 O    ? O HOH .  ? A HOH 504 ? 1_555 82.2  ? 
56  OE21 ? A CGU 30 ? A CGU 30  ? 1_555 CA ? E CA . ? A CA 202 ? 1_555 O    ? O HOH .  ? A HOH 504 ? 1_555 121.2 ? 
57  OE22 ? A CGU 30 ? A CGU 30  ? 1_555 CA ? E CA . ? A CA 202 ? 1_555 O    ? O HOH .  ? A HOH 504 ? 1_555 77.8  ? 
58  OE12 ? A CGU 8  ? A CGU 8   ? 1_555 CA ? E CA . ? A CA 202 ? 1_555 O    ? O HOH .  ? A HOH 507 ? 1_555 91.1  ? 
59  OE21 ? A CGU 8  ? A CGU 8   ? 1_555 CA ? E CA . ? A CA 202 ? 1_555 O    ? O HOH .  ? A HOH 507 ? 1_555 82.4  ? 
60  OE12 ? A CGU 27 ? A CGU 27  ? 1_555 CA ? E CA . ? A CA 202 ? 1_555 O    ? O HOH .  ? A HOH 507 ? 1_555 164.2 ? 
61  OE21 ? A CGU 30 ? A CGU 30  ? 1_555 CA ? E CA . ? A CA 202 ? 1_555 O    ? O HOH .  ? A HOH 507 ? 1_555 86.9  ? 
62  OE22 ? A CGU 30 ? A CGU 30  ? 1_555 CA ? E CA . ? A CA 202 ? 1_555 O    ? O HOH .  ? A HOH 507 ? 1_555 71.0  ? 
63  O    ? O HOH .  ? A HOH 504 ? 1_555 CA ? E CA . ? A CA 202 ? 1_555 O    ? O HOH .  ? A HOH 507 ? 1_555 101.6 ? 
64  OE21 ? A CGU 8  ? A CGU 8   ? 1_555 CA ? F CA . ? A CA 203 ? 1_555 OE22 ? A CGU 8  ? A CGU 8   ? 1_555 47.7  ? 
65  OE21 ? A CGU 8  ? A CGU 8   ? 1_555 CA ? F CA . ? A CA 203 ? 1_555 OE11 ? A CGU 17 ? A CGU 17  ? 1_555 115.1 ? 
66  OE22 ? A CGU 8  ? A CGU 8   ? 1_555 CA ? F CA . ? A CA 203 ? 1_555 OE11 ? A CGU 17 ? A CGU 17  ? 1_555 69.6  ? 
67  OE21 ? A CGU 8  ? A CGU 8   ? 1_555 CA ? F CA . ? A CA 203 ? 1_555 OE11 ? A CGU 27 ? A CGU 27  ? 1_555 86.5  ? 
68  OE22 ? A CGU 8  ? A CGU 8   ? 1_555 CA ? F CA . ? A CA 203 ? 1_555 OE11 ? A CGU 27 ? A CGU 27  ? 1_555 65.0  ? 
69  OE11 ? A CGU 17 ? A CGU 17  ? 1_555 CA ? F CA . ? A CA 203 ? 1_555 OE11 ? A CGU 27 ? A CGU 27  ? 1_555 80.4  ? 
70  OE21 ? A CGU 8  ? A CGU 8   ? 1_555 CA ? F CA . ? A CA 203 ? 1_555 OE21 ? A CGU 30 ? A CGU 30  ? 1_555 72.7  ? 
71  OE22 ? A CGU 8  ? A CGU 8   ? 1_555 CA ? F CA . ? A CA 203 ? 1_555 OE21 ? A CGU 30 ? A CGU 30  ? 1_555 108.5 ? 
72  OE11 ? A CGU 17 ? A CGU 17  ? 1_555 CA ? F CA . ? A CA 203 ? 1_555 OE21 ? A CGU 30 ? A CGU 30  ? 1_555 156.4 ? 
73  OE11 ? A CGU 27 ? A CGU 27  ? 1_555 CA ? F CA . ? A CA 203 ? 1_555 OE21 ? A CGU 30 ? A CGU 30  ? 1_555 77.8  ? 
74  OE21 ? A CGU 8  ? A CGU 8   ? 1_555 CA ? F CA . ? A CA 203 ? 1_555 O    ? O HOH .  ? A HOH 514 ? 1_555 76.4  ? 
75  OE22 ? A CGU 8  ? A CGU 8   ? 1_555 CA ? F CA . ? A CA 203 ? 1_555 O    ? O HOH .  ? A HOH 514 ? 1_555 117.2 ? 
76  OE11 ? A CGU 17 ? A CGU 17  ? 1_555 CA ? F CA . ? A CA 203 ? 1_555 O    ? O HOH .  ? A HOH 514 ? 1_555 131.7 ? 
77  OE11 ? A CGU 27 ? A CGU 27  ? 1_555 CA ? F CA . ? A CA 203 ? 1_555 O    ? O HOH .  ? A HOH 514 ? 1_555 147.6 ? 
78  OE21 ? A CGU 30 ? A CGU 30  ? 1_555 CA ? F CA . ? A CA 203 ? 1_555 O    ? O HOH .  ? A HOH 514 ? 1_555 70.9  ? 
79  OE21 ? A CGU 8  ? A CGU 8   ? 1_555 CA ? F CA . ? A CA 203 ? 1_555 O    ? O HOH .  ? A HOH 519 ? 1_555 93.4  ? 
80  OE22 ? A CGU 8  ? A CGU 8   ? 1_555 CA ? F CA . ? A CA 203 ? 1_555 O    ? O HOH .  ? A HOH 519 ? 1_555 86.1  ? 
81  OE11 ? A CGU 17 ? A CGU 17  ? 1_555 CA ? F CA . ? A CA 203 ? 1_555 O    ? O HOH .  ? A HOH 519 ? 1_555 63.9  ? 
82  OE11 ? A CGU 27 ? A CGU 27  ? 1_555 CA ? F CA . ? A CA 203 ? 1_555 O    ? O HOH .  ? A HOH 519 ? 1_555 140.5 ? 
83  OE21 ? A CGU 30 ? A CGU 30  ? 1_555 CA ? F CA . ? A CA 203 ? 1_555 O    ? O HOH .  ? A HOH 519 ? 1_555 139.5 ? 
84  O    ? O HOH .  ? A HOH 514 ? 1_555 CA ? F CA . ? A CA 203 ? 1_555 O    ? O HOH .  ? A HOH 519 ? 1_555 68.9  ? 
85  OE21 ? A CGU 8  ? A CGU 8   ? 1_555 CA ? F CA . ? A CA 203 ? 1_555 O    ? O HOH .  ? A HOH 522 ? 1_555 161.9 ? 
86  OE22 ? A CGU 8  ? A CGU 8   ? 1_555 CA ? F CA . ? A CA 203 ? 1_555 O    ? O HOH .  ? A HOH 522 ? 1_555 148.0 ? 
87  OE11 ? A CGU 17 ? A CGU 17  ? 1_555 CA ? F CA . ? A CA 203 ? 1_555 O    ? O HOH .  ? A HOH 522 ? 1_555 83.0  ? 
88  OE11 ? A CGU 27 ? A CGU 27  ? 1_555 CA ? F CA . ? A CA 203 ? 1_555 O    ? O HOH .  ? A HOH 522 ? 1_555 95.1  ? 
89  OE21 ? A CGU 30 ? A CGU 30  ? 1_555 CA ? F CA . ? A CA 203 ? 1_555 O    ? O HOH .  ? A HOH 522 ? 1_555 90.0  ? 
90  O    ? O HOH .  ? A HOH 514 ? 1_555 CA ? F CA . ? A CA 203 ? 1_555 O    ? O HOH .  ? A HOH 522 ? 1_555 93.2  ? 
91  O    ? O HOH .  ? A HOH 519 ? 1_555 CA ? F CA . ? A CA 203 ? 1_555 O    ? O HOH .  ? A HOH 522 ? 1_555 96.7  ? 
92  OE21 ? A CGU 15 ? A CGU 15  ? 1_555 CA ? J CA . ? A CA 207 ? 1_555 OE12 ? A CGU 15 ? A CGU 15  ? 1_555 86.1  ? 
93  OE21 ? A CGU 15 ? A CGU 15  ? 1_555 CA ? J CA . ? A CA 207 ? 1_555 OE21 ? A CGU 20 ? A CGU 20  ? 1_555 158.1 ? 
94  OE12 ? A CGU 15 ? A CGU 15  ? 1_555 CA ? J CA . ? A CA 207 ? 1_555 OE21 ? A CGU 20 ? A CGU 20  ? 1_555 78.6  ? 
95  OE21 ? A CGU 15 ? A CGU 15  ? 1_555 CA ? J CA . ? A CA 207 ? 1_555 OE11 ? A CGU 20 ? A CGU 20  ? 1_555 85.1  ? 
96  OE12 ? A CGU 15 ? A CGU 15  ? 1_555 CA ? J CA . ? A CA 207 ? 1_555 OE11 ? A CGU 20 ? A CGU 20  ? 1_555 93.5  ? 
97  OE21 ? A CGU 20 ? A CGU 20  ? 1_555 CA ? J CA . ? A CA 207 ? 1_555 OE11 ? A CGU 20 ? A CGU 20  ? 1_555 80.5  ? 
98  OE21 ? A CGU 15 ? A CGU 15  ? 1_555 CA ? J CA . ? A CA 207 ? 1_555 O    ? O HOH .  ? A HOH 537 ? 1_555 109.8 ? 
99  OE12 ? A CGU 15 ? A CGU 15  ? 1_555 CA ? J CA . ? A CA 207 ? 1_555 O    ? O HOH .  ? A HOH 537 ? 1_555 88.3  ? 
100 OE21 ? A CGU 20 ? A CGU 20  ? 1_555 CA ? J CA . ? A CA 207 ? 1_555 O    ? O HOH .  ? A HOH 537 ? 1_555 85.4  ? 
101 OE11 ? A CGU 20 ? A CGU 20  ? 1_555 CA ? J CA . ? A CA 207 ? 1_555 O    ? O HOH .  ? A HOH 537 ? 1_555 165.1 ? 
102 OE12 ? A CGU 21 ? A CGU 21  ? 1_555 CA ? I CA . ? A CA 206 ? 1_555 OE22 ? A CGU 21 ? A CGU 21  ? 1_555 77.8  ? 
103 OE12 ? A CGU 21 ? A CGU 21  ? 1_555 CA ? I CA . ? A CA 206 ? 1_555 OT1  ? N LPS .  ? A LPS 451 ? 1_555 92.1  ? 
104 OE22 ? A CGU 21 ? A CGU 21  ? 1_555 CA ? I CA . ? A CA 206 ? 1_555 OT1  ? N LPS .  ? A LPS 451 ? 1_555 168.5 ? 
105 OE12 ? A CGU 21 ? A CGU 21  ? 1_555 CA ? I CA . ? A CA 206 ? 1_555 O    ? O HOH .  ? A HOH 557 ? 1_555 150.8 ? 
106 OE22 ? A CGU 21 ? A CGU 21  ? 1_555 CA ? I CA . ? A CA 206 ? 1_555 O    ? O HOH .  ? A HOH 557 ? 1_555 129.7 ? 
107 OT1  ? N LPS .  ? A LPS 451 ? 1_555 CA ? I CA . ? A CA 206 ? 1_555 O    ? O HOH .  ? A HOH 557 ? 1_555 61.3  ? 
108 OE12 ? A CGU 26 ? A CGU 26  ? 1_555 CA ? D CA . ? A CA 201 ? 1_555 OE21 ? A CGU 26 ? A CGU 26  ? 1_555 75.5  ? 
109 OE12 ? A CGU 26 ? A CGU 26  ? 1_555 CA ? D CA . ? A CA 201 ? 1_555 OE11 ? A CGU 30 ? A CGU 30  ? 1_555 88.2  ? 
110 OE21 ? A CGU 26 ? A CGU 26  ? 1_555 CA ? D CA . ? A CA 201 ? 1_555 OE11 ? A CGU 30 ? A CGU 30  ? 1_555 148.5 ? 
111 OE12 ? A CGU 26 ? A CGU 26  ? 1_555 CA ? D CA . ? A CA 201 ? 1_555 OE22 ? A CGU 30 ? A CGU 30  ? 1_555 81.1  ? 
112 OE21 ? A CGU 26 ? A CGU 26  ? 1_555 CA ? D CA . ? A CA 201 ? 1_555 OE22 ? A CGU 30 ? A CGU 30  ? 1_555 71.8  ? 
113 OE11 ? A CGU 30 ? A CGU 30  ? 1_555 CA ? D CA . ? A CA 201 ? 1_555 OE22 ? A CGU 30 ? A CGU 30  ? 1_555 79.3  ? 
# 
loop_
_pdbx_audit_revision_history.ordinal 
_pdbx_audit_revision_history.data_content_type 
_pdbx_audit_revision_history.major_revision 
_pdbx_audit_revision_history.minor_revision 
_pdbx_audit_revision_history.revision_date 
1 'Structure model' 1 0 2003-09-16 
2 'Structure model' 1 1 2008-04-29 
3 'Structure model' 1 2 2011-07-13 
4 'Structure model' 2 0 2020-07-29 
5 'Structure model' 2 1 2023-08-16 
6 'Structure model' 2 2 2023-11-15 
# 
loop_
_pdbx_audit_revision_details.ordinal 
_pdbx_audit_revision_details.revision_ordinal 
_pdbx_audit_revision_details.data_content_type 
_pdbx_audit_revision_details.provider 
_pdbx_audit_revision_details.type 
_pdbx_audit_revision_details.description 
_pdbx_audit_revision_details.details 
1 1 'Structure model' repository 'Initial release' ?                          ? 
2 4 'Structure model' repository Remediation       'Carbohydrate remediation' ? 
# 
loop_
_pdbx_audit_revision_group.ordinal 
_pdbx_audit_revision_group.revision_ordinal 
_pdbx_audit_revision_group.data_content_type 
_pdbx_audit_revision_group.group 
1  2 'Structure model' 'Version format compliance' 
2  3 'Structure model' 'Non-polymer description'   
3  3 'Structure model' 'Version format compliance' 
4  4 'Structure model' Advisory                    
5  4 'Structure model' 'Atomic model'              
6  4 'Structure model' 'Data collection'           
7  4 'Structure model' 'Database references'       
8  4 'Structure model' 'Derived calculations'      
9  4 'Structure model' 'Structure summary'         
10 5 'Structure model' 'Data collection'           
11 5 'Structure model' 'Database references'       
12 5 'Structure model' 'Refinement description'    
13 5 'Structure model' 'Structure summary'         
14 6 'Structure model' 'Data collection'           
# 
loop_
_pdbx_audit_revision_category.ordinal 
_pdbx_audit_revision_category.revision_ordinal 
_pdbx_audit_revision_category.data_content_type 
_pdbx_audit_revision_category.category 
1  4 'Structure model' atom_site                     
2  4 'Structure model' chem_comp                     
3  4 'Structure model' database_PDB_caveat           
4  4 'Structure model' entity                        
5  4 'Structure model' pdbx_branch_scheme            
6  4 'Structure model' pdbx_chem_comp_identifier     
7  4 'Structure model' pdbx_entity_branch            
8  4 'Structure model' pdbx_entity_branch_descriptor 
9  4 'Structure model' pdbx_entity_branch_link       
10 4 'Structure model' pdbx_entity_branch_list       
11 4 'Structure model' pdbx_entity_nonpoly           
12 4 'Structure model' pdbx_nonpoly_scheme           
13 4 'Structure model' pdbx_struct_assembly_gen      
14 4 'Structure model' pdbx_struct_conn_angle        
15 4 'Structure model' struct_asym                   
16 4 'Structure model' struct_conn                   
17 4 'Structure model' struct_ref_seq_dif            
18 4 'Structure model' struct_site                   
19 4 'Structure model' struct_site_gen               
20 5 'Structure model' chem_comp                     
21 5 'Structure model' chem_comp_atom                
22 5 'Structure model' chem_comp_bond                
23 5 'Structure model' database_2                    
24 5 'Structure model' pdbx_initial_refinement_model 
25 6 'Structure model' chem_comp_atom                
26 6 'Structure model' chem_comp_bond                
# 
loop_
_pdbx_audit_revision_item.ordinal 
_pdbx_audit_revision_item.revision_ordinal 
_pdbx_audit_revision_item.data_content_type 
_pdbx_audit_revision_item.item 
1  4 'Structure model' '_atom_site.auth_asym_id'                     
2  4 'Structure model' '_atom_site.auth_seq_id'                      
3  4 'Structure model' '_atom_site.label_asym_id'                    
4  4 'Structure model' '_atom_site.label_entity_id'                  
5  4 'Structure model' '_chem_comp.name'                             
6  4 'Structure model' '_chem_comp.type'                             
7  4 'Structure model' '_pdbx_entity_nonpoly.entity_id'              
8  4 'Structure model' '_pdbx_entity_nonpoly.name'                   
9  4 'Structure model' '_pdbx_struct_assembly_gen.asym_id_list'      
10 4 'Structure model' '_pdbx_struct_conn_angle.ptnr1_auth_comp_id'  
11 4 'Structure model' '_pdbx_struct_conn_angle.ptnr1_auth_seq_id'   
12 4 'Structure model' '_pdbx_struct_conn_angle.ptnr1_label_asym_id' 
13 4 'Structure model' '_pdbx_struct_conn_angle.ptnr1_label_atom_id' 
14 4 'Structure model' '_pdbx_struct_conn_angle.ptnr1_label_comp_id' 
15 4 'Structure model' '_pdbx_struct_conn_angle.ptnr1_label_seq_id'  
16 4 'Structure model' '_pdbx_struct_conn_angle.ptnr2_auth_seq_id'   
17 4 'Structure model' '_pdbx_struct_conn_angle.ptnr2_label_asym_id' 
18 4 'Structure model' '_pdbx_struct_conn_angle.ptnr3_auth_comp_id'  
19 4 'Structure model' '_pdbx_struct_conn_angle.ptnr3_auth_seq_id'   
20 4 'Structure model' '_pdbx_struct_conn_angle.ptnr3_label_asym_id' 
21 4 'Structure model' '_pdbx_struct_conn_angle.ptnr3_label_atom_id' 
22 4 'Structure model' '_pdbx_struct_conn_angle.ptnr3_label_comp_id' 
23 4 'Structure model' '_pdbx_struct_conn_angle.ptnr3_label_seq_id'  
24 4 'Structure model' '_pdbx_struct_conn_angle.value'               
25 4 'Structure model' '_struct_conn.pdbx_dist_value'                
26 4 'Structure model' '_struct_conn.pdbx_leaving_atom_flag'         
27 4 'Structure model' '_struct_conn.pdbx_role'                      
28 4 'Structure model' '_struct_conn.ptnr1_auth_asym_id'             
29 4 'Structure model' '_struct_conn.ptnr1_auth_comp_id'             
30 4 'Structure model' '_struct_conn.ptnr1_auth_seq_id'              
31 4 'Structure model' '_struct_conn.ptnr1_label_asym_id'            
32 4 'Structure model' '_struct_conn.ptnr1_label_atom_id'            
33 4 'Structure model' '_struct_conn.ptnr1_label_comp_id'            
34 4 'Structure model' '_struct_conn.ptnr1_label_seq_id'             
35 4 'Structure model' '_struct_conn.ptnr2_auth_asym_id'             
36 4 'Structure model' '_struct_conn.ptnr2_auth_comp_id'             
37 4 'Structure model' '_struct_conn.ptnr2_auth_seq_id'              
38 4 'Structure model' '_struct_conn.ptnr2_label_asym_id'            
39 4 'Structure model' '_struct_conn.ptnr2_label_atom_id'            
40 4 'Structure model' '_struct_conn.ptnr2_label_comp_id'            
41 4 'Structure model' '_struct_conn.ptnr2_label_seq_id'             
42 4 'Structure model' '_struct_ref_seq_dif.details'                 
43 5 'Structure model' '_chem_comp.pdbx_synonyms'                    
44 5 'Structure model' '_database_2.pdbx_DOI'                        
45 5 'Structure model' '_database_2.pdbx_database_accession'         
46 6 'Structure model' '_chem_comp_atom.atom_id'                     
47 6 'Structure model' '_chem_comp_bond.atom_id_2'                   
# 
loop_
_software.name 
_software.classification 
_software.version 
_software.citation_id 
_software.pdbx_ordinal 
CNS       refinement       1.1 ? 1 
DENZO     'data reduction' .   ? 2 
SCALEPACK 'data scaling'   .   ? 3 
AMoRE     phasing          .   ? 4 
# 
loop_
_pdbx_validate_close_contact.id 
_pdbx_validate_close_contact.PDB_model_num 
_pdbx_validate_close_contact.auth_atom_id_1 
_pdbx_validate_close_contact.auth_asym_id_1 
_pdbx_validate_close_contact.auth_comp_id_1 
_pdbx_validate_close_contact.auth_seq_id_1 
_pdbx_validate_close_contact.PDB_ins_code_1 
_pdbx_validate_close_contact.label_alt_id_1 
_pdbx_validate_close_contact.auth_atom_id_2 
_pdbx_validate_close_contact.auth_asym_id_2 
_pdbx_validate_close_contact.auth_comp_id_2 
_pdbx_validate_close_contact.auth_seq_id_2 
_pdbx_validate_close_contact.PDB_ins_code_2 
_pdbx_validate_close_contact.label_alt_id_2 
_pdbx_validate_close_contact.dist 
1 1 CG  A ASN 101 ? ? C8 A NAG 303 ? ? 1.66 
2 1 OD1 A ASN 101 ? ? C8 A NAG 303 ? ? 1.68 
3 1 CB  A ASN 101 ? ? C8 A NAG 303 ? ? 2.16 
# 
loop_
_pdbx_validate_symm_contact.id 
_pdbx_validate_symm_contact.PDB_model_num 
_pdbx_validate_symm_contact.auth_atom_id_1 
_pdbx_validate_symm_contact.auth_asym_id_1 
_pdbx_validate_symm_contact.auth_comp_id_1 
_pdbx_validate_symm_contact.auth_seq_id_1 
_pdbx_validate_symm_contact.PDB_ins_code_1 
_pdbx_validate_symm_contact.label_alt_id_1 
_pdbx_validate_symm_contact.site_symmetry_1 
_pdbx_validate_symm_contact.auth_atom_id_2 
_pdbx_validate_symm_contact.auth_asym_id_2 
_pdbx_validate_symm_contact.auth_comp_id_2 
_pdbx_validate_symm_contact.auth_seq_id_2 
_pdbx_validate_symm_contact.PDB_ins_code_2 
_pdbx_validate_symm_contact.label_alt_id_2 
_pdbx_validate_symm_contact.site_symmetry_2 
_pdbx_validate_symm_contact.dist 
1  1 OE1  A GLU 56  ? B 1_555 O   A HOH 541 ? ? 4_567 1.01 
2  1 ND2  A ASN 2   ? ? 1_555 O   A HOH 558 ? ? 4_467 1.51 
3  1 NE   A ARG 93  ? ? 1_555 O   A VAL 141 ? ? 3_656 1.63 
4  1 O    A HOH 502 ? ? 1_555 O   A HOH 541 ? ? 4_567 1.71 
5  1 CB   A GLN 146 ? ? 1_555 CL  A CL  251 ? ? 3_646 1.92 
6  1 ND2  A ASN 2   ? ? 1_555 O   A HOH 509 ? ? 4_467 1.93 
7  1 CA   A PRO 95  ? ? 1_555 O   A HOH 549 ? ? 3_656 1.97 
8  1 CD   A ARG 93  ? ? 1_555 O   A VAL 141 ? ? 3_656 1.98 
9  1 CE   A LYS 97  ? ? 1_555 O   A GLN 146 ? ? 3_656 1.98 
10 1 CB   A PRO 95  ? ? 1_555 O   A HOH 549 ? ? 3_656 2.01 
11 1 NZ   A LYS 97  ? ? 1_555 O   A GLN 146 ? ? 3_656 2.05 
12 1 OE12 A CGU 27  ? ? 1_555 O   A HOH 509 ? ? 4_467 2.05 
13 1 O    A ARG 93  ? ? 1_555 CG2 A VAL 143 ? ? 3_656 2.08 
14 1 O    A GLY 69  ? ? 1_555 CB  A TYR 94  ? ? 3_646 2.13 
15 1 OH   A TYR 94  ? ? 1_555 CB  A VAL 141 ? ? 3_656 2.14 
16 1 CD   A GLU 56  ? B 1_555 O   A HOH 541 ? ? 4_567 2.19 
# 
loop_
_pdbx_validate_torsion.id 
_pdbx_validate_torsion.PDB_model_num 
_pdbx_validate_torsion.auth_comp_id 
_pdbx_validate_torsion.auth_asym_id 
_pdbx_validate_torsion.auth_seq_id 
_pdbx_validate_torsion.PDB_ins_code 
_pdbx_validate_torsion.label_alt_id 
_pdbx_validate_torsion.phi 
_pdbx_validate_torsion.psi 
1 1 PHE A 5   ? ? -52.73  -123.60 
2 1 ALA A 51  ? ? -142.33 35.12   
3 1 GLU A 112 ? ? 43.80   -125.10 
# 
_pdbx_validate_chiral.id              1 
_pdbx_validate_chiral.PDB_model_num   1 
_pdbx_validate_chiral.auth_atom_id    C31 
_pdbx_validate_chiral.label_alt_id    ? 
_pdbx_validate_chiral.auth_asym_id    A 
_pdbx_validate_chiral.auth_comp_id    LPS 
_pdbx_validate_chiral.auth_seq_id     451 
_pdbx_validate_chiral.PDB_ins_code    ? 
_pdbx_validate_chiral.details         PLANAR 
_pdbx_validate_chiral.omega           . 
# 
loop_
_chem_comp_atom.comp_id 
_chem_comp_atom.atom_id 
_chem_comp_atom.type_symbol 
_chem_comp_atom.pdbx_aromatic_flag 
_chem_comp_atom.pdbx_stereo_config 
_chem_comp_atom.pdbx_ordinal 
ALA N    N  N N 1   
ALA CA   C  N S 2   
ALA C    C  N N 3   
ALA O    O  N N 4   
ALA CB   C  N N 5   
ALA OXT  O  N N 6   
ALA H    H  N N 7   
ALA H2   H  N N 8   
ALA HA   H  N N 9   
ALA HB1  H  N N 10  
ALA HB2  H  N N 11  
ALA HB3  H  N N 12  
ALA HXT  H  N N 13  
ARG N    N  N N 14  
ARG CA   C  N S 15  
ARG C    C  N N 16  
ARG O    O  N N 17  
ARG CB   C  N N 18  
ARG CG   C  N N 19  
ARG CD   C  N N 20  
ARG NE   N  N N 21  
ARG CZ   C  N N 22  
ARG NH1  N  N N 23  
ARG NH2  N  N N 24  
ARG OXT  O  N N 25  
ARG H    H  N N 26  
ARG H2   H  N N 27  
ARG HA   H  N N 28  
ARG HB2  H  N N 29  
ARG HB3  H  N N 30  
ARG HG2  H  N N 31  
ARG HG3  H  N N 32  
ARG HD2  H  N N 33  
ARG HD3  H  N N 34  
ARG HE   H  N N 35  
ARG HH11 H  N N 36  
ARG HH12 H  N N 37  
ARG HH21 H  N N 38  
ARG HH22 H  N N 39  
ARG HXT  H  N N 40  
ASN N    N  N N 41  
ASN CA   C  N S 42  
ASN C    C  N N 43  
ASN O    O  N N 44  
ASN CB   C  N N 45  
ASN CG   C  N N 46  
ASN OD1  O  N N 47  
ASN ND2  N  N N 48  
ASN OXT  O  N N 49  
ASN H    H  N N 50  
ASN H2   H  N N 51  
ASN HA   H  N N 52  
ASN HB2  H  N N 53  
ASN HB3  H  N N 54  
ASN HD21 H  N N 55  
ASN HD22 H  N N 56  
ASN HXT  H  N N 57  
ASP N    N  N N 58  
ASP CA   C  N S 59  
ASP C    C  N N 60  
ASP O    O  N N 61  
ASP CB   C  N N 62  
ASP CG   C  N N 63  
ASP OD1  O  N N 64  
ASP OD2  O  N N 65  
ASP OXT  O  N N 66  
ASP H    H  N N 67  
ASP H2   H  N N 68  
ASP HA   H  N N 69  
ASP HB2  H  N N 70  
ASP HB3  H  N N 71  
ASP HD2  H  N N 72  
ASP HXT  H  N N 73  
CA  CA   CA N N 74  
CGU N    N  N N 75  
CGU CA   C  N S 76  
CGU C    C  N N 77  
CGU O    O  N N 78  
CGU OXT  O  N N 79  
CGU CB   C  N N 80  
CGU CG   C  N N 81  
CGU CD1  C  N N 82  
CGU CD2  C  N N 83  
CGU OE11 O  N N 84  
CGU OE12 O  N N 85  
CGU OE21 O  N N 86  
CGU OE22 O  N N 87  
CGU H    H  N N 88  
CGU H2   H  N N 89  
CGU HA   H  N N 90  
CGU HXT  H  N N 91  
CGU HB2  H  N N 92  
CGU HB3  H  N N 93  
CGU HG   H  N N 94  
CGU HE12 H  N N 95  
CGU HE22 H  N N 96  
CL  CL   CL N N 97  
CYS N    N  N N 98  
CYS CA   C  N R 99  
CYS C    C  N N 100 
CYS O    O  N N 101 
CYS CB   C  N N 102 
CYS SG   S  N N 103 
CYS OXT  O  N N 104 
CYS H    H  N N 105 
CYS H2   H  N N 106 
CYS HA   H  N N 107 
CYS HB2  H  N N 108 
CYS HB3  H  N N 109 
CYS HG   H  N N 110 
CYS HXT  H  N N 111 
GLN N    N  N N 112 
GLN CA   C  N S 113 
GLN C    C  N N 114 
GLN O    O  N N 115 
GLN CB   C  N N 116 
GLN CG   C  N N 117 
GLN CD   C  N N 118 
GLN OE1  O  N N 119 
GLN NE2  N  N N 120 
GLN OXT  O  N N 121 
GLN H    H  N N 122 
GLN H2   H  N N 123 
GLN HA   H  N N 124 
GLN HB2  H  N N 125 
GLN HB3  H  N N 126 
GLN HG2  H  N N 127 
GLN HG3  H  N N 128 
GLN HE21 H  N N 129 
GLN HE22 H  N N 130 
GLN HXT  H  N N 131 
GLU N    N  N N 132 
GLU CA   C  N S 133 
GLU C    C  N N 134 
GLU O    O  N N 135 
GLU CB   C  N N 136 
GLU CG   C  N N 137 
GLU CD   C  N N 138 
GLU OE1  O  N N 139 
GLU OE2  O  N N 140 
GLU OXT  O  N N 141 
GLU H    H  N N 142 
GLU H2   H  N N 143 
GLU HA   H  N N 144 
GLU HB2  H  N N 145 
GLU HB3  H  N N 146 
GLU HG2  H  N N 147 
GLU HG3  H  N N 148 
GLU HE2  H  N N 149 
GLU HXT  H  N N 150 
GLY N    N  N N 151 
GLY CA   C  N N 152 
GLY C    C  N N 153 
GLY O    O  N N 154 
GLY OXT  O  N N 155 
GLY H    H  N N 156 
GLY H2   H  N N 157 
GLY HA2  H  N N 158 
GLY HA3  H  N N 159 
GLY HXT  H  N N 160 
HIS N    N  N N 161 
HIS CA   C  N S 162 
HIS C    C  N N 163 
HIS O    O  N N 164 
HIS CB   C  N N 165 
HIS CG   C  Y N 166 
HIS ND1  N  Y N 167 
HIS CD2  C  Y N 168 
HIS CE1  C  Y N 169 
HIS NE2  N  Y N 170 
HIS OXT  O  N N 171 
HIS H    H  N N 172 
HIS H2   H  N N 173 
HIS HA   H  N N 174 
HIS HB2  H  N N 175 
HIS HB3  H  N N 176 
HIS HD1  H  N N 177 
HIS HD2  H  N N 178 
HIS HE1  H  N N 179 
HIS HE2  H  N N 180 
HIS HXT  H  N N 181 
HOH O    O  N N 182 
HOH H1   H  N N 183 
HOH H2   H  N N 184 
ILE N    N  N N 185 
ILE CA   C  N S 186 
ILE C    C  N N 187 
ILE O    O  N N 188 
ILE CB   C  N S 189 
ILE CG1  C  N N 190 
ILE CG2  C  N N 191 
ILE CD1  C  N N 192 
ILE OXT  O  N N 193 
ILE H    H  N N 194 
ILE H2   H  N N 195 
ILE HA   H  N N 196 
ILE HB   H  N N 197 
ILE HG12 H  N N 198 
ILE HG13 H  N N 199 
ILE HG21 H  N N 200 
ILE HG22 H  N N 201 
ILE HG23 H  N N 202 
ILE HD11 H  N N 203 
ILE HD12 H  N N 204 
ILE HD13 H  N N 205 
ILE HXT  H  N N 206 
LEU N    N  N N 207 
LEU CA   C  N S 208 
LEU C    C  N N 209 
LEU O    O  N N 210 
LEU CB   C  N N 211 
LEU CG   C  N N 212 
LEU CD1  C  N N 213 
LEU CD2  C  N N 214 
LEU OXT  O  N N 215 
LEU H    H  N N 216 
LEU H2   H  N N 217 
LEU HA   H  N N 218 
LEU HB2  H  N N 219 
LEU HB3  H  N N 220 
LEU HG   H  N N 221 
LEU HD11 H  N N 222 
LEU HD12 H  N N 223 
LEU HD13 H  N N 224 
LEU HD21 H  N N 225 
LEU HD22 H  N N 226 
LEU HD23 H  N N 227 
LEU HXT  H  N N 228 
LPS OT2  O  N N 229 
LPS C    C  N N 230 
LPS OT1  O  N N 231 
LPS C12  C  N S 232 
LPS N    N  N N 233 
LPS C11  C  N N 234 
LPS O12  O  N N 235 
LPS P    P  N R 236 
LPS O13  O  N N 237 
LPS O14  O  N N 238 
LPS O11  O  N N 239 
LPS C1   C  N N 240 
LPS C2   C  N R 241 
LPS O21  O  N N 242 
LPS C3   C  N N 243 
LPS O31  O  N N 244 
LPS C31  C  N R 245 
LPS O32  O  N N 246 
LPS C32  C  N N 247 
LPS C33  C  N N 248 
LPS C34  C  N N 249 
LPS C35  C  N N 250 
LPS C36  C  N N 251 
LPS C37  C  N N 252 
LPS C38  C  N N 253 
LPS C39  C  N N 254 
LPS C40  C  N N 255 
LPS C41  C  N N 256 
LPS C42  C  N N 257 
LPS C43  C  N N 258 
LPS C44  C  N N 259 
LPS C45  C  N N 260 
LPS HT2  H  N N 261 
LPS H12  H  N N 262 
LPS HN1  H  N N 263 
LPS HN2  H  N N 264 
LPS H111 H  N N 265 
LPS H112 H  N N 266 
LPS H14  H  N N 267 
LPS H11  H  N N 268 
LPS H12A H  N N 269 
LPS H2   H  N N 270 
LPS H21  H  N N 271 
LPS H31A H  N N 272 
LPS H32A H  N N 273 
LPS H31  H  N N 274 
LPS H32  H  N N 275 
LPS H321 H  N N 276 
LPS H322 H  N N 277 
LPS H331 H  N N 278 
LPS H332 H  N N 279 
LPS H341 H  N N 280 
LPS H342 H  N N 281 
LPS H351 H  N N 282 
LPS H352 H  N N 283 
LPS H361 H  N N 284 
LPS H362 H  N N 285 
LPS H371 H  N N 286 
LPS H372 H  N N 287 
LPS H381 H  N N 288 
LPS H382 H  N N 289 
LPS H391 H  N N 290 
LPS H392 H  N N 291 
LPS H401 H  N N 292 
LPS H402 H  N N 293 
LPS H411 H  N N 294 
LPS H412 H  N N 295 
LPS H421 H  N N 296 
LPS H422 H  N N 297 
LPS H431 H  N N 298 
LPS H432 H  N N 299 
LPS H441 H  N N 300 
LPS H442 H  N N 301 
LPS H451 H  N N 302 
LPS H452 H  N N 303 
LPS H453 H  N N 304 
LYS N    N  N N 305 
LYS CA   C  N S 306 
LYS C    C  N N 307 
LYS O    O  N N 308 
LYS CB   C  N N 309 
LYS CG   C  N N 310 
LYS CD   C  N N 311 
LYS CE   C  N N 312 
LYS NZ   N  N N 313 
LYS OXT  O  N N 314 
LYS H    H  N N 315 
LYS H2   H  N N 316 
LYS HA   H  N N 317 
LYS HB2  H  N N 318 
LYS HB3  H  N N 319 
LYS HG2  H  N N 320 
LYS HG3  H  N N 321 
LYS HD2  H  N N 322 
LYS HD3  H  N N 323 
LYS HE2  H  N N 324 
LYS HE3  H  N N 325 
LYS HZ1  H  N N 326 
LYS HZ2  H  N N 327 
LYS HZ3  H  N N 328 
LYS HXT  H  N N 329 
MET N    N  N N 330 
MET CA   C  N S 331 
MET C    C  N N 332 
MET O    O  N N 333 
MET CB   C  N N 334 
MET CG   C  N N 335 
MET SD   S  N N 336 
MET CE   C  N N 337 
MET OXT  O  N N 338 
MET H    H  N N 339 
MET H2   H  N N 340 
MET HA   H  N N 341 
MET HB2  H  N N 342 
MET HB3  H  N N 343 
MET HG2  H  N N 344 
MET HG3  H  N N 345 
MET HE1  H  N N 346 
MET HE2  H  N N 347 
MET HE3  H  N N 348 
MET HXT  H  N N 349 
NAG C1   C  N R 350 
NAG C2   C  N R 351 
NAG C3   C  N R 352 
NAG C4   C  N S 353 
NAG C5   C  N R 354 
NAG C6   C  N N 355 
NAG C7   C  N N 356 
NAG C8   C  N N 357 
NAG N2   N  N N 358 
NAG O1   O  N N 359 
NAG O3   O  N N 360 
NAG O4   O  N N 361 
NAG O5   O  N N 362 
NAG O6   O  N N 363 
NAG O7   O  N N 364 
NAG H1   H  N N 365 
NAG H2   H  N N 366 
NAG H3   H  N N 367 
NAG H4   H  N N 368 
NAG H5   H  N N 369 
NAG H61  H  N N 370 
NAG H62  H  N N 371 
NAG H81  H  N N 372 
NAG H82  H  N N 373 
NAG H83  H  N N 374 
NAG HN2  H  N N 375 
NAG HO1  H  N N 376 
NAG HO3  H  N N 377 
NAG HO4  H  N N 378 
NAG HO6  H  N N 379 
PHE N    N  N N 380 
PHE CA   C  N S 381 
PHE C    C  N N 382 
PHE O    O  N N 383 
PHE CB   C  N N 384 
PHE CG   C  Y N 385 
PHE CD1  C  Y N 386 
PHE CD2  C  Y N 387 
PHE CE1  C  Y N 388 
PHE CE2  C  Y N 389 
PHE CZ   C  Y N 390 
PHE OXT  O  N N 391 
PHE H    H  N N 392 
PHE H2   H  N N 393 
PHE HA   H  N N 394 
PHE HB2  H  N N 395 
PHE HB3  H  N N 396 
PHE HD1  H  N N 397 
PHE HD2  H  N N 398 
PHE HE1  H  N N 399 
PHE HE2  H  N N 400 
PHE HZ   H  N N 401 
PHE HXT  H  N N 402 
PRO N    N  N N 403 
PRO CA   C  N S 404 
PRO C    C  N N 405 
PRO O    O  N N 406 
PRO CB   C  N N 407 
PRO CG   C  N N 408 
PRO CD   C  N N 409 
PRO OXT  O  N N 410 
PRO H    H  N N 411 
PRO HA   H  N N 412 
PRO HB2  H  N N 413 
PRO HB3  H  N N 414 
PRO HG2  H  N N 415 
PRO HG3  H  N N 416 
PRO HD2  H  N N 417 
PRO HD3  H  N N 418 
PRO HXT  H  N N 419 
SER N    N  N N 420 
SER CA   C  N S 421 
SER C    C  N N 422 
SER O    O  N N 423 
SER CB   C  N N 424 
SER OG   O  N N 425 
SER OXT  O  N N 426 
SER H    H  N N 427 
SER H2   H  N N 428 
SER HA   H  N N 429 
SER HB2  H  N N 430 
SER HB3  H  N N 431 
SER HG   H  N N 432 
SER HXT  H  N N 433 
THR N    N  N N 434 
THR CA   C  N S 435 
THR C    C  N N 436 
THR O    O  N N 437 
THR CB   C  N R 438 
THR OG1  O  N N 439 
THR CG2  C  N N 440 
THR OXT  O  N N 441 
THR H    H  N N 442 
THR H2   H  N N 443 
THR HA   H  N N 444 
THR HB   H  N N 445 
THR HG1  H  N N 446 
THR HG21 H  N N 447 
THR HG22 H  N N 448 
THR HG23 H  N N 449 
THR HXT  H  N N 450 
TRP N    N  N N 451 
TRP CA   C  N S 452 
TRP C    C  N N 453 
TRP O    O  N N 454 
TRP CB   C  N N 455 
TRP CG   C  Y N 456 
TRP CD1  C  Y N 457 
TRP CD2  C  Y N 458 
TRP NE1  N  Y N 459 
TRP CE2  C  Y N 460 
TRP CE3  C  Y N 461 
TRP CZ2  C  Y N 462 
TRP CZ3  C  Y N 463 
TRP CH2  C  Y N 464 
TRP OXT  O  N N 465 
TRP H    H  N N 466 
TRP H2   H  N N 467 
TRP HA   H  N N 468 
TRP HB2  H  N N 469 
TRP HB3  H  N N 470 
TRP HD1  H  N N 471 
TRP HE1  H  N N 472 
TRP HE3  H  N N 473 
TRP HZ2  H  N N 474 
TRP HZ3  H  N N 475 
TRP HH2  H  N N 476 
TRP HXT  H  N N 477 
TYR N    N  N N 478 
TYR CA   C  N S 479 
TYR C    C  N N 480 
TYR O    O  N N 481 
TYR CB   C  N N 482 
TYR CG   C  Y N 483 
TYR CD1  C  Y N 484 
TYR CD2  C  Y N 485 
TYR CE1  C  Y N 486 
TYR CE2  C  Y N 487 
TYR CZ   C  Y N 488 
TYR OH   O  N N 489 
TYR OXT  O  N N 490 
TYR H    H  N N 491 
TYR H2   H  N N 492 
TYR HA   H  N N 493 
TYR HB2  H  N N 494 
TYR HB3  H  N N 495 
TYR HD1  H  N N 496 
TYR HD2  H  N N 497 
TYR HE1  H  N N 498 
TYR HE2  H  N N 499 
TYR HH   H  N N 500 
TYR HXT  H  N N 501 
VAL N    N  N N 502 
VAL CA   C  N S 503 
VAL C    C  N N 504 
VAL O    O  N N 505 
VAL CB   C  N N 506 
VAL CG1  C  N N 507 
VAL CG2  C  N N 508 
VAL OXT  O  N N 509 
VAL H    H  N N 510 
VAL H2   H  N N 511 
VAL HA   H  N N 512 
VAL HB   H  N N 513 
VAL HG11 H  N N 514 
VAL HG12 H  N N 515 
VAL HG13 H  N N 516 
VAL HG21 H  N N 517 
VAL HG22 H  N N 518 
VAL HG23 H  N N 519 
VAL HXT  H  N N 520 
# 
loop_
_chem_comp_bond.comp_id 
_chem_comp_bond.atom_id_1 
_chem_comp_bond.atom_id_2 
_chem_comp_bond.value_order 
_chem_comp_bond.pdbx_aromatic_flag 
_chem_comp_bond.pdbx_stereo_config 
_chem_comp_bond.pdbx_ordinal 
ALA N    CA   sing N N 1   
ALA N    H    sing N N 2   
ALA N    H2   sing N N 3   
ALA CA   C    sing N N 4   
ALA CA   CB   sing N N 5   
ALA CA   HA   sing N N 6   
ALA C    O    doub N N 7   
ALA C    OXT  sing N N 8   
ALA CB   HB1  sing N N 9   
ALA CB   HB2  sing N N 10  
ALA CB   HB3  sing N N 11  
ALA OXT  HXT  sing N N 12  
ARG N    CA   sing N N 13  
ARG N    H    sing N N 14  
ARG N    H2   sing N N 15  
ARG CA   C    sing N N 16  
ARG CA   CB   sing N N 17  
ARG CA   HA   sing N N 18  
ARG C    O    doub N N 19  
ARG C    OXT  sing N N 20  
ARG CB   CG   sing N N 21  
ARG CB   HB2  sing N N 22  
ARG CB   HB3  sing N N 23  
ARG CG   CD   sing N N 24  
ARG CG   HG2  sing N N 25  
ARG CG   HG3  sing N N 26  
ARG CD   NE   sing N N 27  
ARG CD   HD2  sing N N 28  
ARG CD   HD3  sing N N 29  
ARG NE   CZ   sing N N 30  
ARG NE   HE   sing N N 31  
ARG CZ   NH1  sing N N 32  
ARG CZ   NH2  doub N N 33  
ARG NH1  HH11 sing N N 34  
ARG NH1  HH12 sing N N 35  
ARG NH2  HH21 sing N N 36  
ARG NH2  HH22 sing N N 37  
ARG OXT  HXT  sing N N 38  
ASN N    CA   sing N N 39  
ASN N    H    sing N N 40  
ASN N    H2   sing N N 41  
ASN CA   C    sing N N 42  
ASN CA   CB   sing N N 43  
ASN CA   HA   sing N N 44  
ASN C    O    doub N N 45  
ASN C    OXT  sing N N 46  
ASN CB   CG   sing N N 47  
ASN CB   HB2  sing N N 48  
ASN CB   HB3  sing N N 49  
ASN CG   OD1  doub N N 50  
ASN CG   ND2  sing N N 51  
ASN ND2  HD21 sing N N 52  
ASN ND2  HD22 sing N N 53  
ASN OXT  HXT  sing N N 54  
ASP N    CA   sing N N 55  
ASP N    H    sing N N 56  
ASP N    H2   sing N N 57  
ASP CA   C    sing N N 58  
ASP CA   CB   sing N N 59  
ASP CA   HA   sing N N 60  
ASP C    O    doub N N 61  
ASP C    OXT  sing N N 62  
ASP CB   CG   sing N N 63  
ASP CB   HB2  sing N N 64  
ASP CB   HB3  sing N N 65  
ASP CG   OD1  doub N N 66  
ASP CG   OD2  sing N N 67  
ASP OD2  HD2  sing N N 68  
ASP OXT  HXT  sing N N 69  
CGU N    CA   sing N N 70  
CGU N    H    sing N N 71  
CGU N    H2   sing N N 72  
CGU CA   C    sing N N 73  
CGU CA   CB   sing N N 74  
CGU CA   HA   sing N N 75  
CGU C    O    doub N N 76  
CGU C    OXT  sing N N 77  
CGU OXT  HXT  sing N N 78  
CGU CB   CG   sing N N 79  
CGU CB   HB2  sing N N 80  
CGU CB   HB3  sing N N 81  
CGU CG   CD1  sing N N 82  
CGU CG   CD2  sing N N 83  
CGU CG   HG   sing N N 84  
CGU CD1  OE11 doub N N 85  
CGU CD1  OE12 sing N N 86  
CGU CD2  OE21 doub N N 87  
CGU CD2  OE22 sing N N 88  
CGU OE12 HE12 sing N N 89  
CGU OE22 HE22 sing N N 90  
CYS N    CA   sing N N 91  
CYS N    H    sing N N 92  
CYS N    H2   sing N N 93  
CYS CA   C    sing N N 94  
CYS CA   CB   sing N N 95  
CYS CA   HA   sing N N 96  
CYS C    O    doub N N 97  
CYS C    OXT  sing N N 98  
CYS CB   SG   sing N N 99  
CYS CB   HB2  sing N N 100 
CYS CB   HB3  sing N N 101 
CYS SG   HG   sing N N 102 
CYS OXT  HXT  sing N N 103 
GLN N    CA   sing N N 104 
GLN N    H    sing N N 105 
GLN N    H2   sing N N 106 
GLN CA   C    sing N N 107 
GLN CA   CB   sing N N 108 
GLN CA   HA   sing N N 109 
GLN C    O    doub N N 110 
GLN C    OXT  sing N N 111 
GLN CB   CG   sing N N 112 
GLN CB   HB2  sing N N 113 
GLN CB   HB3  sing N N 114 
GLN CG   CD   sing N N 115 
GLN CG   HG2  sing N N 116 
GLN CG   HG3  sing N N 117 
GLN CD   OE1  doub N N 118 
GLN CD   NE2  sing N N 119 
GLN NE2  HE21 sing N N 120 
GLN NE2  HE22 sing N N 121 
GLN OXT  HXT  sing N N 122 
GLU N    CA   sing N N 123 
GLU N    H    sing N N 124 
GLU N    H2   sing N N 125 
GLU CA   C    sing N N 126 
GLU CA   CB   sing N N 127 
GLU CA   HA   sing N N 128 
GLU C    O    doub N N 129 
GLU C    OXT  sing N N 130 
GLU CB   CG   sing N N 131 
GLU CB   HB2  sing N N 132 
GLU CB   HB3  sing N N 133 
GLU CG   CD   sing N N 134 
GLU CG   HG2  sing N N 135 
GLU CG   HG3  sing N N 136 
GLU CD   OE1  doub N N 137 
GLU CD   OE2  sing N N 138 
GLU OE2  HE2  sing N N 139 
GLU OXT  HXT  sing N N 140 
GLY N    CA   sing N N 141 
GLY N    H    sing N N 142 
GLY N    H2   sing N N 143 
GLY CA   C    sing N N 144 
GLY CA   HA2  sing N N 145 
GLY CA   HA3  sing N N 146 
GLY C    O    doub N N 147 
GLY C    OXT  sing N N 148 
GLY OXT  HXT  sing N N 149 
HIS N    CA   sing N N 150 
HIS N    H    sing N N 151 
HIS N    H2   sing N N 152 
HIS CA   C    sing N N 153 
HIS CA   CB   sing N N 154 
HIS CA   HA   sing N N 155 
HIS C    O    doub N N 156 
HIS C    OXT  sing N N 157 
HIS CB   CG   sing N N 158 
HIS CB   HB2  sing N N 159 
HIS CB   HB3  sing N N 160 
HIS CG   ND1  sing Y N 161 
HIS CG   CD2  doub Y N 162 
HIS ND1  CE1  doub Y N 163 
HIS ND1  HD1  sing N N 164 
HIS CD2  NE2  sing Y N 165 
HIS CD2  HD2  sing N N 166 
HIS CE1  NE2  sing Y N 167 
HIS CE1  HE1  sing N N 168 
HIS NE2  HE2  sing N N 169 
HIS OXT  HXT  sing N N 170 
HOH O    H1   sing N N 171 
HOH O    H2   sing N N 172 
ILE N    CA   sing N N 173 
ILE N    H    sing N N 174 
ILE N    H2   sing N N 175 
ILE CA   C    sing N N 176 
ILE CA   CB   sing N N 177 
ILE CA   HA   sing N N 178 
ILE C    O    doub N N 179 
ILE C    OXT  sing N N 180 
ILE CB   CG1  sing N N 181 
ILE CB   CG2  sing N N 182 
ILE CB   HB   sing N N 183 
ILE CG1  CD1  sing N N 184 
ILE CG1  HG12 sing N N 185 
ILE CG1  HG13 sing N N 186 
ILE CG2  HG21 sing N N 187 
ILE CG2  HG22 sing N N 188 
ILE CG2  HG23 sing N N 189 
ILE CD1  HD11 sing N N 190 
ILE CD1  HD12 sing N N 191 
ILE CD1  HD13 sing N N 192 
ILE OXT  HXT  sing N N 193 
LEU N    CA   sing N N 194 
LEU N    H    sing N N 195 
LEU N    H2   sing N N 196 
LEU CA   C    sing N N 197 
LEU CA   CB   sing N N 198 
LEU CA   HA   sing N N 199 
LEU C    O    doub N N 200 
LEU C    OXT  sing N N 201 
LEU CB   CG   sing N N 202 
LEU CB   HB2  sing N N 203 
LEU CB   HB3  sing N N 204 
LEU CG   CD1  sing N N 205 
LEU CG   CD2  sing N N 206 
LEU CG   HG   sing N N 207 
LEU CD1  HD11 sing N N 208 
LEU CD1  HD12 sing N N 209 
LEU CD1  HD13 sing N N 210 
LEU CD2  HD21 sing N N 211 
LEU CD2  HD22 sing N N 212 
LEU CD2  HD23 sing N N 213 
LEU OXT  HXT  sing N N 214 
LPS OT2  C    sing N N 215 
LPS OT2  HT2  sing N N 216 
LPS C    OT1  doub N N 217 
LPS C    C12  sing N N 218 
LPS C12  N    sing N N 219 
LPS C12  C11  sing N N 220 
LPS C12  H12  sing N N 221 
LPS N    HN1  sing N N 222 
LPS N    HN2  sing N N 223 
LPS C11  O12  sing N N 224 
LPS C11  H111 sing N N 225 
LPS C11  H112 sing N N 226 
LPS O12  P    sing N N 227 
LPS P    O13  doub N N 228 
LPS P    O14  sing N N 229 
LPS P    O11  sing N N 230 
LPS O14  H14  sing N N 231 
LPS O11  C1   sing N N 232 
LPS C1   C2   sing N N 233 
LPS C1   H11  sing N N 234 
LPS C1   H12A sing N N 235 
LPS C2   O21  sing N N 236 
LPS C2   C3   sing N N 237 
LPS C2   H2   sing N N 238 
LPS O21  H21  sing N N 239 
LPS C3   O31  sing N N 240 
LPS C3   H31A sing N N 241 
LPS C3   H32A sing N N 242 
LPS O31  C31  sing N N 243 
LPS C31  O32  sing N N 244 
LPS C31  C32  sing N N 245 
LPS C31  H31  sing N N 246 
LPS O32  H32  sing N N 247 
LPS C32  C33  sing N N 248 
LPS C32  H321 sing N N 249 
LPS C32  H322 sing N N 250 
LPS C33  C34  sing N N 251 
LPS C33  H331 sing N N 252 
LPS C33  H332 sing N N 253 
LPS C34  C35  sing N N 254 
LPS C34  H341 sing N N 255 
LPS C34  H342 sing N N 256 
LPS C35  C36  sing N N 257 
LPS C35  H351 sing N N 258 
LPS C35  H352 sing N N 259 
LPS C36  C37  sing N N 260 
LPS C36  H361 sing N N 261 
LPS C36  H362 sing N N 262 
LPS C37  C38  sing N N 263 
LPS C37  H371 sing N N 264 
LPS C37  H372 sing N N 265 
LPS C38  C39  sing N N 266 
LPS C38  H381 sing N N 267 
LPS C38  H382 sing N N 268 
LPS C39  C40  sing N N 269 
LPS C39  H391 sing N N 270 
LPS C39  H392 sing N N 271 
LPS C40  C41  sing N N 272 
LPS C40  H401 sing N N 273 
LPS C40  H402 sing N N 274 
LPS C41  C42  sing N N 275 
LPS C41  H411 sing N N 276 
LPS C41  H412 sing N N 277 
LPS C42  C43  sing N N 278 
LPS C42  H421 sing N N 279 
LPS C42  H422 sing N N 280 
LPS C43  C44  sing N N 281 
LPS C43  H431 sing N N 282 
LPS C43  H432 sing N N 283 
LPS C44  C45  sing N N 284 
LPS C44  H441 sing N N 285 
LPS C44  H442 sing N N 286 
LPS C45  H451 sing N N 287 
LPS C45  H452 sing N N 288 
LPS C45  H453 sing N N 289 
LYS N    CA   sing N N 290 
LYS N    H    sing N N 291 
LYS N    H2   sing N N 292 
LYS CA   C    sing N N 293 
LYS CA   CB   sing N N 294 
LYS CA   HA   sing N N 295 
LYS C    O    doub N N 296 
LYS C    OXT  sing N N 297 
LYS CB   CG   sing N N 298 
LYS CB   HB2  sing N N 299 
LYS CB   HB3  sing N N 300 
LYS CG   CD   sing N N 301 
LYS CG   HG2  sing N N 302 
LYS CG   HG3  sing N N 303 
LYS CD   CE   sing N N 304 
LYS CD   HD2  sing N N 305 
LYS CD   HD3  sing N N 306 
LYS CE   NZ   sing N N 307 
LYS CE   HE2  sing N N 308 
LYS CE   HE3  sing N N 309 
LYS NZ   HZ1  sing N N 310 
LYS NZ   HZ2  sing N N 311 
LYS NZ   HZ3  sing N N 312 
LYS OXT  HXT  sing N N 313 
MET N    CA   sing N N 314 
MET N    H    sing N N 315 
MET N    H2   sing N N 316 
MET CA   C    sing N N 317 
MET CA   CB   sing N N 318 
MET CA   HA   sing N N 319 
MET C    O    doub N N 320 
MET C    OXT  sing N N 321 
MET CB   CG   sing N N 322 
MET CB   HB2  sing N N 323 
MET CB   HB3  sing N N 324 
MET CG   SD   sing N N 325 
MET CG   HG2  sing N N 326 
MET CG   HG3  sing N N 327 
MET SD   CE   sing N N 328 
MET CE   HE1  sing N N 329 
MET CE   HE2  sing N N 330 
MET CE   HE3  sing N N 331 
MET OXT  HXT  sing N N 332 
NAG C1   C2   sing N N 333 
NAG C1   O1   sing N N 334 
NAG C1   O5   sing N N 335 
NAG C1   H1   sing N N 336 
NAG C2   C3   sing N N 337 
NAG C2   N2   sing N N 338 
NAG C2   H2   sing N N 339 
NAG C3   C4   sing N N 340 
NAG C3   O3   sing N N 341 
NAG C3   H3   sing N N 342 
NAG C4   C5   sing N N 343 
NAG C4   O4   sing N N 344 
NAG C4   H4   sing N N 345 
NAG C5   C6   sing N N 346 
NAG C5   O5   sing N N 347 
NAG C5   H5   sing N N 348 
NAG C6   O6   sing N N 349 
NAG C6   H61  sing N N 350 
NAG C6   H62  sing N N 351 
NAG C7   C8   sing N N 352 
NAG C7   N2   sing N N 353 
NAG C7   O7   doub N N 354 
NAG C8   H81  sing N N 355 
NAG C8   H82  sing N N 356 
NAG C8   H83  sing N N 357 
NAG N2   HN2  sing N N 358 
NAG O1   HO1  sing N N 359 
NAG O3   HO3  sing N N 360 
NAG O4   HO4  sing N N 361 
NAG O6   HO6  sing N N 362 
PHE N    CA   sing N N 363 
PHE N    H    sing N N 364 
PHE N    H2   sing N N 365 
PHE CA   C    sing N N 366 
PHE CA   CB   sing N N 367 
PHE CA   HA   sing N N 368 
PHE C    O    doub N N 369 
PHE C    OXT  sing N N 370 
PHE CB   CG   sing N N 371 
PHE CB   HB2  sing N N 372 
PHE CB   HB3  sing N N 373 
PHE CG   CD1  doub Y N 374 
PHE CG   CD2  sing Y N 375 
PHE CD1  CE1  sing Y N 376 
PHE CD1  HD1  sing N N 377 
PHE CD2  CE2  doub Y N 378 
PHE CD2  HD2  sing N N 379 
PHE CE1  CZ   doub Y N 380 
PHE CE1  HE1  sing N N 381 
PHE CE2  CZ   sing Y N 382 
PHE CE2  HE2  sing N N 383 
PHE CZ   HZ   sing N N 384 
PHE OXT  HXT  sing N N 385 
PRO N    CA   sing N N 386 
PRO N    CD   sing N N 387 
PRO N    H    sing N N 388 
PRO CA   C    sing N N 389 
PRO CA   CB   sing N N 390 
PRO CA   HA   sing N N 391 
PRO C    O    doub N N 392 
PRO C    OXT  sing N N 393 
PRO CB   CG   sing N N 394 
PRO CB   HB2  sing N N 395 
PRO CB   HB3  sing N N 396 
PRO CG   CD   sing N N 397 
PRO CG   HG2  sing N N 398 
PRO CG   HG3  sing N N 399 
PRO CD   HD2  sing N N 400 
PRO CD   HD3  sing N N 401 
PRO OXT  HXT  sing N N 402 
SER N    CA   sing N N 403 
SER N    H    sing N N 404 
SER N    H2   sing N N 405 
SER CA   C    sing N N 406 
SER CA   CB   sing N N 407 
SER CA   HA   sing N N 408 
SER C    O    doub N N 409 
SER C    OXT  sing N N 410 
SER CB   OG   sing N N 411 
SER CB   HB2  sing N N 412 
SER CB   HB3  sing N N 413 
SER OG   HG   sing N N 414 
SER OXT  HXT  sing N N 415 
THR N    CA   sing N N 416 
THR N    H    sing N N 417 
THR N    H2   sing N N 418 
THR CA   C    sing N N 419 
THR CA   CB   sing N N 420 
THR CA   HA   sing N N 421 
THR C    O    doub N N 422 
THR C    OXT  sing N N 423 
THR CB   OG1  sing N N 424 
THR CB   CG2  sing N N 425 
THR CB   HB   sing N N 426 
THR OG1  HG1  sing N N 427 
THR CG2  HG21 sing N N 428 
THR CG2  HG22 sing N N 429 
THR CG2  HG23 sing N N 430 
THR OXT  HXT  sing N N 431 
TRP N    CA   sing N N 432 
TRP N    H    sing N N 433 
TRP N    H2   sing N N 434 
TRP CA   C    sing N N 435 
TRP CA   CB   sing N N 436 
TRP CA   HA   sing N N 437 
TRP C    O    doub N N 438 
TRP C    OXT  sing N N 439 
TRP CB   CG   sing N N 440 
TRP CB   HB2  sing N N 441 
TRP CB   HB3  sing N N 442 
TRP CG   CD1  doub Y N 443 
TRP CG   CD2  sing Y N 444 
TRP CD1  NE1  sing Y N 445 
TRP CD1  HD1  sing N N 446 
TRP CD2  CE2  doub Y N 447 
TRP CD2  CE3  sing Y N 448 
TRP NE1  CE2  sing Y N 449 
TRP NE1  HE1  sing N N 450 
TRP CE2  CZ2  sing Y N 451 
TRP CE3  CZ3  doub Y N 452 
TRP CE3  HE3  sing N N 453 
TRP CZ2  CH2  doub Y N 454 
TRP CZ2  HZ2  sing N N 455 
TRP CZ3  CH2  sing Y N 456 
TRP CZ3  HZ3  sing N N 457 
TRP CH2  HH2  sing N N 458 
TRP OXT  HXT  sing N N 459 
TYR N    CA   sing N N 460 
TYR N    H    sing N N 461 
TYR N    H2   sing N N 462 
TYR CA   C    sing N N 463 
TYR CA   CB   sing N N 464 
TYR CA   HA   sing N N 465 
TYR C    O    doub N N 466 
TYR C    OXT  sing N N 467 
TYR CB   CG   sing N N 468 
TYR CB   HB2  sing N N 469 
TYR CB   HB3  sing N N 470 
TYR CG   CD1  doub Y N 471 
TYR CG   CD2  sing Y N 472 
TYR CD1  CE1  sing Y N 473 
TYR CD1  HD1  sing N N 474 
TYR CD2  CE2  doub Y N 475 
TYR CD2  HD2  sing N N 476 
TYR CE1  CZ   doub Y N 477 
TYR CE1  HE1  sing N N 478 
TYR CE2  CZ   sing Y N 479 
TYR CE2  HE2  sing N N 480 
TYR CZ   OH   sing N N 481 
TYR OH   HH   sing N N 482 
TYR OXT  HXT  sing N N 483 
VAL N    CA   sing N N 484 
VAL N    H    sing N N 485 
VAL N    H2   sing N N 486 
VAL CA   C    sing N N 487 
VAL CA   CB   sing N N 488 
VAL CA   HA   sing N N 489 
VAL C    O    doub N N 490 
VAL C    OXT  sing N N 491 
VAL CB   CG1  sing N N 492 
VAL CB   CG2  sing N N 493 
VAL CB   HB   sing N N 494 
VAL CG1  HG11 sing N N 495 
VAL CG1  HG12 sing N N 496 
VAL CG1  HG13 sing N N 497 
VAL CG2  HG21 sing N N 498 
VAL CG2  HG22 sing N N 499 
VAL CG2  HG23 sing N N 500 
VAL OXT  HXT  sing N N 501 
# 
loop_
_pdbx_branch_scheme.asym_id 
_pdbx_branch_scheme.entity_id 
_pdbx_branch_scheme.mon_id 
_pdbx_branch_scheme.num 
_pdbx_branch_scheme.pdb_asym_id 
_pdbx_branch_scheme.pdb_mon_id 
_pdbx_branch_scheme.pdb_seq_num 
_pdbx_branch_scheme.auth_asym_id 
_pdbx_branch_scheme.auth_mon_id 
_pdbx_branch_scheme.auth_seq_num 
_pdbx_branch_scheme.hetero 
B 2 NAG 1 B NAG 1 C NAG 301 n 
B 2 NAG 2 B NAG 2 C NAG 302 n 
# 
loop_
_pdbx_chem_comp_identifier.comp_id 
_pdbx_chem_comp_identifier.type 
_pdbx_chem_comp_identifier.program 
_pdbx_chem_comp_identifier.program_version 
_pdbx_chem_comp_identifier.identifier 
NAG 'CONDENSED IUPAC CARBOHYDRATE SYMBOL' GMML     1.0 DGlcpNAcb                      
NAG 'COMMON NAME'                         GMML     1.0 N-acetyl-b-D-glucopyranosamine 
NAG 'IUPAC CARBOHYDRATE SYMBOL'           PDB-CARE 1.0 b-D-GlcpNAc                    
NAG 'SNFG CARBOHYDRATE SYMBOL'            GMML     1.0 GlcNAc                         
# 
_pdbx_entity_branch.entity_id   2 
_pdbx_entity_branch.type        oligosaccharide 
# 
loop_
_pdbx_entity_branch_descriptor.ordinal 
_pdbx_entity_branch_descriptor.entity_id 
_pdbx_entity_branch_descriptor.descriptor 
_pdbx_entity_branch_descriptor.type 
_pdbx_entity_branch_descriptor.program 
_pdbx_entity_branch_descriptor.program_version 
1 2 DGlcpNAcb1-4DGlcpNAcb1-                               'Glycam Condensed Sequence' GMML       1.0   
2 2 'WURCS=2.0/1,2,1/[a2122h-1b_1-5_2*NCC/3=O]/1-1/a4-b1' WURCS                       PDB2Glycan 1.1.0 
3 2 '[]{[(4+1)][b-D-GlcpNAc]{[(4+1)][b-D-GlcpNAc]{}}}'    LINUCS                      PDB-CARE   ?     
# 
_pdbx_entity_branch_link.link_id                    1 
_pdbx_entity_branch_link.entity_id                  2 
_pdbx_entity_branch_link.entity_branch_list_num_1   2 
_pdbx_entity_branch_link.comp_id_1                  NAG 
_pdbx_entity_branch_link.atom_id_1                  C1 
_pdbx_entity_branch_link.leaving_atom_id_1          O1 
_pdbx_entity_branch_link.entity_branch_list_num_2   1 
_pdbx_entity_branch_link.comp_id_2                  NAG 
_pdbx_entity_branch_link.atom_id_2                  O4 
_pdbx_entity_branch_link.leaving_atom_id_2          HO4 
_pdbx_entity_branch_link.value_order                sing 
_pdbx_entity_branch_link.details                    ? 
# 
loop_
_pdbx_entity_branch_list.entity_id 
_pdbx_entity_branch_list.comp_id 
_pdbx_entity_branch_list.num 
_pdbx_entity_branch_list.hetero 
2 NAG 1 n 
2 NAG 2 n 
# 
loop_
_pdbx_entity_nonpoly.entity_id 
_pdbx_entity_nonpoly.name 
_pdbx_entity_nonpoly.comp_id 
3 2-acetamido-2-deoxy-beta-D-glucopyranose                                                      NAG 
4 'CALCIUM ION'                                                                                 CA  
5 'CHLORIDE ION'                                                                                CL  
6 'O-{HYDROXY[((2R)-2-HYDROXY-3-{[(1S)-1-HYDROXYPENTADECYL]OXY}PROPYL)OXY]PHOSPHORYL}-L-SERINE' LPS 
7 water                                                                                         HOH 
# 
_pdbx_initial_refinement_model.id               1 
_pdbx_initial_refinement_model.entity_id_list   ? 
_pdbx_initial_refinement_model.type             'experimental model' 
_pdbx_initial_refinement_model.source_name      PDB 
_pdbx_initial_refinement_model.accession_code   1NL1 
_pdbx_initial_refinement_model.details          ? 
# 
